data_2J3G
#
_entry.id   2J3G
#
_cell.length_a   98.890
_cell.length_b   98.890
_cell.length_c   141.975
_cell.angle_alpha   90.00
_cell.angle_beta   90.00
_cell.angle_gamma   120.00
#
_symmetry.space_group_name_H-M   'P 32'
#
loop_
_entity.id
_entity.type
_entity.pdbx_description
1 polymer FICOLIN-2
2 branched alpha-D-mannopyranose-(1-6)-beta-D-mannopyranose-(1-4)-2-acetamido-2-deoxy-beta-D-glucopyranose-(1-4)-[alpha-L-fucopyranose-(1-6)]2-acetamido-2-deoxy-beta-D-glucopyranose
3 branched beta-D-mannopyranose-(1-4)-2-acetamido-2-deoxy-beta-D-glucopyranose-(1-4)-2-acetamido-2-deoxy-beta-D-glucopyranose
4 non-polymer 'CALCIUM ION'
5 non-polymer 'O-ACETALDEHYDYL-HEXAETHYLENE GLYCOL'
6 water water
#
_entity_poly.entity_id   1
_entity_poly.type   'polypeptide(L)'
_entity_poly.pdbx_seq_one_letter_code
;NPCLTGPRTCKDLLDRGHFLSGWHTIYLPDCRPLTVLCDMDTDGGGWTVFQRRVDGSVDFYRDWATYKQGFGSRLGEFWL
GNDNIHALTAQGTSELRTDLVDFEDNYQFAKYRSFKVADEAEKYNLVLGAFVEGSAGDSLTFHNNQSFSTKDQDNDLNTG
NCAVMFQGAWWYKNCHTSNLNGRYLRGTHGSFANGINWKSGKGYNYSYKVSEMKVRPA
;
_entity_poly.pdbx_strand_id   A,B,C,D,E,F
#
loop_
_chem_comp.id
_chem_comp.type
_chem_comp.name
_chem_comp.formula
BMA D-saccharide, beta linking beta-D-mannopyranose 'C6 H12 O6'
CA non-polymer 'CALCIUM ION' 'Ca 2'
FUC L-saccharide, alpha linking alpha-L-fucopyranose 'C6 H12 O5'
MAN D-saccharide, alpha linking alpha-D-mannopyranose 'C6 H12 O6'
NAG D-saccharide, beta linking 2-acetamido-2-deoxy-beta-D-glucopyranose 'C8 H15 N O6'
P4C non-polymer 'O-ACETALDEHYDYL-HEXAETHYLENE GLYCOL' 'C14 H28 O8'
#
# COMPACT_ATOMS: atom_id res chain seq x y z
N GLY A 6 2.65 -14.14 -9.55
CA GLY A 6 2.04 -14.01 -10.91
C GLY A 6 2.34 -15.22 -11.78
N PRO A 7 1.61 -15.35 -12.90
CA PRO A 7 1.60 -16.52 -13.77
C PRO A 7 2.96 -16.75 -14.45
N ARG A 8 3.52 -17.95 -14.32
CA ARG A 8 4.86 -18.22 -14.87
C ARG A 8 4.86 -19.08 -16.13
N THR A 9 3.87 -19.95 -16.29
CA THR A 9 3.76 -20.70 -17.54
C THR A 9 2.36 -20.52 -18.09
N CYS A 10 2.16 -20.88 -19.35
CA CYS A 10 0.82 -20.91 -19.90
C CYS A 10 -0.03 -21.97 -19.18
N LYS A 11 0.61 -23.01 -18.68
CA LYS A 11 -0.09 -23.99 -17.84
C LYS A 11 -0.73 -23.34 -16.62
N ASP A 12 0.01 -22.44 -15.97
CA ASP A 12 -0.54 -21.68 -14.85
C ASP A 12 -1.78 -20.92 -15.23
N LEU A 13 -1.70 -20.21 -16.36
CA LEU A 13 -2.84 -19.42 -16.83
C LEU A 13 -4.05 -20.28 -17.12
N LEU A 14 -3.83 -21.45 -17.70
CA LEU A 14 -4.94 -22.37 -17.94
C LEU A 14 -5.61 -22.73 -16.62
N ASP A 15 -4.76 -22.90 -15.59
CA ASP A 15 -5.16 -23.19 -14.18
C ASP A 15 -5.93 -22.04 -13.56
N ARG A 16 -5.60 -20.84 -13.97
CA ARG A 16 -6.33 -19.67 -13.49
C ARG A 16 -7.57 -19.38 -14.39
N GLY A 17 -8.05 -20.37 -15.15
CA GLY A 17 -9.30 -20.16 -15.89
C GLY A 17 -9.25 -19.30 -17.15
N HIS A 18 -8.09 -19.25 -17.82
CA HIS A 18 -8.00 -18.63 -19.16
C HIS A 18 -8.09 -19.72 -20.20
N PHE A 19 -9.21 -19.77 -20.92
CA PHE A 19 -9.49 -20.91 -21.79
C PHE A 19 -9.28 -20.66 -23.25
N LEU A 20 -9.13 -19.39 -23.64
CA LEU A 20 -8.93 -19.03 -25.03
C LEU A 20 -7.44 -18.87 -25.30
N SER A 21 -6.96 -19.45 -26.40
CA SER A 21 -5.57 -19.23 -26.83
C SER A 21 -5.34 -17.76 -27.10
N GLY A 22 -4.11 -17.29 -26.86
CA GLY A 22 -3.77 -15.90 -27.14
C GLY A 22 -2.54 -15.45 -26.40
N TRP A 23 -2.21 -14.18 -26.57
CA TRP A 23 -1.02 -13.61 -25.99
C TRP A 23 -1.30 -13.20 -24.55
N HIS A 24 -0.49 -13.71 -23.64
CA HIS A 24 -0.59 -13.37 -22.23
C HIS A 24 0.82 -13.08 -21.72
N THR A 25 0.93 -12.30 -20.65
CA THR A 25 2.23 -12.07 -20.07
C THR A 25 2.50 -13.05 -18.91
N ILE A 26 3.67 -13.69 -18.93
CA ILE A 26 4.09 -14.57 -17.85
C ILE A 26 5.35 -14.01 -17.21
N TYR A 27 5.76 -14.56 -16.09
CA TYR A 27 6.86 -13.93 -15.42
C TYR A 27 8.02 -14.86 -15.45
N LEU A 28 9.06 -14.38 -16.10
CA LEU A 28 10.30 -15.11 -16.27
C LEU A 28 11.03 -15.26 -14.94
N PRO A 29 11.73 -16.40 -14.76
CA PRO A 29 12.46 -16.73 -13.54
C PRO A 29 12.88 -15.48 -12.78
N ASP A 30 13.58 -14.58 -13.46
CA ASP A 30 13.97 -13.36 -12.79
C ASP A 30 13.11 -12.15 -13.17
N CYS A 31 11.80 -12.39 -13.21
CA CYS A 31 10.82 -11.33 -13.03
C CYS A 31 10.52 -10.51 -14.29
N ARG A 32 11.14 -10.86 -15.40
CA ARG A 32 10.90 -10.12 -16.62
C ARG A 32 9.53 -10.49 -17.19
N PRO A 33 8.62 -9.49 -17.32
CA PRO A 33 7.35 -9.68 -18.01
C PRO A 33 7.56 -10.00 -19.50
N LEU A 34 6.75 -10.89 -20.06
CA LEU A 34 6.92 -11.34 -21.43
C LEU A 34 5.58 -11.79 -21.93
N THR A 35 5.19 -11.28 -23.08
CA THR A 35 3.94 -11.70 -23.67
C THR A 35 4.25 -12.90 -24.54
N VAL A 36 3.71 -14.05 -24.14
CA VAL A 36 3.84 -15.26 -24.94
C VAL A 36 2.49 -15.69 -25.51
N LEU A 37 2.56 -16.50 -26.57
CA LEU A 37 1.38 -17.10 -27.13
C LEU A 37 1.10 -18.41 -26.40
N CYS A 38 -0.03 -18.47 -25.71
CA CYS A 38 -0.50 -19.67 -25.05
C CYS A 38 -1.48 -20.42 -25.93
N ASP A 39 -1.22 -21.71 -26.15
CA ASP A 39 -2.17 -22.56 -26.83
C ASP A 39 -2.97 -23.32 -25.78
N MET A 40 -4.22 -22.91 -25.56
CA MET A 40 -5.06 -23.49 -24.52
C MET A 40 -5.92 -24.63 -25.04
N ASP A 41 -5.74 -24.97 -26.31
CA ASP A 41 -6.66 -25.86 -26.97
C ASP A 41 -6.09 -27.26 -27.19
N THR A 42 -4.91 -27.31 -27.81
CA THR A 42 -4.28 -28.58 -28.19
C THR A 42 -3.98 -29.49 -27.01
N ASP A 43 -4.27 -30.77 -27.17
CA ASP A 43 -3.76 -31.81 -26.26
C ASP A 43 -3.77 -31.37 -24.79
N GLY A 44 -4.95 -31.03 -24.28
CA GLY A 44 -5.07 -30.65 -22.88
C GLY A 44 -4.78 -29.18 -22.58
N GLY A 45 -4.19 -28.47 -23.54
CA GLY A 45 -3.91 -27.04 -23.38
C GLY A 45 -2.74 -26.73 -22.46
N GLY A 46 -2.42 -25.45 -22.33
CA GLY A 46 -1.33 -25.01 -21.47
C GLY A 46 0.05 -24.93 -22.11
N TRP A 47 0.11 -24.88 -23.44
CA TRP A 47 1.39 -24.83 -24.16
C TRP A 47 1.87 -23.40 -24.41
N THR A 48 3.16 -23.18 -24.29
CA THR A 48 3.73 -21.90 -24.67
C THR A 48 4.35 -22.04 -26.04
N VAL A 49 3.83 -21.30 -27.02
CA VAL A 49 4.31 -21.43 -28.39
C VAL A 49 5.53 -20.58 -28.58
N PHE A 50 6.61 -21.15 -29.10
CA PHE A 50 7.82 -20.35 -29.32
C PHE A 50 8.19 -20.23 -30.79
N GLN A 51 7.48 -20.95 -31.66
CA GLN A 51 7.63 -20.81 -33.10
C GLN A 51 6.31 -20.98 -33.78
N ARG A 52 6.10 -20.20 -34.82
CA ARG A 52 4.91 -20.42 -35.59
C ARG A 52 5.10 -19.90 -37.00
N ARG A 53 4.58 -20.69 -37.92
CA ARG A 53 4.57 -20.37 -39.34
C ARG A 53 3.16 -20.57 -39.82
N VAL A 54 2.62 -19.60 -40.54
CA VAL A 54 1.22 -19.69 -40.91
C VAL A 54 0.93 -19.24 -42.36
N ASP A 55 1.66 -18.26 -42.87
CA ASP A 55 1.30 -17.64 -44.14
C ASP A 55 2.47 -17.09 -44.96
N GLY A 56 3.68 -17.17 -44.43
CA GLY A 56 4.87 -16.76 -45.18
C GLY A 56 5.09 -15.26 -45.18
N SER A 57 4.40 -14.55 -44.30
CA SER A 57 4.53 -13.09 -44.24
C SER A 57 5.83 -12.60 -43.60
N VAL A 58 6.49 -13.47 -42.82
CA VAL A 58 7.71 -13.09 -42.13
C VAL A 58 8.92 -13.87 -42.67
N ASP A 59 10.02 -13.16 -42.87
CA ASP A 59 11.27 -13.76 -43.33
C ASP A 59 11.99 -14.43 -42.14
N PHE A 60 12.25 -15.73 -42.25
CA PHE A 60 12.93 -16.47 -41.20
C PHE A 60 14.40 -16.70 -41.53
N TYR A 61 14.83 -16.20 -42.67
CA TYR A 61 16.22 -16.30 -43.06
C TYR A 61 17.02 -15.17 -42.44
N ARG A 62 17.36 -15.31 -41.17
CA ARG A 62 17.85 -14.17 -40.37
C ARG A 62 19.14 -14.49 -39.65
N ASP A 63 19.82 -13.45 -39.20
CA ASP A 63 21.11 -13.64 -38.58
C ASP A 63 21.03 -14.01 -37.10
N TRP A 64 22.19 -14.29 -36.53
CA TRP A 64 22.32 -14.73 -35.15
C TRP A 64 21.67 -13.79 -34.13
N ALA A 65 21.95 -12.50 -34.26
CA ALA A 65 21.43 -11.52 -33.32
C ALA A 65 19.90 -11.49 -33.37
N THR A 66 19.34 -11.68 -34.56
CA THR A 66 17.90 -11.62 -34.70
C THR A 66 17.23 -12.85 -34.08
N TYR A 67 17.82 -14.04 -34.28
CA TYR A 67 17.30 -15.25 -33.63
C TYR A 67 17.45 -15.19 -32.11
N LYS A 68 18.47 -14.48 -31.64
CA LYS A 68 18.72 -14.37 -30.22
C LYS A 68 17.63 -13.59 -29.48
N GLN A 69 17.20 -12.46 -30.06
CA GLN A 69 16.23 -11.60 -29.41
C GLN A 69 14.77 -11.88 -29.81
N GLY A 70 14.57 -12.58 -30.92
CA GLY A 70 13.23 -12.94 -31.38
C GLY A 70 12.73 -11.99 -32.45
N PHE A 71 11.82 -12.45 -33.30
CA PHE A 71 11.33 -11.61 -34.36
C PHE A 71 9.98 -12.07 -34.87
N GLY A 72 9.34 -11.22 -35.65
CA GLY A 72 8.06 -11.54 -36.25
C GLY A 72 6.94 -10.77 -35.60
N SER A 73 5.76 -11.37 -35.58
CA SER A 73 4.58 -10.61 -35.27
C SER A 73 3.61 -11.41 -34.40
N ARG A 74 3.00 -10.76 -33.42
CA ARG A 74 1.96 -11.42 -32.65
C ARG A 74 0.74 -11.73 -33.49
N LEU A 75 0.61 -11.07 -34.63
CA LEU A 75 -0.58 -11.25 -35.47
C LEU A 75 -0.44 -12.50 -36.31
N GLY A 76 0.78 -12.98 -36.49
CA GLY A 76 1.00 -14.12 -37.36
C GLY A 76 2.24 -14.90 -36.99
N GLU A 77 3.28 -14.87 -37.81
CA GLU A 77 4.44 -15.71 -37.62
C GLU A 77 5.49 -15.10 -36.71
N PHE A 78 6.21 -15.94 -35.97
CA PHE A 78 7.27 -15.43 -35.11
C PHE A 78 8.22 -16.51 -34.62
N TRP A 79 9.34 -16.06 -34.06
CA TRP A 79 10.27 -16.89 -33.33
C TRP A 79 10.47 -16.16 -32.02
N LEU A 80 10.16 -16.81 -30.89
CA LEU A 80 10.17 -16.13 -29.58
C LEU A 80 11.53 -15.51 -29.22
N GLY A 81 12.60 -16.12 -29.72
CA GLY A 81 13.94 -15.68 -29.35
C GLY A 81 14.67 -16.73 -28.53
N ASN A 82 15.91 -17.02 -28.91
CA ASN A 82 16.70 -18.05 -28.24
C ASN A 82 16.91 -17.77 -26.76
N ASP A 83 17.18 -16.52 -26.39
CA ASP A 83 17.32 -16.16 -24.98
C ASP A 83 16.06 -16.51 -24.19
N ASN A 84 14.91 -16.09 -24.70
CA ASN A 84 13.63 -16.41 -24.08
C ASN A 84 13.38 -17.90 -24.03
N ILE A 85 13.70 -18.61 -25.12
CA ILE A 85 13.45 -20.03 -25.17
C ILE A 85 14.29 -20.74 -24.12
N HIS A 86 15.55 -20.32 -23.97
CA HIS A 86 16.41 -20.86 -22.93
C HIS A 86 15.88 -20.54 -21.54
N ALA A 87 15.50 -19.28 -21.33
CA ALA A 87 14.92 -18.86 -20.07
C ALA A 87 13.69 -19.70 -19.71
N LEU A 88 12.90 -20.10 -20.70
CA LEU A 88 11.65 -20.82 -20.41
C LEU A 88 11.84 -22.30 -20.09
N THR A 89 12.80 -22.93 -20.77
CA THR A 89 13.00 -24.36 -20.67
C THR A 89 14.22 -24.72 -19.83
N ALA A 90 14.83 -23.72 -19.19
CA ALA A 90 16.11 -23.93 -18.48
C ALA A 90 15.97 -24.69 -17.15
N GLN A 91 15.67 -23.96 -16.07
CA GLN A 91 15.50 -24.57 -14.74
C GLN A 91 14.15 -25.30 -14.70
N GLY A 92 14.14 -26.50 -14.12
CA GLY A 92 12.98 -27.39 -14.21
C GLY A 92 12.96 -27.88 -15.64
N THR A 93 11.97 -28.70 -16.00
CA THR A 93 11.90 -29.22 -17.38
C THR A 93 10.47 -29.35 -17.90
N SER A 94 10.36 -29.35 -19.23
CA SER A 94 9.06 -29.32 -19.90
C SER A 94 9.14 -29.99 -21.28
N GLU A 95 8.00 -30.39 -21.84
CA GLU A 95 8.00 -31.16 -23.08
C GLU A 95 7.67 -30.39 -24.36
N LEU A 96 8.26 -30.83 -25.49
CA LEU A 96 8.07 -30.24 -26.80
C LEU A 96 6.92 -30.89 -27.56
N ARG A 97 6.09 -30.07 -28.21
CA ARG A 97 5.07 -30.61 -29.11
C ARG A 97 5.18 -29.88 -30.44
N THR A 98 5.37 -30.62 -31.53
CA THR A 98 5.43 -30.03 -32.84
C THR A 98 4.12 -30.24 -33.60
N ASP A 99 3.51 -29.17 -34.11
CA ASP A 99 2.28 -29.33 -34.89
C ASP A 99 2.42 -28.91 -36.35
N LEU A 100 1.77 -29.67 -37.23
CA LEU A 100 1.92 -29.51 -38.69
C LEU A 100 0.59 -29.69 -39.42
N VAL A 101 0.20 -28.68 -40.20
CA VAL A 101 -0.96 -28.78 -41.08
C VAL A 101 -0.53 -28.50 -42.53
N ASP A 102 -0.82 -29.42 -43.43
CA ASP A 102 -0.49 -29.21 -44.84
C ASP A 102 -1.65 -28.50 -45.54
N PHE A 103 -1.53 -28.31 -46.84
CA PHE A 103 -2.46 -27.43 -47.55
C PHE A 103 -3.88 -27.98 -47.80
N GLU A 104 -4.06 -29.28 -47.56
CA GLU A 104 -5.35 -29.95 -47.78
C GLU A 104 -6.15 -30.01 -46.49
N ASP A 105 -5.67 -29.27 -45.48
CA ASP A 105 -6.24 -29.24 -44.12
C ASP A 105 -5.92 -30.49 -43.30
N ASN A 106 -4.72 -31.04 -43.47
CA ASN A 106 -4.36 -32.34 -42.84
C ASN A 106 -3.43 -32.26 -41.63
N TYR A 107 -3.94 -32.64 -40.47
CA TYR A 107 -3.23 -32.46 -39.20
C TYR A 107 -2.33 -33.64 -38.81
N GLN A 108 -1.10 -33.32 -38.38
CA GLN A 108 -0.17 -34.29 -37.83
C GLN A 108 0.63 -33.62 -36.70
N PHE A 109 1.19 -34.41 -35.79
CA PHE A 109 1.99 -33.86 -34.71
C PHE A 109 3.15 -34.77 -34.35
N ALA A 110 3.76 -34.53 -33.19
CA ALA A 110 4.85 -35.35 -32.72
C ALA A 110 5.39 -34.81 -31.42
N LYS A 111 5.12 -35.47 -30.30
CA LYS A 111 5.69 -35.03 -29.01
C LYS A 111 6.93 -35.79 -28.55
N TYR A 112 7.79 -35.08 -27.84
CA TYR A 112 8.97 -35.67 -27.19
C TYR A 112 8.73 -35.44 -25.71
N ARG A 113 9.48 -36.08 -24.80
CA ARG A 113 9.14 -35.85 -23.38
C ARG A 113 9.97 -34.84 -22.57
N SER A 114 11.11 -34.42 -23.12
CA SER A 114 11.74 -33.21 -22.59
C SER A 114 12.45 -32.46 -23.69
N PHE A 115 12.62 -31.17 -23.47
CA PHE A 115 13.21 -30.30 -24.45
C PHE A 115 13.82 -29.13 -23.72
N LYS A 116 15.06 -28.80 -24.06
CA LYS A 116 15.68 -27.61 -23.53
C LYS A 116 16.78 -27.12 -24.46
N VAL A 117 17.00 -25.81 -24.47
CA VAL A 117 18.14 -25.28 -25.19
C VAL A 117 19.08 -24.58 -24.22
N ALA A 118 20.37 -24.89 -24.33
CA ALA A 118 21.41 -24.31 -23.49
C ALA A 118 21.52 -22.84 -23.82
N ASP A 119 22.38 -22.11 -23.10
CA ASP A 119 22.45 -20.66 -23.32
C ASP A 119 23.40 -20.30 -24.46
N GLU A 120 23.59 -19.00 -24.68
CA GLU A 120 24.37 -18.53 -25.82
C GLU A 120 25.81 -19.04 -25.81
N ALA A 121 26.42 -19.09 -24.63
CA ALA A 121 27.78 -19.59 -24.48
C ALA A 121 27.90 -21.00 -25.02
N GLU A 122 26.81 -21.78 -24.85
CA GLU A 122 26.71 -23.19 -25.30
C GLU A 122 26.01 -23.28 -26.65
N LYS A 123 25.94 -22.14 -27.33
CA LYS A 123 25.42 -22.00 -28.69
C LYS A 123 23.99 -22.54 -28.87
N TYR A 124 23.22 -22.47 -27.79
CA TYR A 124 21.81 -22.89 -27.74
C TYR A 124 21.58 -24.39 -28.07
N ASN A 125 22.50 -25.20 -27.55
CA ASN A 125 22.50 -26.63 -27.77
C ASN A 125 21.12 -27.27 -27.53
N LEU A 126 20.68 -28.08 -28.50
CA LEU A 126 19.42 -28.81 -28.38
C LEU A 126 19.56 -30.08 -27.53
N VAL A 127 18.77 -30.15 -26.44
CA VAL A 127 18.76 -31.28 -25.52
C VAL A 127 17.44 -32.05 -25.58
N LEU A 128 17.43 -33.13 -26.36
CA LEU A 128 16.16 -33.79 -26.70
C LEU A 128 16.07 -35.29 -26.34
N GLY A 129 14.96 -35.67 -25.71
CA GLY A 129 14.74 -37.05 -25.29
C GLY A 129 13.78 -37.85 -26.15
N ALA A 130 12.89 -38.57 -25.48
CA ALA A 130 12.07 -39.62 -26.11
C ALA A 130 10.96 -39.15 -27.06
N PHE A 131 11.04 -39.58 -28.32
CA PHE A 131 9.91 -39.42 -29.21
C PHE A 131 8.75 -40.27 -28.65
N VAL A 132 7.76 -39.61 -28.05
CA VAL A 132 6.64 -40.33 -27.46
C VAL A 132 5.72 -40.92 -28.55
N GLU A 133 5.17 -40.06 -29.41
CA GLU A 133 4.27 -40.50 -30.50
C GLU A 133 3.82 -39.31 -31.34
N GLY A 134 3.46 -39.56 -32.59
CA GLY A 134 2.92 -38.50 -33.44
C GLY A 134 2.76 -38.93 -34.88
N SER A 135 1.56 -38.75 -35.42
CA SER A 135 1.26 -39.11 -36.79
C SER A 135 2.30 -38.59 -37.77
N ALA A 136 3.03 -37.55 -37.36
CA ALA A 136 4.02 -36.88 -38.20
C ALA A 136 5.40 -37.58 -38.17
N GLY A 137 5.57 -38.50 -37.22
CA GLY A 137 6.81 -39.23 -37.08
C GLY A 137 7.94 -38.38 -36.53
N ASP A 138 9.09 -39.01 -36.31
CA ASP A 138 10.22 -38.35 -35.71
C ASP A 138 11.18 -37.83 -36.78
N SER A 139 11.47 -36.53 -36.74
CA SER A 139 12.43 -35.92 -37.67
C SER A 139 13.09 -34.75 -36.96
N LEU A 140 13.60 -35.05 -35.76
CA LEU A 140 14.08 -34.01 -34.86
C LEU A 140 15.10 -34.57 -33.83
N THR A 141 14.96 -35.85 -33.49
CA THR A 141 15.96 -36.53 -32.64
C THR A 141 17.31 -36.58 -33.37
N PHE A 142 17.23 -36.86 -34.68
CA PHE A 142 18.39 -36.72 -35.57
C PHE A 142 19.27 -35.54 -35.15
N HIS A 143 18.64 -34.41 -34.82
CA HIS A 143 19.37 -33.17 -34.54
C HIS A 143 19.76 -33.01 -33.07
N ASN A 144 19.53 -34.06 -32.26
CA ASN A 144 19.85 -34.06 -30.83
C ASN A 144 21.31 -33.68 -30.54
N ASN A 145 21.50 -32.99 -29.41
CA ASN A 145 22.83 -32.65 -28.89
C ASN A 145 23.62 -31.81 -29.89
N GLN A 146 22.91 -31.09 -30.73
CA GLN A 146 23.55 -30.31 -31.78
C GLN A 146 23.36 -28.82 -31.52
N SER A 147 24.39 -28.03 -31.83
CA SER A 147 24.37 -26.58 -31.62
C SER A 147 23.49 -25.84 -32.65
N PHE A 148 22.86 -24.74 -32.22
CA PHE A 148 22.04 -23.92 -33.12
C PHE A 148 22.88 -23.13 -34.13
N SER A 149 22.44 -23.08 -35.38
CA SER A 149 23.18 -22.42 -36.44
C SER A 149 22.36 -21.37 -37.22
N THR A 150 23.02 -20.28 -37.60
CA THR A 150 22.44 -19.31 -38.55
C THR A 150 23.33 -19.11 -39.76
N LYS A 151 22.91 -18.23 -40.66
CA LYS A 151 23.70 -17.95 -41.86
C LYS A 151 24.98 -17.16 -41.58
N ASP A 152 25.12 -16.64 -40.36
CA ASP A 152 26.31 -15.84 -39.98
C ASP A 152 26.98 -16.36 -38.71
N GLN A 153 26.61 -17.57 -38.31
CA GLN A 153 27.35 -18.30 -37.29
C GLN A 153 27.35 -19.80 -37.55
N ASP A 154 28.34 -20.25 -38.32
CA ASP A 154 28.42 -21.66 -38.70
C ASP A 154 28.92 -22.54 -37.54
N ASN A 155 27.99 -23.28 -36.94
CA ASN A 155 28.31 -24.21 -35.86
C ASN A 155 27.82 -25.61 -36.19
N ASP A 156 27.80 -25.94 -37.49
CA ASP A 156 27.18 -27.17 -37.96
C ASP A 156 28.18 -28.30 -38.29
N LEU A 157 27.64 -29.46 -38.66
CA LEU A 157 28.45 -30.65 -38.92
C LEU A 157 28.93 -30.76 -40.38
N ASN A 158 28.23 -30.13 -41.29
CA ASN A 158 28.67 -30.15 -42.69
C ASN A 158 29.88 -29.24 -42.91
N THR A 159 30.62 -29.54 -43.96
CA THR A 159 31.78 -28.76 -44.33
C THR A 159 31.37 -27.39 -44.92
N GLY A 160 30.24 -27.38 -45.65
CA GLY A 160 29.58 -26.14 -46.11
C GLY A 160 28.42 -25.70 -45.20
N ASN A 161 27.89 -24.49 -45.41
CA ASN A 161 26.89 -23.91 -44.47
C ASN A 161 25.44 -24.34 -44.73
N CYS A 162 24.92 -25.24 -43.88
CA CYS A 162 23.58 -25.80 -44.08
C CYS A 162 22.48 -24.74 -43.98
N ALA A 163 22.65 -23.79 -43.05
CA ALA A 163 21.72 -22.68 -42.88
C ALA A 163 21.52 -21.92 -44.20
N VAL A 164 22.64 -21.57 -44.84
CA VAL A 164 22.64 -20.89 -46.13
C VAL A 164 22.10 -21.78 -47.25
N MET A 165 22.43 -23.07 -47.18
CA MET A 165 22.01 -24.03 -48.21
C MET A 165 20.51 -24.35 -48.18
N PHE A 166 19.96 -24.50 -46.98
CA PHE A 166 18.56 -24.85 -46.85
C PHE A 166 17.73 -23.66 -46.37
N GLN A 167 18.40 -22.50 -46.29
CA GLN A 167 17.73 -21.22 -46.08
C GLN A 167 16.88 -21.24 -44.82
N GLY A 168 17.56 -21.29 -43.69
CA GLY A 168 16.89 -21.45 -42.43
C GLY A 168 17.82 -21.21 -41.28
N ALA A 169 17.37 -21.57 -40.09
CA ALA A 169 18.16 -21.51 -38.90
C ALA A 169 17.66 -22.67 -38.07
N TRP A 170 18.53 -23.65 -37.84
CA TRP A 170 18.16 -24.86 -37.13
C TRP A 170 19.42 -25.46 -36.48
N TRP A 171 19.23 -26.62 -35.85
CA TRP A 171 20.34 -27.37 -35.25
C TRP A 171 20.98 -28.31 -36.29
N TYR A 172 21.65 -27.70 -37.27
CA TYR A 172 22.15 -28.39 -38.46
C TYR A 172 23.37 -29.31 -38.20
N LYS A 173 23.26 -30.56 -38.66
CA LYS A 173 24.40 -31.47 -38.72
C LYS A 173 24.84 -31.62 -40.17
N ASN A 174 24.57 -32.78 -40.75
CA ASN A 174 24.99 -33.06 -42.11
C ASN A 174 23.88 -33.67 -43.01
N CYS A 175 22.80 -32.92 -43.25
CA CYS A 175 22.54 -31.64 -42.59
C CYS A 175 21.32 -31.70 -41.67
N HIS A 176 20.21 -32.23 -42.16
CA HIS A 176 18.97 -32.18 -41.40
C HIS A 176 17.85 -33.09 -41.90
N THR A 177 16.99 -33.53 -40.98
CA THR A 177 15.71 -34.10 -41.38
C THR A 177 14.56 -33.17 -41.03
N SER A 178 14.84 -32.06 -40.33
CA SER A 178 13.77 -31.12 -40.15
C SER A 178 14.29 -29.71 -40.34
N ASN A 179 13.45 -28.81 -40.85
CA ASN A 179 13.90 -27.49 -41.21
C ASN A 179 12.75 -26.49 -41.02
N LEU A 180 12.16 -26.50 -39.83
CA LEU A 180 10.94 -25.74 -39.62
C LEU A 180 11.10 -24.21 -39.74
N ASN A 181 12.32 -23.72 -39.73
CA ASN A 181 12.55 -22.29 -39.96
C ASN A 181 12.98 -22.00 -41.40
N GLY A 182 12.74 -22.96 -42.29
CA GLY A 182 13.07 -22.79 -43.71
C GLY A 182 12.11 -21.88 -44.46
N ARG A 183 12.28 -21.80 -45.77
CA ARG A 183 11.45 -20.91 -46.56
C ARG A 183 10.02 -21.41 -46.70
N TYR A 184 9.08 -20.48 -46.70
CA TYR A 184 7.67 -20.82 -46.81
C TYR A 184 7.34 -21.12 -48.29
N LEU A 185 7.59 -22.34 -48.72
CA LEU A 185 7.47 -22.65 -50.14
C LEU A 185 6.08 -23.10 -50.61
N ARG A 186 5.15 -23.29 -49.67
CA ARG A 186 3.75 -23.57 -50.03
C ARG A 186 3.53 -24.90 -50.74
N GLY A 187 3.66 -26.02 -50.03
CA GLY A 187 3.36 -27.29 -50.66
C GLY A 187 4.58 -27.90 -51.30
N THR A 188 4.36 -28.68 -52.36
CA THR A 188 5.47 -29.42 -52.94
C THR A 188 6.40 -28.46 -53.68
N HIS A 189 7.70 -28.67 -53.55
CA HIS A 189 8.67 -27.82 -54.21
C HIS A 189 9.77 -28.70 -54.78
N GLY A 190 10.29 -28.31 -55.93
CA GLY A 190 11.35 -29.05 -56.58
C GLY A 190 12.68 -28.89 -55.89
N SER A 191 12.95 -27.69 -55.37
CA SER A 191 14.18 -27.43 -54.63
C SER A 191 14.30 -28.40 -53.46
N PHE A 192 15.53 -28.69 -53.05
CA PHE A 192 15.74 -29.78 -52.09
C PHE A 192 15.89 -29.29 -50.65
N ALA A 193 14.91 -29.68 -49.82
CA ALA A 193 15.03 -29.58 -48.38
C ALA A 193 15.16 -28.15 -47.83
N ASN A 194 14.74 -27.15 -48.59
CA ASN A 194 14.88 -25.76 -48.13
C ASN A 194 13.54 -25.12 -47.73
N GLY A 195 12.51 -25.93 -47.57
CA GLY A 195 11.22 -25.42 -47.13
C GLY A 195 10.97 -25.74 -45.67
N ILE A 196 9.73 -25.54 -45.24
CA ILE A 196 9.32 -25.91 -43.88
C ILE A 196 9.09 -27.42 -43.90
N ASN A 197 10.19 -28.15 -43.74
CA ASN A 197 10.21 -29.58 -44.00
C ASN A 197 10.40 -30.42 -42.76
N TRP A 198 9.81 -31.62 -42.79
CA TRP A 198 9.93 -32.60 -41.71
C TRP A 198 10.05 -33.94 -42.41
N LYS A 199 11.25 -34.53 -42.40
CA LYS A 199 11.50 -35.70 -43.23
C LYS A 199 10.51 -36.83 -43.06
N SER A 200 10.26 -37.22 -41.82
CA SER A 200 9.38 -38.38 -41.58
C SER A 200 7.93 -38.02 -41.76
N GLY A 201 7.64 -36.74 -42.00
CA GLY A 201 6.27 -36.29 -42.21
C GLY A 201 5.95 -36.27 -43.70
N LYS A 202 6.09 -35.12 -44.35
CA LYS A 202 5.71 -34.99 -45.77
C LYS A 202 6.93 -34.97 -46.72
N GLY A 203 8.12 -35.07 -46.15
CA GLY A 203 9.35 -35.20 -46.92
C GLY A 203 10.10 -33.91 -47.19
N TYR A 204 11.18 -34.04 -47.96
CA TYR A 204 12.07 -32.93 -48.27
C TYR A 204 11.56 -31.97 -49.35
N ASN A 205 10.41 -32.27 -49.96
CA ASN A 205 9.92 -31.45 -51.07
C ASN A 205 8.50 -30.94 -50.83
N TYR A 206 8.10 -30.90 -49.56
CA TYR A 206 6.78 -30.39 -49.21
C TYR A 206 6.89 -29.40 -48.06
N SER A 207 6.39 -28.19 -48.26
CA SER A 207 6.47 -27.14 -47.25
C SER A 207 5.10 -26.94 -46.61
N TYR A 208 5.01 -27.16 -45.30
CA TYR A 208 3.74 -27.09 -44.58
C TYR A 208 3.13 -25.72 -44.60
N LYS A 209 1.83 -25.65 -44.35
CA LYS A 209 1.11 -24.40 -44.32
C LYS A 209 1.21 -23.79 -42.93
N VAL A 210 1.10 -24.66 -41.92
CA VAL A 210 1.20 -24.23 -40.54
C VAL A 210 2.24 -25.08 -39.83
N SER A 211 3.08 -24.44 -39.03
CA SER A 211 3.97 -25.13 -38.13
C SER A 211 3.99 -24.44 -36.78
N GLU A 212 3.99 -25.22 -35.70
CA GLU A 212 4.07 -24.67 -34.34
C GLU A 212 4.94 -25.55 -33.47
N MET A 213 5.86 -24.94 -32.74
CA MET A 213 6.66 -25.66 -31.77
C MET A 213 6.31 -25.11 -30.40
N LYS A 214 5.99 -26.00 -29.46
CA LYS A 214 5.47 -25.55 -28.17
C LYS A 214 5.93 -26.41 -26.99
N VAL A 215 6.06 -25.78 -25.83
CA VAL A 215 6.52 -26.49 -24.64
C VAL A 215 5.53 -26.42 -23.47
N ARG A 216 5.58 -27.46 -22.63
CA ARG A 216 4.74 -27.57 -21.45
C ARG A 216 5.48 -28.33 -20.35
N PRO A 217 5.38 -27.80 -19.11
CA PRO A 217 6.22 -28.24 -18.01
C PRO A 217 5.95 -29.72 -17.73
N ALA A 218 7.01 -30.47 -17.42
CA ALA A 218 6.84 -31.82 -16.89
C ALA A 218 5.90 -31.80 -15.68
N PRO B 2 0.94 8.33 -15.55
CA PRO B 2 0.68 7.15 -16.38
C PRO B 2 0.75 7.47 -17.88
N CYS B 3 0.06 8.53 -18.30
CA CYS B 3 0.21 9.01 -19.66
C CYS B 3 1.48 9.87 -19.81
N LEU B 4 2.37 9.74 -18.83
CA LEU B 4 3.69 10.36 -18.80
C LEU B 4 4.68 9.25 -19.04
N THR B 5 4.95 8.48 -18.00
CA THR B 5 5.63 7.18 -18.09
C THR B 5 5.63 6.48 -19.44
N GLY B 6 4.47 6.37 -20.07
CA GLY B 6 4.32 5.54 -21.27
C GLY B 6 5.12 5.85 -22.53
N PRO B 7 4.99 4.95 -23.52
CA PRO B 7 5.56 5.10 -24.84
C PRO B 7 4.73 6.03 -25.70
N ARG B 8 5.37 6.88 -26.50
CA ARG B 8 4.66 7.82 -27.35
C ARG B 8 4.61 7.33 -28.81
N THR B 9 5.59 6.55 -29.24
CA THR B 9 5.61 6.01 -30.59
C THR B 9 5.95 4.53 -30.52
N CYS B 10 5.75 3.82 -31.62
CA CYS B 10 6.21 2.44 -31.69
C CYS B 10 7.73 2.38 -31.61
N LYS B 11 8.40 3.44 -32.06
CA LYS B 11 9.85 3.54 -31.90
C LYS B 11 10.24 3.48 -30.42
N ASP B 12 9.51 4.19 -29.58
CA ASP B 12 9.75 4.13 -28.13
C ASP B 12 9.64 2.71 -27.62
N LEU B 13 8.57 2.01 -28.00
CA LEU B 13 8.36 0.64 -27.56
C LEU B 13 9.48 -0.29 -28.00
N LEU B 14 9.97 -0.11 -29.22
CA LEU B 14 11.10 -0.90 -29.68
C LEU B 14 12.31 -0.68 -28.79
N ASP B 15 12.56 0.56 -28.45
CA ASP B 15 13.71 0.90 -27.63
C ASP B 15 13.55 0.37 -26.22
N ARG B 16 12.31 0.13 -25.79
CA ARG B 16 12.04 -0.45 -24.47
C ARG B 16 12.00 -1.97 -24.50
N GLY B 17 12.49 -2.54 -25.58
CA GLY B 17 12.63 -3.98 -25.66
C GLY B 17 11.40 -4.80 -26.04
N HIS B 18 10.47 -4.21 -26.80
CA HIS B 18 9.38 -4.99 -27.41
C HIS B 18 9.75 -5.33 -28.84
N PHE B 19 10.03 -6.60 -29.10
CA PHE B 19 10.62 -6.98 -30.38
C PHE B 19 9.66 -7.62 -31.35
N LEU B 20 8.50 -8.03 -30.87
CA LEU B 20 7.50 -8.66 -31.71
C LEU B 20 6.49 -7.63 -32.20
N SER B 21 6.18 -7.64 -33.49
CA SER B 21 5.13 -6.78 -34.02
C SER B 21 3.80 -7.11 -33.35
N GLY B 22 2.94 -6.10 -33.20
CA GLY B 22 1.63 -6.32 -32.62
C GLY B 22 1.00 -5.04 -32.11
N TRP B 23 -0.19 -5.18 -31.53
CA TRP B 23 -0.94 -4.05 -31.05
C TRP B 23 -0.46 -3.64 -29.67
N HIS B 24 -0.08 -2.38 -29.52
CA HIS B 24 0.36 -1.83 -28.26
C HIS B 24 -0.34 -0.49 -28.07
N THR B 25 -0.50 -0.06 -26.83
CA THR B 25 -1.05 1.25 -26.60
C THR B 25 0.03 2.32 -26.44
N ILE B 26 -0.12 3.43 -27.16
CA ILE B 26 0.82 4.55 -27.04
C ILE B 26 0.05 5.77 -26.55
N TYR B 27 0.74 6.86 -26.29
CA TYR B 27 0.04 8.06 -25.86
C TYR B 27 0.31 9.18 -26.83
N LEU B 28 -0.74 9.69 -27.44
CA LEU B 28 -0.61 10.75 -28.44
C LEU B 28 -0.17 12.03 -27.74
N PRO B 29 0.41 12.99 -28.50
CA PRO B 29 0.94 14.23 -27.94
C PRO B 29 0.09 14.83 -26.82
N ASP B 30 -1.20 14.56 -26.87
CA ASP B 30 -2.15 15.12 -25.94
C ASP B 30 -2.62 14.11 -24.86
N CYS B 31 -1.76 13.15 -24.53
CA CYS B 31 -2.05 12.07 -23.55
C CYS B 31 -3.12 11.06 -23.95
N ARG B 32 -3.91 11.35 -24.97
CA ARG B 32 -4.88 10.36 -25.43
C ARG B 32 -4.18 9.05 -25.76
N PRO B 33 -4.60 7.96 -25.11
CA PRO B 33 -4.05 6.64 -25.36
C PRO B 33 -4.72 5.96 -26.56
N LEU B 34 -3.90 5.52 -27.51
CA LEU B 34 -4.39 4.87 -28.72
C LEU B 34 -3.70 3.53 -28.87
N THR B 35 -4.45 2.50 -29.21
CA THR B 35 -3.85 1.18 -29.43
C THR B 35 -3.48 1.09 -30.92
N VAL B 36 -2.21 0.89 -31.22
CA VAL B 36 -1.76 0.88 -32.60
C VAL B 36 -1.00 -0.40 -32.93
N LEU B 37 -0.92 -0.68 -34.23
CA LEU B 37 -0.12 -1.78 -34.71
C LEU B 37 1.30 -1.30 -34.93
N CYS B 38 2.23 -1.86 -34.17
CA CYS B 38 3.66 -1.59 -34.33
C CYS B 38 4.30 -2.67 -35.19
N ASP B 39 5.01 -2.24 -36.23
CA ASP B 39 5.82 -3.16 -37.01
C ASP B 39 7.26 -3.06 -36.53
N MET B 40 7.69 -4.08 -35.78
CA MET B 40 9.01 -4.09 -35.16
C MET B 40 10.04 -4.77 -36.03
N ASP B 41 9.63 -5.19 -37.22
CA ASP B 41 10.45 -6.06 -38.04
C ASP B 41 11.09 -5.34 -39.23
N THR B 42 10.26 -4.68 -40.02
CA THR B 42 10.69 -4.04 -41.25
C THR B 42 11.74 -2.95 -41.04
N ASP B 43 12.74 -2.94 -41.91
CA ASP B 43 13.66 -1.80 -42.03
C ASP B 43 13.99 -1.16 -40.68
N GLY B 44 14.57 -1.95 -39.78
CA GLY B 44 14.99 -1.43 -38.48
C GLY B 44 13.92 -1.41 -37.42
N GLY B 45 12.66 -1.60 -37.81
CA GLY B 45 11.54 -1.66 -36.87
C GLY B 45 11.14 -0.31 -36.31
N GLY B 46 10.09 -0.30 -35.48
CA GLY B 46 9.60 0.93 -34.86
C GLY B 46 8.54 1.70 -35.64
N TRP B 47 7.87 1.05 -36.60
CA TRP B 47 6.87 1.71 -37.43
C TRP B 47 5.46 1.62 -36.83
N THR B 48 4.70 2.69 -36.93
CA THR B 48 3.29 2.63 -36.55
C THR B 48 2.46 2.47 -37.81
N VAL B 49 1.74 1.37 -37.92
CA VAL B 49 0.99 1.08 -39.13
C VAL B 49 -0.36 1.76 -39.05
N PHE B 50 -0.74 2.53 -40.07
CA PHE B 50 -2.03 3.20 -40.04
C PHE B 50 -2.97 2.70 -41.13
N GLN B 51 -2.47 1.87 -42.03
CA GLN B 51 -3.31 1.21 -43.03
C GLN B 51 -2.81 -0.18 -43.30
N ARG B 52 -3.74 -1.12 -43.38
CA ARG B 52 -3.37 -2.50 -43.66
C ARG B 52 -4.41 -3.26 -44.51
N ARG B 53 -4.01 -3.77 -45.68
CA ARG B 53 -4.88 -4.60 -46.51
C ARG B 53 -4.21 -5.96 -46.63
N VAL B 54 -4.97 -7.02 -46.41
CA VAL B 54 -4.36 -8.33 -46.37
C VAL B 54 -5.19 -9.42 -47.07
N ASP B 55 -6.52 -9.34 -47.01
CA ASP B 55 -7.36 -10.45 -47.47
C ASP B 55 -8.73 -10.05 -48.02
N GLY B 56 -9.04 -8.76 -47.99
CA GLY B 56 -10.29 -8.27 -48.58
C GLY B 56 -11.51 -8.46 -47.71
N SER B 57 -11.29 -8.77 -46.43
CA SER B 57 -12.39 -9.01 -45.50
C SER B 57 -13.12 -7.74 -45.06
N VAL B 58 -12.48 -6.58 -45.20
CA VAL B 58 -13.07 -5.31 -44.79
C VAL B 58 -13.36 -4.41 -45.98
N ASP B 59 -14.52 -3.79 -45.97
CA ASP B 59 -14.92 -2.85 -47.01
C ASP B 59 -14.26 -1.47 -46.75
N PHE B 60 -13.51 -0.99 -47.72
CA PHE B 60 -12.83 0.29 -47.60
C PHE B 60 -13.55 1.39 -48.37
N TYR B 61 -14.67 1.02 -49.01
CA TYR B 61 -15.46 1.99 -49.72
C TYR B 61 -16.44 2.68 -48.76
N ARG B 62 -15.94 3.66 -48.00
CA ARG B 62 -16.65 4.17 -46.84
C ARG B 62 -16.75 5.67 -46.84
N ASP B 63 -17.66 6.20 -46.03
CA ASP B 63 -17.91 7.63 -46.04
C ASP B 63 -16.92 8.41 -45.17
N TRP B 64 -17.04 9.73 -45.24
CA TRP B 64 -16.17 10.65 -44.54
C TRP B 64 -16.07 10.40 -43.03
N ALA B 65 -17.22 10.23 -42.38
CA ALA B 65 -17.26 10.03 -40.94
C ALA B 65 -16.51 8.76 -40.56
N THR B 66 -16.62 7.73 -41.39
CA THR B 66 -15.98 6.47 -41.10
C THR B 66 -14.47 6.56 -41.24
N TYR B 67 -13.98 7.23 -42.28
CA TYR B 67 -12.55 7.46 -42.44
C TYR B 67 -11.98 8.34 -41.34
N LYS B 68 -12.80 9.23 -40.81
CA LYS B 68 -12.38 10.16 -39.77
C LYS B 68 -12.07 9.43 -38.45
N GLN B 69 -12.91 8.48 -38.05
CA GLN B 69 -12.76 7.80 -36.78
C GLN B 69 -12.00 6.47 -36.87
N GLY B 70 -11.88 5.93 -38.08
CA GLY B 70 -11.14 4.68 -38.28
C GLY B 70 -12.07 3.48 -38.34
N PHE B 71 -11.65 2.42 -39.00
CA PHE B 71 -12.50 1.25 -39.12
C PHE B 71 -11.70 0.00 -39.43
N GLY B 72 -12.34 -1.15 -39.30
CA GLY B 72 -11.73 -2.41 -39.60
C GLY B 72 -11.43 -3.20 -38.36
N SER B 73 -10.38 -4.00 -38.41
CA SER B 73 -10.18 -5.01 -37.39
C SER B 73 -8.72 -5.15 -37.01
N ARG B 74 -8.45 -5.30 -35.73
CA ARG B 74 -7.08 -5.59 -35.31
C ARG B 74 -6.61 -6.95 -35.78
N LEU B 75 -7.53 -7.81 -36.17
CA LEU B 75 -7.18 -9.16 -36.58
C LEU B 75 -6.71 -9.16 -38.03
N GLY B 76 -7.06 -8.13 -38.79
CA GLY B 76 -6.74 -8.11 -40.21
C GLY B 76 -6.63 -6.71 -40.75
N GLU B 77 -7.55 -6.29 -41.60
CA GLU B 77 -7.45 -5.02 -42.29
C GLU B 77 -8.02 -3.84 -41.52
N PHE B 78 -7.44 -2.66 -41.70
CA PHE B 78 -7.96 -1.47 -41.02
C PHE B 78 -7.44 -0.18 -41.59
N TRP B 79 -8.08 0.91 -41.19
CA TRP B 79 -7.62 2.26 -41.43
C TRP B 79 -7.66 2.92 -40.05
N LEU B 80 -6.53 3.41 -39.57
CA LEU B 80 -6.43 3.92 -38.18
C LEU B 80 -7.41 5.05 -37.89
N GLY B 81 -7.75 5.84 -38.90
CA GLY B 81 -8.59 7.01 -38.71
C GLY B 81 -7.82 8.29 -38.97
N ASN B 82 -8.41 9.18 -39.75
CA ASN B 82 -7.75 10.43 -40.11
C ASN B 82 -7.40 11.31 -38.92
N ASP B 83 -8.29 11.40 -37.94
CA ASP B 83 -7.98 12.14 -36.71
C ASP B 83 -6.73 11.61 -36.02
N ASN B 84 -6.68 10.29 -35.83
CA ASN B 84 -5.52 9.63 -35.25
C ASN B 84 -4.27 9.84 -36.10
N ILE B 85 -4.41 9.73 -37.41
CA ILE B 85 -3.27 9.86 -38.28
C ILE B 85 -2.70 11.27 -38.18
N HIS B 86 -3.58 12.27 -38.11
CA HIS B 86 -3.16 13.65 -37.93
C HIS B 86 -2.50 13.84 -36.58
N ALA B 87 -3.13 13.33 -35.54
CA ALA B 87 -2.56 13.38 -34.20
C ALA B 87 -1.16 12.78 -34.16
N LEU B 88 -0.96 11.71 -34.93
CA LEU B 88 0.32 11.01 -34.93
C LEU B 88 1.42 11.75 -35.67
N THR B 89 1.04 12.53 -36.66
CA THR B 89 2.00 13.17 -37.55
C THR B 89 2.07 14.68 -37.41
N ALA B 90 1.22 15.27 -36.58
CA ALA B 90 1.10 16.74 -36.58
C ALA B 90 2.38 17.45 -36.13
N GLN B 91 2.96 17.03 -35.02
CA GLN B 91 4.20 17.63 -34.51
C GLN B 91 5.36 16.72 -34.70
N GLY B 92 6.37 17.21 -35.42
CA GLY B 92 7.57 16.43 -35.68
C GLY B 92 7.67 16.06 -37.15
N THR B 93 8.61 15.17 -37.45
CA THR B 93 8.63 14.65 -38.78
C THR B 93 8.63 13.13 -38.63
N SER B 94 7.66 12.51 -39.26
CA SER B 94 7.59 11.09 -39.33
C SER B 94 7.98 10.77 -40.74
N GLU B 95 8.84 9.81 -40.93
CA GLU B 95 9.02 9.27 -42.28
C GLU B 95 7.81 8.35 -42.58
N LEU B 96 7.55 8.13 -43.86
CA LEU B 96 6.51 7.25 -44.31
C LEU B 96 7.14 6.16 -45.14
N ARG B 97 6.63 4.95 -44.96
CA ARG B 97 6.98 3.82 -45.80
C ARG B 97 5.70 3.08 -46.20
N THR B 98 5.65 2.68 -47.46
CA THR B 98 4.52 1.94 -47.98
C THR B 98 5.08 0.57 -48.39
N ASP B 99 4.47 -0.52 -47.89
CA ASP B 99 4.93 -1.87 -48.21
C ASP B 99 3.87 -2.62 -49.01
N LEU B 100 4.29 -3.23 -50.13
CA LEU B 100 3.39 -3.91 -51.06
C LEU B 100 3.84 -5.33 -51.39
N VAL B 101 2.89 -6.24 -51.48
CA VAL B 101 3.17 -7.59 -51.88
C VAL B 101 2.14 -8.05 -52.92
N ASP B 102 2.61 -8.46 -54.11
CA ASP B 102 1.71 -9.08 -55.09
C ASP B 102 1.38 -10.55 -54.78
N PHE B 103 0.50 -11.15 -55.57
CA PHE B 103 0.09 -12.54 -55.32
C PHE B 103 1.12 -13.59 -55.77
N GLU B 104 2.19 -13.15 -56.39
CA GLU B 104 3.21 -14.09 -56.77
C GLU B 104 4.44 -13.92 -55.87
N ASP B 105 4.20 -13.32 -54.72
CA ASP B 105 5.18 -13.16 -53.66
C ASP B 105 6.28 -12.11 -53.85
N ASN B 106 6.10 -11.18 -54.77
CA ASN B 106 7.10 -10.13 -54.93
C ASN B 106 6.85 -9.01 -53.92
N TYR B 107 7.89 -8.57 -53.25
CA TYR B 107 7.76 -7.52 -52.27
C TYR B 107 8.36 -6.21 -52.80
N GLN B 108 7.63 -5.11 -52.65
CA GLN B 108 8.07 -3.83 -53.18
C GLN B 108 7.80 -2.82 -52.09
N PHE B 109 8.55 -1.73 -52.09
CA PHE B 109 8.29 -0.69 -51.09
C PHE B 109 8.58 0.71 -51.64
N ALA B 110 8.07 1.73 -50.95
CA ALA B 110 8.41 3.12 -51.22
C ALA B 110 8.72 3.82 -49.91
N LYS B 111 9.58 4.82 -49.93
CA LYS B 111 9.91 5.52 -48.70
C LYS B 111 10.01 7.02 -48.90
N TYR B 112 9.49 7.78 -47.95
CA TYR B 112 9.43 9.24 -48.11
C TYR B 112 10.00 9.92 -46.90
N ARG B 113 10.74 11.01 -47.11
CA ARG B 113 11.46 11.65 -46.00
C ARG B 113 10.54 12.11 -44.87
N SER B 114 9.39 12.67 -45.25
CA SER B 114 8.42 13.14 -44.27
C SER B 114 7.01 12.98 -44.79
N PHE B 115 6.07 12.90 -43.86
CA PHE B 115 4.70 12.66 -44.17
C PHE B 115 3.86 13.24 -43.06
N LYS B 116 2.84 13.99 -43.43
CA LYS B 116 1.89 14.47 -42.45
C LYS B 116 0.54 14.77 -43.10
N VAL B 117 -0.53 14.60 -42.34
CA VAL B 117 -1.83 15.04 -42.83
C VAL B 117 -2.38 16.13 -41.93
N ALA B 118 -2.86 17.20 -42.54
CA ALA B 118 -3.44 18.33 -41.83
C ALA B 118 -4.72 17.88 -41.16
N ASP B 119 -5.37 18.76 -40.41
CA ASP B 119 -6.56 18.35 -39.68
C ASP B 119 -7.83 18.45 -40.53
N GLU B 120 -8.97 18.15 -39.91
CA GLU B 120 -10.24 18.10 -40.64
C GLU B 120 -10.59 19.41 -41.34
N ALA B 121 -10.33 20.53 -40.67
CA ALA B 121 -10.60 21.84 -41.23
C ALA B 121 -9.86 22.03 -42.55
N GLU B 122 -8.66 21.47 -42.69
CA GLU B 122 -7.92 21.53 -43.96
C GLU B 122 -8.14 20.30 -44.85
N LYS B 123 -9.17 19.53 -44.50
CA LYS B 123 -9.57 18.35 -45.23
C LYS B 123 -8.47 17.28 -45.25
N TYR B 124 -7.78 17.12 -44.13
CA TYR B 124 -6.79 16.10 -44.06
C TYR B 124 -5.84 16.16 -45.24
N ASN B 125 -5.42 17.38 -45.57
CA ASN B 125 -4.49 17.71 -46.63
C ASN B 125 -3.16 16.99 -46.49
N LEU B 126 -2.72 16.33 -47.56
CA LEU B 126 -1.49 15.54 -47.56
C LEU B 126 -0.30 16.45 -47.70
N VAL B 127 0.61 16.44 -46.75
CA VAL B 127 1.87 17.15 -46.86
C VAL B 127 3.00 16.15 -46.94
N LEU B 128 3.49 15.93 -48.16
CA LEU B 128 4.46 14.87 -48.40
C LEU B 128 5.86 15.38 -48.70
N GLY B 129 6.84 14.91 -47.92
CA GLY B 129 8.25 15.19 -48.20
C GLY B 129 8.76 14.33 -49.34
N ALA B 130 10.07 14.43 -49.59
CA ALA B 130 10.72 13.88 -50.76
C ALA B 130 10.77 12.35 -50.76
N PHE B 131 10.68 11.79 -51.96
CA PHE B 131 10.80 10.36 -52.15
C PHE B 131 12.26 10.01 -51.93
N VAL B 132 12.50 8.97 -51.12
CA VAL B 132 13.83 8.69 -50.68
C VAL B 132 14.42 7.51 -51.41
N GLU B 133 13.62 6.46 -51.57
CA GLU B 133 14.02 5.28 -52.33
C GLU B 133 12.87 4.29 -52.33
N GLY B 134 13.00 3.21 -53.09
CA GLY B 134 12.01 2.15 -53.10
C GLY B 134 11.75 1.43 -54.41
N SER B 135 11.77 0.11 -54.39
CA SER B 135 11.45 -0.69 -55.57
C SER B 135 10.09 -0.39 -56.18
N ALA B 136 9.12 0.02 -55.37
CA ALA B 136 7.79 0.23 -55.92
C ALA B 136 7.71 1.48 -56.81
N GLY B 137 8.73 2.35 -56.70
CA GLY B 137 8.74 3.61 -57.44
C GLY B 137 7.89 4.65 -56.72
N ASP B 138 8.05 5.91 -57.07
CA ASP B 138 7.26 6.95 -56.46
C ASP B 138 5.89 7.15 -57.09
N SER B 139 4.84 6.70 -56.41
CA SER B 139 3.49 6.98 -56.85
C SER B 139 2.68 7.68 -55.78
N LEU B 140 3.32 8.53 -55.00
CA LEU B 140 2.60 9.31 -54.04
C LEU B 140 2.92 10.83 -54.16
N THR B 141 4.08 11.18 -54.71
CA THR B 141 4.47 12.56 -54.93
C THR B 141 3.43 13.40 -55.72
N PHE B 142 2.82 12.75 -56.68
CA PHE B 142 1.75 13.30 -57.46
C PHE B 142 0.62 13.87 -56.56
N HIS B 143 0.36 13.22 -55.45
CA HIS B 143 -0.78 13.56 -54.62
C HIS B 143 -0.43 14.53 -53.53
N ASN B 144 0.76 15.11 -53.63
CA ASN B 144 1.14 16.04 -52.59
C ASN B 144 0.23 17.27 -52.59
N ASN B 145 -0.14 17.72 -51.38
CA ASN B 145 -0.85 18.97 -51.24
C ASN B 145 -2.28 18.96 -51.84
N GLN B 146 -2.99 17.89 -51.54
CA GLN B 146 -4.31 17.66 -52.01
C GLN B 146 -5.09 17.14 -50.83
N SER B 147 -6.36 17.54 -50.79
CA SER B 147 -7.33 17.13 -49.80
C SER B 147 -7.72 15.67 -49.92
N PHE B 148 -8.16 15.09 -48.82
CA PHE B 148 -8.62 13.72 -48.81
C PHE B 148 -10.02 13.67 -49.41
N SER B 149 -10.35 12.62 -50.13
CA SER B 149 -11.71 12.51 -50.67
C SER B 149 -12.35 11.19 -50.41
N THR B 150 -13.65 11.21 -50.23
CA THR B 150 -14.41 9.98 -50.05
C THR B 150 -15.59 10.03 -51.00
N LYS B 151 -16.32 8.93 -51.05
CA LYS B 151 -17.46 8.81 -51.96
C LYS B 151 -18.46 9.96 -51.77
N ASP B 152 -18.65 10.41 -50.52
CA ASP B 152 -19.63 11.44 -50.22
C ASP B 152 -19.04 12.85 -50.03
N GLN B 153 -17.75 13.01 -50.27
CA GLN B 153 -17.12 14.29 -50.06
C GLN B 153 -16.09 14.43 -51.09
N ASP B 154 -16.45 15.04 -52.18
CA ASP B 154 -15.57 15.19 -53.31
C ASP B 154 -14.74 16.46 -53.15
N ASN B 155 -13.45 16.29 -52.88
CA ASN B 155 -12.53 17.41 -52.82
C ASN B 155 -11.43 17.32 -53.86
N ASP B 156 -11.66 16.56 -54.94
CA ASP B 156 -10.62 16.34 -55.93
C ASP B 156 -10.49 17.47 -56.96
N LEU B 157 -9.64 17.29 -57.95
CA LEU B 157 -9.46 18.31 -58.99
C LEU B 157 -10.00 17.78 -60.32
N ASN B 158 -11.02 16.96 -60.23
CA ASN B 158 -11.60 16.31 -61.39
C ASN B 158 -13.05 16.75 -61.44
N THR B 159 -13.58 16.93 -62.66
CA THR B 159 -14.97 17.34 -62.80
C THR B 159 -15.93 16.26 -62.31
N GLY B 160 -15.47 15.01 -62.27
CA GLY B 160 -16.27 13.92 -61.70
C GLY B 160 -15.91 13.67 -60.24
N ASN B 161 -16.30 12.50 -59.75
CA ASN B 161 -16.02 12.07 -58.38
C ASN B 161 -15.00 10.92 -58.44
N CYS B 162 -13.74 11.23 -58.14
CA CYS B 162 -12.68 10.23 -58.26
C CYS B 162 -12.96 9.05 -57.36
N ALA B 163 -13.45 9.36 -56.17
CA ALA B 163 -13.74 8.32 -55.19
C ALA B 163 -14.82 7.33 -55.65
N VAL B 164 -15.77 7.78 -56.48
CA VAL B 164 -16.74 6.87 -57.05
C VAL B 164 -16.18 6.16 -58.26
N MET B 165 -15.44 6.86 -59.13
CA MET B 165 -14.89 6.20 -60.31
C MET B 165 -13.89 5.12 -59.94
N PHE B 166 -13.15 5.31 -58.85
CA PHE B 166 -12.02 4.43 -58.53
C PHE B 166 -12.19 3.70 -57.21
N GLN B 167 -13.39 3.82 -56.64
CA GLN B 167 -13.87 2.97 -55.56
C GLN B 167 -12.94 2.89 -54.38
N GLY B 168 -12.52 4.06 -53.92
CA GLY B 168 -11.65 4.14 -52.78
C GLY B 168 -11.84 5.41 -51.99
N ALA B 169 -10.82 5.77 -51.24
CA ALA B 169 -10.79 7.07 -50.61
C ALA B 169 -9.32 7.44 -50.59
N TRP B 170 -8.99 8.66 -50.99
CA TRP B 170 -7.58 8.96 -51.16
C TRP B 170 -7.44 10.42 -51.39
N TRP B 171 -6.20 10.87 -51.49
CA TRP B 171 -5.93 12.29 -51.74
C TRP B 171 -5.98 12.52 -53.25
N TYR B 172 -7.14 12.24 -53.84
CA TYR B 172 -7.25 12.27 -55.31
C TYR B 172 -6.98 13.64 -55.92
N LYS B 173 -6.28 13.64 -57.03
CA LYS B 173 -6.02 14.88 -57.76
C LYS B 173 -6.90 14.85 -59.00
N ASN B 174 -6.32 14.56 -60.14
CA ASN B 174 -7.13 14.45 -61.34
C ASN B 174 -6.71 13.29 -62.22
N CYS B 175 -6.82 12.03 -61.78
CA CYS B 175 -7.32 11.62 -60.45
C CYS B 175 -6.27 10.93 -59.56
N HIS B 176 -5.61 9.89 -60.09
CA HIS B 176 -4.68 9.15 -59.26
C HIS B 176 -3.59 8.35 -59.93
N THR B 177 -2.65 8.04 -59.07
CA THR B 177 -1.47 7.31 -59.44
C THR B 177 -1.26 6.20 -58.39
N SER B 178 -2.00 6.31 -57.29
CA SER B 178 -2.05 5.26 -56.30
C SER B 178 -3.45 5.25 -55.68
N ASN B 179 -3.91 4.07 -55.27
CA ASN B 179 -5.26 3.90 -54.82
C ASN B 179 -5.33 2.80 -53.75
N LEU B 180 -4.49 2.93 -52.73
CA LEU B 180 -4.31 1.85 -51.77
C LEU B 180 -5.56 1.52 -50.95
N ASN B 181 -6.55 2.40 -50.95
CA ASN B 181 -7.82 2.11 -50.28
C ASN B 181 -8.90 1.65 -51.25
N GLY B 182 -8.48 1.24 -52.45
CA GLY B 182 -9.40 0.74 -53.46
C GLY B 182 -9.92 -0.67 -53.18
N ARG B 183 -10.66 -1.20 -54.13
CA ARG B 183 -11.25 -2.53 -53.93
C ARG B 183 -10.20 -3.64 -53.98
N TYR B 184 -10.41 -4.65 -53.14
CA TYR B 184 -9.49 -5.78 -53.07
C TYR B 184 -9.77 -6.73 -54.25
N LEU B 185 -9.19 -6.44 -55.41
CA LEU B 185 -9.56 -7.18 -56.61
C LEU B 185 -8.72 -8.45 -56.87
N ARG B 186 -7.69 -8.69 -56.07
CA ARG B 186 -6.94 -9.94 -56.15
C ARG B 186 -6.16 -10.14 -57.45
N GLY B 187 -5.10 -9.39 -57.67
CA GLY B 187 -4.29 -9.63 -58.85
C GLY B 187 -4.74 -8.80 -60.03
N THR B 188 -4.54 -9.32 -61.23
CA THR B 188 -4.84 -8.53 -62.41
C THR B 188 -6.35 -8.40 -62.59
N HIS B 189 -6.79 -7.21 -62.96
CA HIS B 189 -8.21 -6.97 -63.16
C HIS B 189 -8.38 -6.13 -64.41
N GLY B 190 -9.46 -6.40 -65.15
CA GLY B 190 -9.76 -5.68 -66.37
C GLY B 190 -10.24 -4.27 -66.10
N SER B 191 -11.02 -4.10 -65.04
CA SER B 191 -11.50 -2.76 -64.66
C SER B 191 -10.33 -1.82 -64.44
N PHE B 192 -10.55 -0.53 -64.65
CA PHE B 192 -9.44 0.40 -64.69
C PHE B 192 -9.22 1.14 -63.37
N ALA B 193 -8.06 0.88 -62.76
CA ALA B 193 -7.55 1.68 -61.66
C ALA B 193 -8.42 1.71 -60.40
N ASN B 194 -9.27 0.71 -60.21
CA ASN B 194 -10.14 0.71 -59.03
C ASN B 194 -9.76 -0.33 -57.99
N GLY B 195 -8.56 -0.89 -58.12
CA GLY B 195 -8.08 -1.85 -57.14
C GLY B 195 -7.06 -1.24 -56.20
N ILE B 196 -6.37 -2.08 -55.44
CA ILE B 196 -5.29 -1.62 -54.58
C ILE B 196 -4.08 -1.44 -55.48
N ASN B 197 -4.03 -0.27 -56.12
CA ASN B 197 -3.10 -0.02 -57.22
C ASN B 197 -2.03 0.99 -56.89
N TRP B 198 -0.86 0.80 -57.50
CA TRP B 198 0.27 1.70 -57.38
C TRP B 198 0.89 1.79 -58.77
N LYS B 199 0.71 2.92 -59.43
CA LYS B 199 1.06 3.00 -60.85
C LYS B 199 2.48 2.56 -61.19
N SER B 200 3.46 3.09 -60.47
CA SER B 200 4.84 2.80 -60.80
C SER B 200 5.24 1.40 -60.32
N GLY B 201 4.36 0.73 -59.60
CA GLY B 201 4.61 -0.62 -59.12
C GLY B 201 4.10 -1.64 -60.11
N LYS B 202 2.86 -2.05 -59.97
CA LYS B 202 2.31 -3.08 -60.87
C LYS B 202 1.26 -2.53 -61.82
N GLY B 203 1.11 -1.21 -61.87
CA GLY B 203 0.23 -0.55 -62.83
C GLY B 203 -1.23 -0.47 -62.43
N TYR B 204 -2.05 0.07 -63.33
CA TYR B 204 -3.45 0.34 -63.05
C TYR B 204 -4.37 -0.88 -63.10
N ASN B 205 -3.82 -2.04 -63.44
CA ASN B 205 -4.65 -3.23 -63.60
C ASN B 205 -4.25 -4.42 -62.72
N TYR B 206 -3.54 -4.13 -61.65
CA TYR B 206 -3.07 -5.15 -60.76
C TYR B 206 -3.26 -4.71 -59.34
N SER B 207 -4.02 -5.50 -58.61
CA SER B 207 -4.37 -5.18 -57.27
C SER B 207 -3.58 -6.07 -56.29
N TYR B 208 -2.70 -5.47 -55.49
CA TYR B 208 -1.79 -6.20 -54.61
C TYR B 208 -2.49 -7.05 -53.57
N LYS B 209 -1.77 -8.03 -53.00
CA LYS B 209 -2.37 -8.86 -52.00
C LYS B 209 -2.26 -8.22 -50.63
N VAL B 210 -1.13 -7.57 -50.39
CA VAL B 210 -0.88 -6.91 -49.12
C VAL B 210 -0.45 -5.47 -49.36
N SER B 211 -1.04 -4.52 -48.64
CA SER B 211 -0.46 -3.20 -48.58
C SER B 211 -0.40 -2.73 -47.14
N GLU B 212 0.68 -2.05 -46.77
CA GLU B 212 0.79 -1.45 -45.45
C GLU B 212 1.34 -0.04 -45.58
N MET B 213 0.72 0.92 -44.89
CA MET B 213 1.28 2.25 -44.81
C MET B 213 1.69 2.50 -43.37
N LYS B 214 2.89 2.99 -43.14
CA LYS B 214 3.35 3.13 -41.77
C LYS B 214 4.24 4.34 -41.62
N VAL B 215 4.32 4.87 -40.40
CA VAL B 215 5.17 6.00 -40.10
C VAL B 215 6.11 5.82 -38.90
N ARG B 216 7.17 6.61 -38.89
CA ARG B 216 8.16 6.56 -37.81
C ARG B 216 8.89 7.90 -37.70
N PRO B 217 9.21 8.31 -36.47
CA PRO B 217 10.02 9.52 -36.25
C PRO B 217 11.34 9.50 -37.05
N ALA B 218 11.79 10.66 -37.50
CA ALA B 218 13.09 10.77 -38.19
C ALA B 218 14.24 10.08 -37.40
N GLY C 6 -15.38 2.13 -15.66
CA GLY C 6 -15.41 0.66 -15.96
C GLY C 6 -16.31 0.28 -17.13
N PRO C 7 -15.70 -0.13 -18.26
CA PRO C 7 -16.49 -0.59 -19.43
C PRO C 7 -17.17 -1.95 -19.19
N ARG C 8 -18.48 -2.00 -19.35
CA ARG C 8 -19.22 -3.21 -19.03
C ARG C 8 -19.52 -4.05 -20.27
N THR C 9 -19.58 -3.40 -21.44
CA THR C 9 -19.99 -4.04 -22.68
C THR C 9 -19.12 -3.51 -23.81
N CYS C 10 -19.17 -4.17 -24.97
CA CYS C 10 -18.50 -3.63 -26.14
C CYS C 10 -19.17 -2.33 -26.56
N LYS C 11 -20.45 -2.19 -26.27
CA LYS C 11 -21.14 -0.92 -26.52
C LYS C 11 -20.48 0.23 -25.76
N ASP C 12 -20.11 -0.01 -24.50
CA ASP C 12 -19.40 0.99 -23.72
C ASP C 12 -18.10 1.39 -24.39
N LEU C 13 -17.33 0.41 -24.84
CA LEU C 13 -16.06 0.67 -25.48
C LEU C 13 -16.23 1.50 -26.77
N LEU C 14 -17.27 1.20 -27.53
CA LEU C 14 -17.56 1.97 -28.72
C LEU C 14 -17.81 3.45 -28.36
N ASP C 15 -18.71 3.71 -27.40
CA ASP C 15 -18.98 5.07 -26.94
C ASP C 15 -17.74 5.81 -26.40
N ARG C 16 -16.78 5.07 -25.84
CA ARG C 16 -15.50 5.65 -25.39
C ARG C 16 -14.46 5.82 -26.52
N GLY C 17 -14.86 5.62 -27.76
CA GLY C 17 -14.00 5.91 -28.90
C GLY C 17 -13.06 4.81 -29.38
N HIS C 18 -13.42 3.55 -29.16
CA HIS C 18 -12.71 2.41 -29.78
C HIS C 18 -13.45 1.99 -31.03
N PHE C 19 -12.89 2.26 -32.19
CA PHE C 19 -13.63 2.10 -33.44
C PHE C 19 -13.27 0.86 -34.24
N LEU C 20 -12.16 0.23 -33.88
CA LEU C 20 -11.70 -0.96 -34.59
C LEU C 20 -12.17 -2.21 -33.85
N SER C 21 -12.72 -3.17 -34.58
CA SER C 21 -13.08 -4.46 -33.98
C SER C 21 -11.84 -5.14 -33.42
N GLY C 22 -12.00 -5.90 -32.35
CA GLY C 22 -10.90 -6.62 -31.77
C GLY C 22 -11.15 -7.06 -30.33
N TRP C 23 -10.14 -7.68 -29.75
CA TRP C 23 -10.27 -8.20 -28.39
C TRP C 23 -10.01 -7.10 -27.38
N HIS C 24 -10.97 -6.89 -26.50
CA HIS C 24 -10.85 -5.93 -25.43
C HIS C 24 -11.30 -6.59 -24.13
N THR C 25 -10.82 -6.10 -23.00
CA THR C 25 -11.30 -6.63 -21.73
C THR C 25 -12.46 -5.80 -21.17
N ILE C 26 -13.53 -6.47 -20.77
CA ILE C 26 -14.67 -5.81 -20.15
C ILE C 26 -14.84 -6.35 -18.74
N TYR C 27 -15.77 -5.74 -17.99
CA TYR C 27 -16.11 -6.20 -16.64
C TYR C 27 -17.56 -6.62 -16.56
N LEU C 28 -17.77 -7.89 -16.26
CA LEU C 28 -19.11 -8.46 -16.14
C LEU C 28 -19.87 -7.89 -14.95
N PRO C 29 -21.21 -8.05 -14.95
CA PRO C 29 -22.12 -7.61 -13.90
C PRO C 29 -21.67 -8.12 -12.55
N ASP C 30 -20.76 -9.08 -12.56
CA ASP C 30 -20.24 -9.68 -11.34
C ASP C 30 -18.81 -9.25 -11.03
N CYS C 31 -18.24 -8.41 -11.91
CA CYS C 31 -16.91 -7.82 -11.69
C CYS C 31 -15.72 -8.58 -12.26
N ARG C 32 -15.95 -9.80 -12.71
CA ARG C 32 -14.88 -10.54 -13.34
C ARG C 32 -14.55 -9.79 -14.64
N PRO C 33 -13.24 -9.55 -14.85
CA PRO C 33 -12.72 -9.07 -16.11
C PRO C 33 -12.66 -10.15 -17.21
N LEU C 34 -13.38 -9.92 -18.31
CA LEU C 34 -13.33 -10.84 -19.46
C LEU C 34 -12.80 -10.17 -20.72
N THR C 35 -11.87 -10.82 -21.41
CA THR C 35 -11.42 -10.35 -22.72
C THR C 35 -12.27 -10.91 -23.88
N VAL C 36 -13.05 -10.06 -24.53
CA VAL C 36 -14.04 -10.45 -25.54
C VAL C 36 -13.74 -9.83 -26.90
N LEU C 37 -14.30 -10.42 -27.93
CA LEU C 37 -14.22 -9.88 -29.27
C LEU C 37 -15.38 -8.90 -29.46
N CYS C 38 -15.03 -7.64 -29.67
CA CYS C 38 -16.00 -6.59 -29.98
C CYS C 38 -16.08 -6.39 -31.48
N ASP C 39 -17.29 -6.44 -32.03
CA ASP C 39 -17.51 -6.07 -33.42
C ASP C 39 -18.01 -4.63 -33.46
N MET C 40 -17.13 -3.71 -33.86
CA MET C 40 -17.42 -2.29 -33.85
C MET C 40 -17.97 -1.83 -35.19
N ASP C 41 -18.15 -2.75 -36.11
CA ASP C 41 -18.42 -2.40 -37.49
C ASP C 41 -19.88 -2.64 -37.89
N THR C 42 -20.36 -3.86 -37.66
CA THR C 42 -21.69 -4.27 -38.10
C THR C 42 -22.80 -3.46 -37.47
N ASP C 43 -23.79 -3.11 -38.29
CA ASP C 43 -25.07 -2.59 -37.80
C ASP C 43 -24.92 -1.65 -36.58
N GLY C 44 -24.17 -0.57 -36.77
CA GLY C 44 -24.00 0.41 -35.71
C GLY C 44 -22.89 0.11 -34.72
N GLY C 45 -22.37 -1.12 -34.74
CA GLY C 45 -21.25 -1.50 -33.87
C GLY C 45 -21.65 -1.73 -32.43
N GLY C 46 -20.68 -2.13 -31.60
CA GLY C 46 -20.91 -2.38 -30.18
C GLY C 46 -21.34 -3.78 -29.81
N TRP C 47 -21.11 -4.77 -30.69
CA TRP C 47 -21.52 -6.15 -30.43
C TRP C 47 -20.44 -6.97 -29.72
N THR C 48 -20.84 -7.81 -28.79
CA THR C 48 -19.90 -8.73 -28.19
C THR C 48 -20.08 -10.09 -28.85
N VAL C 49 -19.05 -10.58 -29.50
CA VAL C 49 -19.16 -11.82 -30.25
C VAL C 49 -18.90 -12.98 -29.32
N PHE C 50 -19.80 -13.97 -29.29
CA PHE C 50 -19.59 -15.11 -28.42
C PHE C 50 -19.41 -16.42 -29.18
N GLN C 51 -19.60 -16.37 -30.50
CA GLN C 51 -19.29 -17.52 -31.35
C GLN C 51 -18.75 -17.05 -32.68
N ARG C 52 -17.71 -17.74 -33.18
CA ARG C 52 -17.10 -17.37 -34.46
C ARG C 52 -16.57 -18.59 -35.25
N ARG C 53 -17.09 -18.82 -36.44
CA ARG C 53 -16.56 -19.87 -37.30
C ARG C 53 -16.04 -19.19 -38.55
N VAL C 54 -14.84 -19.55 -38.96
CA VAL C 54 -14.25 -18.83 -40.06
C VAL C 54 -13.49 -19.74 -41.06
N ASP C 55 -12.86 -20.80 -40.57
CA ASP C 55 -11.96 -21.58 -41.42
C ASP C 55 -11.85 -23.08 -41.08
N GLY C 56 -12.55 -23.51 -40.05
CA GLY C 56 -12.59 -24.93 -39.70
C GLY C 56 -11.38 -25.42 -38.94
N SER C 57 -10.58 -24.49 -38.43
CA SER C 57 -9.36 -24.85 -37.72
C SER C 57 -9.60 -25.40 -36.30
N VAL C 58 -10.77 -25.10 -35.73
CA VAL C 58 -11.09 -25.55 -34.38
C VAL C 58 -12.23 -26.57 -34.39
N ASP C 59 -12.06 -27.62 -33.59
CA ASP C 59 -13.06 -28.66 -33.43
C ASP C 59 -14.17 -28.18 -32.47
N PHE C 60 -15.41 -28.17 -32.93
CA PHE C 60 -16.53 -27.72 -32.12
C PHE C 60 -17.34 -28.90 -31.60
N TYR C 61 -16.90 -30.11 -31.94
CA TYR C 61 -17.55 -31.31 -31.45
C TYR C 61 -17.00 -31.68 -30.07
N ARG C 62 -17.48 -30.99 -29.03
CA ARG C 62 -16.83 -31.01 -27.73
C ARG C 62 -17.78 -31.33 -26.61
N ASP C 63 -17.23 -31.69 -25.45
CA ASP C 63 -18.08 -32.11 -24.35
C ASP C 63 -18.61 -30.93 -23.52
N TRP C 64 -19.46 -31.27 -22.57
CA TRP C 64 -20.12 -30.29 -21.72
C TRP C 64 -19.17 -29.34 -20.99
N ALA C 65 -18.13 -29.91 -20.38
CA ALA C 65 -17.18 -29.11 -19.61
C ALA C 65 -16.48 -28.11 -20.53
N THR C 66 -16.20 -28.51 -21.75
CA THR C 66 -15.50 -27.64 -22.67
C THR C 66 -16.39 -26.48 -23.13
N TYR C 67 -17.65 -26.76 -23.43
CA TYR C 67 -18.60 -25.70 -23.78
C TYR C 67 -18.86 -24.75 -22.61
N LYS C 68 -18.76 -25.27 -21.40
CA LYS C 68 -19.01 -24.48 -20.20
C LYS C 68 -17.94 -23.38 -20.01
N GLN C 69 -16.67 -23.73 -20.19
CA GLN C 69 -15.58 -22.82 -19.94
C GLN C 69 -15.12 -22.04 -21.18
N GLY C 70 -15.47 -22.52 -22.37
CA GLY C 70 -15.12 -21.85 -23.61
C GLY C 70 -13.90 -22.47 -24.25
N PHE C 71 -13.76 -22.33 -25.57
CA PHE C 71 -12.62 -22.92 -26.24
C PHE C 71 -12.36 -22.25 -27.58
N GLY C 72 -11.19 -22.54 -28.15
CA GLY C 72 -10.82 -22.02 -29.43
C GLY C 72 -9.75 -20.96 -29.31
N SER C 73 -9.75 -20.02 -30.22
CA SER C 73 -8.61 -19.16 -30.38
C SER C 73 -9.03 -17.72 -30.67
N ARG C 74 -8.35 -16.77 -30.07
CA ARG C 74 -8.58 -15.37 -30.40
C ARG C 74 -8.18 -15.04 -31.83
N LEU C 75 -7.35 -15.89 -32.42
CA LEU C 75 -6.86 -15.63 -33.77
C LEU C 75 -7.89 -16.05 -34.81
N GLY C 76 -8.83 -16.90 -34.42
CA GLY C 76 -9.79 -17.43 -35.39
C GLY C 76 -11.08 -17.84 -34.73
N GLU C 77 -11.38 -19.12 -34.69
CA GLU C 77 -12.68 -19.61 -34.24
C GLU C 77 -12.74 -19.81 -32.73
N PHE C 78 -13.92 -19.60 -32.15
CA PHE C 78 -14.09 -19.83 -30.71
C PHE C 78 -15.53 -19.91 -30.27
N TRP C 79 -15.72 -20.37 -29.05
CA TRP C 79 -16.99 -20.32 -28.36
C TRP C 79 -16.64 -19.71 -27.01
N LEU C 80 -17.26 -18.57 -26.67
CA LEU C 80 -16.87 -17.81 -25.47
C LEU C 80 -16.99 -18.63 -24.17
N GLY C 81 -17.92 -19.57 -24.14
CA GLY C 81 -18.19 -20.33 -22.92
C GLY C 81 -19.57 -20.02 -22.37
N ASN C 82 -20.31 -21.07 -22.04
CA ASN C 82 -21.67 -20.91 -21.54
C ASN C 82 -21.76 -20.08 -20.26
N ASP C 83 -20.83 -20.29 -19.34
CA ASP C 83 -20.80 -19.48 -18.12
C ASP C 83 -20.68 -17.99 -18.44
N ASN C 84 -19.70 -17.65 -19.28
CA ASN C 84 -19.53 -16.28 -19.74
C ASN C 84 -20.74 -15.75 -20.48
N ILE C 85 -21.32 -16.58 -21.34
CA ILE C 85 -22.48 -16.13 -22.11
C ILE C 85 -23.64 -15.82 -21.18
N HIS C 86 -23.84 -16.66 -20.17
CA HIS C 86 -24.87 -16.41 -19.17
C HIS C 86 -24.57 -15.15 -18.38
N ALA C 87 -23.33 -15.01 -17.92
CA ALA C 87 -22.91 -13.82 -17.20
C ALA C 87 -23.17 -12.56 -18.03
N LEU C 88 -22.95 -12.63 -19.34
CA LEU C 88 -23.19 -11.50 -20.24
C LEU C 88 -24.65 -11.29 -20.63
N THR C 89 -25.55 -12.15 -20.21
CA THR C 89 -26.92 -12.07 -20.70
C THR C 89 -27.90 -12.01 -19.56
N ALA C 90 -27.48 -12.58 -18.43
CA ALA C 90 -28.26 -12.67 -17.18
C ALA C 90 -29.17 -11.47 -16.88
N GLN C 91 -28.54 -10.39 -16.42
CA GLN C 91 -29.29 -9.22 -15.98
C GLN C 91 -29.94 -8.67 -17.23
N GLY C 92 -30.62 -7.53 -17.14
CA GLY C 92 -31.20 -6.87 -18.32
C GLY C 92 -31.60 -7.81 -19.47
N THR C 93 -31.43 -7.30 -20.69
CA THR C 93 -31.61 -8.11 -21.89
C THR C 93 -30.85 -7.53 -23.09
N SER C 94 -30.24 -8.39 -23.89
CA SER C 94 -29.44 -7.94 -25.02
C SER C 94 -30.06 -8.45 -26.29
N GLU C 95 -29.87 -7.73 -27.39
CA GLU C 95 -30.22 -8.23 -28.70
C GLU C 95 -29.25 -9.33 -29.16
N LEU C 96 -29.73 -10.16 -30.08
CA LEU C 96 -28.91 -11.17 -30.75
C LEU C 96 -28.96 -10.94 -32.23
N ARG C 97 -27.78 -10.94 -32.84
CA ARG C 97 -27.71 -10.93 -34.28
C ARG C 97 -26.90 -12.15 -34.70
N THR C 98 -27.37 -12.83 -35.73
CA THR C 98 -26.56 -13.89 -36.33
C THR C 98 -26.18 -13.51 -37.74
N ASP C 99 -24.87 -13.50 -38.04
CA ASP C 99 -24.32 -13.16 -39.34
C ASP C 99 -23.74 -14.39 -40.04
N LEU C 100 -24.07 -14.57 -41.31
CA LEU C 100 -23.65 -15.78 -41.99
C LEU C 100 -23.13 -15.40 -43.37
N VAL C 101 -21.99 -15.96 -43.76
CA VAL C 101 -21.40 -15.69 -45.06
C VAL C 101 -21.24 -17.04 -45.76
N ASP C 102 -21.61 -17.09 -47.04
CA ASP C 102 -21.47 -18.31 -47.80
C ASP C 102 -20.17 -18.30 -48.59
N PHE C 103 -19.96 -19.27 -49.46
CA PHE C 103 -18.64 -19.36 -50.09
C PHE C 103 -18.52 -18.52 -51.36
N GLU C 104 -19.57 -17.79 -51.72
CA GLU C 104 -19.41 -16.72 -52.70
C GLU C 104 -19.41 -15.33 -52.05
N ASP C 105 -19.35 -15.30 -50.72
CA ASP C 105 -19.27 -14.06 -49.95
C ASP C 105 -20.60 -13.33 -49.83
N ASN C 106 -21.69 -13.99 -50.20
CA ASN C 106 -23.04 -13.49 -49.90
C ASN C 106 -23.34 -13.48 -48.39
N TYR C 107 -23.67 -12.32 -47.84
N TYR C 107 -23.64 -12.31 -47.82
CA TYR C 107 -23.96 -12.19 -46.40
CA TYR C 107 -23.98 -12.20 -46.40
C TYR C 107 -25.46 -12.29 -46.08
C TYR C 107 -25.47 -12.41 -46.15
N GLN C 108 -25.80 -12.96 -45.00
CA GLN C 108 -27.18 -13.00 -44.51
C GLN C 108 -27.16 -12.72 -43.02
N PHE C 109 -28.29 -12.38 -42.44
CA PHE C 109 -28.30 -12.19 -41.01
C PHE C 109 -29.67 -12.45 -40.45
N ALA C 110 -29.72 -12.76 -39.18
CA ALA C 110 -30.98 -12.79 -38.46
C ALA C 110 -30.82 -11.97 -37.17
N LYS C 111 -31.90 -11.37 -36.70
CA LYS C 111 -31.85 -10.47 -35.54
C LYS C 111 -33.02 -10.73 -34.57
N TYR C 112 -32.74 -10.79 -33.27
CA TYR C 112 -33.77 -11.11 -32.26
C TYR C 112 -33.83 -10.03 -31.17
N ARG C 113 -35.02 -9.65 -30.72
CA ARG C 113 -35.14 -8.51 -29.78
C ARG C 113 -34.31 -8.79 -28.56
N SER C 114 -34.46 -10.00 -28.04
CA SER C 114 -33.76 -10.31 -26.81
C SER C 114 -33.23 -11.74 -26.86
N PHE C 115 -32.20 -11.98 -26.06
CA PHE C 115 -31.54 -13.25 -26.03
C PHE C 115 -30.89 -13.40 -24.68
N LYS C 116 -31.09 -14.56 -24.07
CA LYS C 116 -30.42 -14.88 -22.82
C LYS C 116 -30.32 -16.37 -22.64
N VAL C 117 -29.26 -16.83 -21.98
CA VAL C 117 -29.18 -18.22 -21.58
C VAL C 117 -29.13 -18.32 -20.07
N ALA C 118 -29.96 -19.22 -19.54
CA ALA C 118 -30.04 -19.47 -18.11
C ALA C 118 -28.73 -20.09 -17.65
N ASP C 119 -28.58 -20.34 -16.35
CA ASP C 119 -27.31 -20.85 -15.86
C ASP C 119 -27.22 -22.38 -15.95
N GLU C 120 -26.12 -22.94 -15.44
CA GLU C 120 -25.87 -24.36 -15.58
C GLU C 120 -26.96 -25.23 -14.96
N ALA C 121 -27.47 -24.81 -13.80
CA ALA C 121 -28.53 -25.53 -13.12
C ALA C 121 -29.74 -25.69 -14.02
N GLU C 122 -29.92 -24.71 -14.91
CA GLU C 122 -31.03 -24.78 -15.84
C GLU C 122 -30.53 -25.23 -17.19
N LYS C 123 -29.32 -25.75 -17.20
CA LYS C 123 -28.79 -26.34 -18.40
C LYS C 123 -28.59 -25.30 -19.51
N TYR C 124 -28.27 -24.06 -19.13
CA TYR C 124 -28.08 -22.96 -20.09
C TYR C 124 -29.22 -22.93 -21.05
N ASN C 125 -30.41 -23.03 -20.50
CA ASN C 125 -31.64 -22.99 -21.23
C ASN C 125 -31.73 -21.69 -22.01
N LEU C 126 -32.24 -21.79 -23.22
CA LEU C 126 -32.28 -20.69 -24.15
C LEU C 126 -33.58 -19.94 -24.08
N VAL C 127 -33.48 -18.65 -23.77
CA VAL C 127 -34.61 -17.75 -23.69
C VAL C 127 -34.48 -16.71 -24.78
N LEU C 128 -35.29 -16.85 -25.83
CA LEU C 128 -35.19 -16.00 -27.00
C LEU C 128 -36.46 -15.19 -27.19
N GLY C 129 -36.29 -13.93 -27.59
CA GLY C 129 -37.38 -13.04 -27.91
C GLY C 129 -37.70 -13.10 -29.39
N ALA C 130 -38.54 -12.18 -29.85
CA ALA C 130 -39.15 -12.36 -31.17
C ALA C 130 -38.18 -12.08 -32.28
N PHE C 131 -38.39 -12.78 -33.39
CA PHE C 131 -37.65 -12.47 -34.57
C PHE C 131 -37.90 -11.01 -34.99
N VAL C 132 -36.82 -10.24 -35.02
CA VAL C 132 -36.78 -9.07 -35.94
C VAL C 132 -36.15 -9.59 -37.24
N GLU C 133 -35.70 -8.66 -38.08
CA GLU C 133 -35.96 -8.83 -39.55
C GLU C 133 -35.19 -9.88 -40.35
N GLY C 134 -33.90 -10.04 -40.07
CA GLY C 134 -32.94 -10.33 -41.20
C GLY C 134 -33.23 -11.32 -42.33
N SER C 135 -32.38 -11.30 -43.38
CA SER C 135 -32.61 -12.10 -44.60
C SER C 135 -32.34 -13.62 -44.45
N ALA C 136 -31.60 -14.02 -43.43
CA ALA C 136 -31.34 -15.43 -43.19
C ALA C 136 -32.62 -16.16 -42.83
N GLY C 137 -33.64 -15.39 -42.44
CA GLY C 137 -34.88 -15.97 -41.90
C GLY C 137 -34.72 -16.39 -40.45
N ASP C 138 -35.81 -16.83 -39.85
CA ASP C 138 -35.77 -17.22 -38.44
C ASP C 138 -35.65 -18.73 -38.24
N SER C 139 -34.49 -19.18 -37.77
CA SER C 139 -34.25 -20.58 -37.46
C SER C 139 -33.75 -20.75 -36.04
N LEU C 140 -34.20 -19.89 -35.13
CA LEU C 140 -33.78 -20.10 -33.76
C LEU C 140 -35.00 -20.16 -32.84
N THR C 141 -36.12 -19.63 -33.29
CA THR C 141 -37.29 -19.50 -32.42
C THR C 141 -37.75 -20.88 -32.01
N PHE C 142 -37.82 -21.77 -33.01
CA PHE C 142 -38.04 -23.21 -32.87
C PHE C 142 -37.29 -23.82 -31.67
N HIS C 143 -36.12 -23.27 -31.34
CA HIS C 143 -35.28 -23.82 -30.27
C HIS C 143 -35.50 -23.15 -28.94
N ASN C 144 -36.45 -22.23 -28.86
CA ASN C 144 -36.68 -21.56 -27.63
C ASN C 144 -37.05 -22.52 -26.46
N ASN C 145 -36.61 -22.17 -25.25
CA ASN C 145 -37.03 -22.91 -24.09
C ASN C 145 -36.54 -24.33 -24.18
N GLN C 146 -35.25 -24.52 -24.41
CA GLN C 146 -34.69 -25.85 -24.47
C GLN C 146 -33.27 -25.84 -23.92
N SER C 147 -32.92 -26.87 -23.17
CA SER C 147 -31.57 -26.89 -22.61
C SER C 147 -30.49 -27.05 -23.68
N PHE C 148 -29.27 -26.73 -23.31
CA PHE C 148 -28.15 -26.96 -24.18
C PHE C 148 -27.76 -28.44 -24.08
N SER C 149 -27.50 -29.10 -25.21
CA SER C 149 -27.05 -30.50 -25.21
C SER C 149 -25.65 -30.65 -25.77
N THR C 150 -24.80 -31.46 -25.14
CA THR C 150 -23.53 -31.84 -25.79
C THR C 150 -23.52 -33.35 -26.02
N LYS C 151 -22.53 -33.84 -26.76
CA LYS C 151 -22.43 -35.29 -26.93
C LYS C 151 -22.52 -36.03 -25.59
N ASP C 152 -21.89 -35.49 -24.54
CA ASP C 152 -21.92 -36.14 -23.21
C ASP C 152 -23.02 -35.70 -22.24
N GLN C 153 -23.87 -34.77 -22.63
CA GLN C 153 -24.99 -34.35 -21.78
C GLN C 153 -26.17 -34.11 -22.68
N ASP C 154 -26.87 -35.20 -22.88
CA ASP C 154 -28.02 -35.23 -23.73
C ASP C 154 -29.23 -34.69 -22.99
N ASN C 155 -29.70 -33.55 -23.39
CA ASN C 155 -30.91 -32.97 -22.82
C ASN C 155 -31.98 -32.74 -23.88
N ASP C 156 -31.91 -33.46 -25.00
CA ASP C 156 -32.82 -33.21 -26.10
C ASP C 156 -34.18 -33.91 -25.94
N LEU C 157 -35.04 -33.82 -26.94
CA LEU C 157 -36.34 -34.48 -26.89
C LEU C 157 -36.38 -35.62 -27.89
N ASN C 158 -35.24 -36.25 -28.11
CA ASN C 158 -35.11 -37.30 -29.09
C ASN C 158 -34.66 -38.52 -28.33
N THR C 159 -35.11 -39.69 -28.77
CA THR C 159 -34.71 -40.93 -28.10
C THR C 159 -33.21 -41.21 -28.27
N GLY C 160 -32.61 -40.64 -29.31
CA GLY C 160 -31.16 -40.74 -29.50
C GLY C 160 -30.44 -39.51 -28.94
N ASN C 161 -29.18 -39.35 -29.35
CA ASN C 161 -28.36 -38.24 -28.93
C ASN C 161 -28.16 -37.29 -30.14
N CYS C 162 -28.92 -36.19 -30.24
CA CYS C 162 -28.89 -35.33 -31.44
C CYS C 162 -27.47 -34.76 -31.66
N ALA C 163 -26.75 -34.50 -30.58
CA ALA C 163 -25.42 -33.92 -30.70
C ALA C 163 -24.50 -34.87 -31.41
N VAL C 164 -24.78 -36.15 -31.26
CA VAL C 164 -24.03 -37.18 -31.90
C VAL C 164 -24.58 -37.37 -33.29
N MET C 165 -25.89 -37.20 -33.43
CA MET C 165 -26.50 -37.37 -34.75
C MET C 165 -26.11 -36.27 -35.74
N PHE C 166 -25.86 -35.06 -35.25
CA PHE C 166 -25.54 -33.94 -36.13
C PHE C 166 -24.18 -33.33 -35.77
N GLN C 167 -23.44 -34.02 -34.88
CA GLN C 167 -22.09 -33.68 -34.54
C GLN C 167 -21.86 -32.19 -34.19
N GLY C 168 -22.62 -31.69 -33.22
CA GLY C 168 -22.41 -30.33 -32.71
C GLY C 168 -22.75 -30.23 -31.25
N ALA C 169 -23.12 -29.03 -30.80
CA ALA C 169 -23.66 -28.86 -29.45
C ALA C 169 -24.59 -27.67 -29.55
N TRP C 170 -25.84 -27.83 -29.14
CA TRP C 170 -26.83 -26.79 -29.35
C TRP C 170 -28.00 -27.09 -28.43
N TRP C 171 -28.98 -26.18 -28.52
CA TRP C 171 -30.23 -26.32 -27.81
C TRP C 171 -31.15 -27.24 -28.60
N TYR C 172 -30.71 -28.49 -28.79
CA TYR C 172 -31.42 -29.44 -29.65
C TYR C 172 -32.80 -29.86 -29.12
N LYS C 173 -33.81 -29.87 -29.99
CA LYS C 173 -35.10 -30.40 -29.59
C LYS C 173 -35.31 -31.79 -30.18
N ASN C 174 -35.99 -31.85 -31.34
CA ASN C 174 -36.14 -33.09 -32.11
C ASN C 174 -36.26 -32.73 -33.60
N CYS C 175 -35.13 -32.48 -34.26
CA CYS C 175 -33.86 -32.18 -33.59
C CYS C 175 -33.58 -30.66 -33.65
N HIS C 176 -33.46 -30.12 -34.88
CA HIS C 176 -32.96 -28.76 -35.04
C HIS C 176 -33.34 -28.10 -36.37
N THR C 177 -33.33 -26.77 -36.39
CA THR C 177 -33.38 -26.04 -37.65
C THR C 177 -32.17 -25.15 -37.88
N SER C 178 -31.28 -25.07 -36.89
CA SER C 178 -30.00 -24.39 -37.01
C SER C 178 -28.96 -25.19 -36.25
N ASN C 179 -27.72 -25.17 -36.72
CA ASN C 179 -26.68 -26.01 -36.16
C ASN C 179 -25.33 -25.32 -36.28
N LEU C 180 -25.25 -24.10 -35.80
CA LEU C 180 -24.09 -23.27 -36.04
C LEU C 180 -22.79 -23.78 -35.41
N ASN C 181 -22.89 -24.72 -34.47
CA ASN C 181 -21.71 -25.34 -33.91
C ASN C 181 -21.41 -26.71 -34.53
N GLY C 182 -22.00 -26.97 -35.70
CA GLY C 182 -21.78 -28.21 -36.43
C GLY C 182 -20.42 -28.27 -37.13
N ARG C 183 -20.23 -29.32 -37.91
CA ARG C 183 -18.94 -29.51 -38.58
C ARG C 183 -18.73 -28.51 -39.72
N TYR C 184 -17.50 -28.07 -39.87
CA TYR C 184 -17.16 -27.12 -40.92
C TYR C 184 -17.04 -27.85 -42.25
N LEU C 185 -18.16 -28.06 -42.93
CA LEU C 185 -18.15 -28.91 -44.12
C LEU C 185 -17.85 -28.18 -45.45
N ARG C 186 -17.76 -26.86 -45.41
CA ARG C 186 -17.33 -26.10 -46.60
C ARG C 186 -18.30 -26.15 -47.76
N GLY C 187 -19.45 -25.50 -47.67
CA GLY C 187 -20.34 -25.45 -48.81
C GLY C 187 -21.33 -26.59 -48.80
N THR C 188 -21.76 -27.02 -49.98
CA THR C 188 -22.79 -28.03 -50.07
C THR C 188 -22.23 -29.39 -49.64
N HIS C 189 -23.02 -30.14 -48.89
CA HIS C 189 -22.60 -31.44 -48.43
C HIS C 189 -23.77 -32.38 -48.55
N GLY C 190 -23.47 -33.63 -48.89
CA GLY C 190 -24.49 -34.66 -49.04
C GLY C 190 -25.05 -35.12 -47.70
N SER C 191 -24.19 -35.20 -46.69
CA SER C 191 -24.61 -35.58 -45.36
C SER C 191 -25.72 -34.63 -44.87
N PHE C 192 -26.58 -35.12 -44.00
CA PHE C 192 -27.78 -34.36 -43.66
C PHE C 192 -27.65 -33.57 -42.36
N ALA C 193 -27.70 -32.25 -42.50
CA ALA C 193 -27.88 -31.34 -41.38
C ALA C 193 -26.77 -31.35 -40.32
N ASN C 194 -25.58 -31.81 -40.68
CA ASN C 194 -24.50 -31.89 -39.71
C ASN C 194 -23.40 -30.84 -39.94
N GLY C 195 -23.69 -29.84 -40.76
CA GLY C 195 -22.74 -28.77 -40.99
C GLY C 195 -23.14 -27.50 -40.26
N ILE C 196 -22.48 -26.40 -40.59
CA ILE C 196 -22.84 -25.09 -40.04
C ILE C 196 -24.07 -24.62 -40.81
N ASN C 197 -25.23 -25.10 -40.37
CA ASN C 197 -26.47 -24.99 -41.15
C ASN C 197 -27.48 -24.07 -40.51
N TRP C 198 -28.27 -23.43 -41.36
CA TRP C 198 -29.35 -22.56 -40.95
C TRP C 198 -30.48 -22.83 -41.93
N LYS C 199 -31.53 -23.50 -41.48
CA LYS C 199 -32.55 -24.02 -42.39
C LYS C 199 -33.14 -22.97 -43.34
N SER C 200 -33.57 -21.84 -42.78
CA SER C 200 -34.24 -20.84 -43.60
C SER C 200 -33.25 -20.04 -44.43
N GLY C 201 -31.96 -20.28 -44.22
CA GLY C 201 -30.92 -19.61 -44.97
C GLY C 201 -30.53 -20.41 -46.19
N LYS C 202 -29.53 -21.26 -46.04
CA LYS C 202 -29.13 -22.02 -47.20
C LYS C 202 -29.47 -23.49 -47.03
N GLY C 203 -30.30 -23.78 -46.03
CA GLY C 203 -30.86 -25.11 -45.90
C GLY C 203 -30.02 -26.12 -45.12
N TYR C 204 -30.51 -27.35 -45.09
CA TYR C 204 -29.89 -28.43 -44.33
C TYR C 204 -28.65 -29.06 -44.99
N ASN C 205 -28.33 -28.65 -46.21
CA ASN C 205 -27.23 -29.27 -46.95
C ASN C 205 -26.18 -28.28 -47.41
N TYR C 206 -26.13 -27.13 -46.74
CA TYR C 206 -25.14 -26.11 -47.04
C TYR C 206 -24.48 -25.60 -45.77
N SER C 207 -23.16 -25.70 -45.72
CA SER C 207 -22.41 -25.30 -44.52
C SER C 207 -21.70 -23.97 -44.80
N TYR C 208 -22.04 -22.94 -44.03
CA TYR C 208 -21.50 -21.59 -44.24
C TYR C 208 -20.00 -21.52 -44.04
N LYS C 209 -19.40 -20.48 -44.60
CA LYS C 209 -17.98 -20.26 -44.48
C LYS C 209 -17.68 -19.50 -43.21
N VAL C 210 -18.53 -18.52 -42.92
CA VAL C 210 -18.40 -17.72 -41.72
C VAL C 210 -19.71 -17.73 -40.96
N SER C 211 -19.62 -17.87 -39.64
CA SER C 211 -20.78 -17.70 -38.78
C SER C 211 -20.35 -16.93 -37.53
N GLU C 212 -21.19 -16.00 -37.09
CA GLU C 212 -20.93 -15.23 -35.88
C GLU C 212 -22.23 -15.01 -35.11
N MET C 213 -22.19 -15.25 -33.81
CA MET C 213 -23.32 -14.94 -32.96
C MET C 213 -22.87 -13.88 -31.99
N LYS C 214 -23.64 -12.80 -31.86
CA LYS C 214 -23.20 -11.65 -31.08
C LYS C 214 -24.31 -10.93 -30.34
N VAL C 215 -23.97 -10.35 -29.20
CA VAL C 215 -24.97 -9.67 -28.38
C VAL C 215 -24.64 -8.20 -28.11
N ARG C 216 -25.69 -7.41 -27.91
CA ARG C 216 -25.57 -5.99 -27.61
C ARG C 216 -26.74 -5.53 -26.73
N PRO C 217 -26.48 -4.64 -25.75
CA PRO C 217 -27.55 -4.05 -24.95
C PRO C 217 -28.76 -3.69 -25.79
N ALA C 218 -29.94 -4.13 -25.34
CA ALA C 218 -31.16 -4.14 -26.16
C ALA C 218 -31.29 -2.97 -27.12
N PRO D 2 18.57 10.77 7.03
CA PRO D 2 17.67 11.92 7.26
C PRO D 2 16.27 11.66 6.70
N CYS D 3 15.33 11.33 7.57
CA CYS D 3 14.03 10.76 7.14
C CYS D 3 13.08 11.77 6.49
N LEU D 4 12.42 11.35 5.40
CA LEU D 4 11.43 12.19 4.73
C LEU D 4 9.99 11.85 5.14
N THR D 5 9.83 10.90 6.06
CA THR D 5 8.53 10.35 6.46
C THR D 5 7.81 11.14 7.56
N GLY D 6 8.35 11.03 8.77
CA GLY D 6 7.75 11.70 9.92
C GLY D 6 8.72 12.71 10.47
N PRO D 7 8.49 13.16 11.70
CA PRO D 7 9.36 14.18 12.27
C PRO D 7 10.73 13.59 12.65
N ARG D 8 11.78 14.35 12.34
CA ARG D 8 13.17 13.93 12.55
C ARG D 8 13.66 14.37 13.90
N THR D 9 12.99 15.37 14.45
CA THR D 9 13.49 16.00 15.66
C THR D 9 12.31 16.54 16.45
N CYS D 10 12.54 16.89 17.71
CA CYS D 10 11.52 17.57 18.47
C CYS D 10 11.21 18.94 17.86
N LYS D 11 12.21 19.53 17.21
CA LYS D 11 11.98 20.78 16.47
C LYS D 11 10.91 20.61 15.40
N ASP D 12 10.96 19.49 14.68
CA ASP D 12 9.93 19.20 13.69
C ASP D 12 8.55 19.14 14.32
N LEU D 13 8.44 18.44 15.44
CA LEU D 13 7.16 18.31 16.14
C LEU D 13 6.63 19.67 16.59
N LEU D 14 7.51 20.54 17.07
CA LEU D 14 7.09 21.87 17.45
C LEU D 14 6.49 22.61 16.26
N ASP D 15 7.13 22.52 15.10
CA ASP D 15 6.61 23.22 13.91
C ASP D 15 5.27 22.63 13.48
N ARG D 16 5.11 21.33 13.71
CA ARG D 16 3.86 20.65 13.40
C ARG D 16 2.76 20.94 14.44
N GLY D 17 2.98 21.92 15.31
CA GLY D 17 1.95 22.33 16.26
C GLY D 17 1.76 21.49 17.52
N HIS D 18 2.81 20.82 17.99
CA HIS D 18 2.79 20.19 19.32
C HIS D 18 3.44 21.12 20.32
N PHE D 19 2.65 21.69 21.21
CA PHE D 19 3.14 22.77 22.05
C PHE D 19 3.44 22.37 23.49
N LEU D 20 2.98 21.20 23.89
CA LEU D 20 3.19 20.71 25.25
C LEU D 20 4.40 19.78 25.27
N SER D 21 5.29 19.98 26.25
CA SER D 21 6.42 19.07 26.43
C SER D 21 5.89 17.67 26.73
N GLY D 22 6.65 16.66 26.31
CA GLY D 22 6.27 15.28 26.59
C GLY D 22 6.96 14.29 25.67
N TRP D 23 6.61 13.02 25.85
CA TRP D 23 7.22 11.96 25.08
C TRP D 23 6.54 11.82 23.74
N HIS D 24 7.32 11.90 22.67
CA HIS D 24 6.84 11.72 21.32
C HIS D 24 7.78 10.78 20.60
N THR D 25 7.30 10.11 19.57
CA THR D 25 8.17 9.27 18.78
C THR D 25 8.72 10.02 17.56
N ILE D 26 10.03 9.96 17.35
CA ILE D 26 10.66 10.55 16.18
C ILE D 26 11.32 9.48 15.36
N TYR D 27 11.90 9.93 14.24
CA TYR D 27 12.61 9.08 13.28
C TYR D 27 14.03 9.57 12.98
N LEU D 28 14.99 8.66 13.13
CA LEU D 28 16.40 8.96 13.00
C LEU D 28 16.97 8.71 11.60
N PRO D 29 18.11 7.98 11.48
CA PRO D 29 18.94 8.00 10.28
C PRO D 29 18.22 7.34 9.11
N ASP D 30 18.06 6.03 9.15
CA ASP D 30 17.30 5.35 8.11
C ASP D 30 15.86 5.20 8.55
N CYS D 31 15.37 6.25 9.20
CA CYS D 31 14.00 6.28 9.71
C CYS D 31 13.80 5.31 10.87
N ARG D 32 14.77 5.27 11.77
CA ARG D 32 14.63 4.48 12.97
C ARG D 32 13.78 5.28 13.94
N PRO D 33 12.67 4.67 14.40
CA PRO D 33 11.78 5.40 15.31
C PRO D 33 12.40 5.46 16.70
N LEU D 34 12.18 6.58 17.40
CA LEU D 34 12.69 6.76 18.74
C LEU D 34 11.72 7.62 19.56
N THR D 35 11.23 7.06 20.66
CA THR D 35 10.44 7.83 21.60
C THR D 35 11.37 8.70 22.46
N VAL D 36 11.13 9.99 22.45
CA VAL D 36 11.99 10.93 23.18
C VAL D 36 11.17 11.95 23.95
N LEU D 37 11.81 12.56 24.93
CA LEU D 37 11.22 13.66 25.66
C LEU D 37 11.55 14.96 24.93
N CYS D 38 10.50 15.62 24.44
CA CYS D 38 10.62 16.94 23.82
C CYS D 38 10.33 18.03 24.82
N ASP D 39 11.25 18.99 24.95
CA ASP D 39 10.98 20.17 25.74
C ASP D 39 10.54 21.28 24.80
N MET D 40 9.24 21.59 24.82
CA MET D 40 8.65 22.57 23.91
C MET D 40 8.61 23.95 24.51
N ASP D 41 9.14 24.08 25.71
CA ASP D 41 8.93 25.29 26.49
C ASP D 41 10.18 26.19 26.54
N THR D 42 11.30 25.60 26.95
CA THR D 42 12.53 26.34 27.17
C THR D 42 13.05 27.02 25.92
N ASP D 43 13.51 28.27 26.06
CA ASP D 43 14.32 28.94 25.04
C ASP D 43 13.84 28.64 23.62
N GLY D 44 12.59 28.96 23.33
CA GLY D 44 12.05 28.78 21.98
C GLY D 44 11.50 27.40 21.70
N GLY D 45 11.79 26.43 22.57
CA GLY D 45 11.25 25.07 22.43
C GLY D 45 11.93 24.26 21.34
N GLY D 46 11.51 23.00 21.21
CA GLY D 46 12.06 22.10 20.20
C GLY D 46 13.30 21.29 20.61
N TRP D 47 13.54 21.15 21.91
CA TRP D 47 14.71 20.42 22.41
C TRP D 47 14.42 18.94 22.64
N THR D 48 15.38 18.09 22.30
CA THR D 48 15.25 16.68 22.64
C THR D 48 16.08 16.42 23.88
N VAL D 49 15.43 15.99 24.96
CA VAL D 49 16.13 15.81 26.22
C VAL D 49 16.74 14.43 26.25
N PHE D 50 18.03 14.34 26.56
CA PHE D 50 18.68 13.03 26.60
C PHE D 50 19.16 12.65 28.00
N GLN D 51 19.07 13.59 28.94
CA GLN D 51 19.37 13.31 30.33
C GLN D 51 18.44 14.11 31.23
N ARG D 52 17.81 13.45 32.20
CA ARG D 52 17.01 14.13 33.23
C ARG D 52 17.27 13.62 34.67
N ARG D 53 17.55 14.54 35.59
CA ARG D 53 17.61 14.20 37.01
C ARG D 53 16.61 15.08 37.72
N VAL D 54 15.78 14.49 38.57
CA VAL D 54 14.71 15.26 39.15
C VAL D 54 14.48 14.96 40.64
N ASP D 55 14.67 13.71 41.06
CA ASP D 55 14.26 13.31 42.41
C ASP D 55 15.09 12.19 43.05
N GLY D 56 16.07 11.67 42.31
CA GLY D 56 16.98 10.67 42.87
C GLY D 56 16.40 9.27 42.90
N SER D 57 15.31 9.05 42.18
CA SER D 57 14.66 7.75 42.16
C SER D 57 15.40 6.69 41.33
N VAL D 58 16.26 7.13 40.41
CA VAL D 58 16.98 6.22 39.55
C VAL D 58 18.49 6.23 39.84
N ASP D 59 19.09 5.05 39.89
CA ASP D 59 20.51 4.90 40.09
C ASP D 59 21.26 5.17 38.78
N PHE D 60 22.17 6.14 38.79
CA PHE D 60 22.95 6.49 37.61
C PHE D 60 24.36 5.91 37.68
N TYR D 61 24.66 5.19 38.76
CA TYR D 61 25.95 4.56 38.90
C TYR D 61 25.94 3.20 38.21
N ARG D 62 26.08 3.20 36.88
CA ARG D 62 25.78 2.03 36.07
C ARG D 62 26.90 1.67 35.13
N ASP D 63 26.86 0.45 34.62
CA ASP D 63 27.95 -0.02 33.78
C ASP D 63 27.82 0.42 32.32
N TRP D 64 28.85 0.09 31.55
CA TRP D 64 28.95 0.47 30.14
C TRP D 64 27.75 0.05 29.31
N ALA D 65 27.35 -1.21 29.44
CA ALA D 65 26.25 -1.74 28.65
C ALA D 65 24.96 -0.98 28.95
N THR D 66 24.78 -0.59 30.20
CA THR D 66 23.58 0.11 30.59
C THR D 66 23.53 1.54 30.03
N TYR D 67 24.66 2.23 30.07
CA TYR D 67 24.75 3.56 29.46
C TYR D 67 24.60 3.52 27.96
N LYS D 68 25.01 2.42 27.36
CA LYS D 68 24.93 2.25 25.91
C LYS D 68 23.48 2.19 25.40
N GLN D 69 22.64 1.41 26.10
CA GLN D 69 21.27 1.21 25.65
C GLN D 69 20.26 2.18 26.29
N GLY D 70 20.64 2.83 27.38
CA GLY D 70 19.76 3.80 28.04
C GLY D 70 19.05 3.18 29.22
N PHE D 71 18.64 4.01 30.18
CA PHE D 71 17.98 3.48 31.36
C PHE D 71 17.16 4.55 32.06
N GLY D 72 16.31 4.10 32.98
CA GLY D 72 15.50 5.00 33.77
C GLY D 72 14.05 4.96 33.35
N SER D 73 13.37 6.07 33.50
CA SER D 73 11.92 6.05 33.43
C SER D 73 11.38 7.27 32.70
N ARG D 74 10.37 7.07 31.86
CA ARG D 74 9.71 8.20 31.25
C ARG D 74 8.97 9.06 32.26
N LEU D 75 8.71 8.51 33.44
CA LEU D 75 7.95 9.22 34.46
C LEU D 75 8.84 10.19 35.22
N GLY D 76 10.15 9.96 35.15
CA GLY D 76 11.08 10.78 35.93
C GLY D 76 12.45 10.84 35.33
N GLU D 77 13.44 10.23 35.96
CA GLU D 77 14.83 10.36 35.55
C GLU D 77 15.24 9.35 34.50
N PHE D 78 16.16 9.74 33.61
CA PHE D 78 16.64 8.80 32.60
C PHE D 78 17.92 9.26 31.92
N TRP D 79 18.54 8.33 31.20
CA TRP D 79 19.63 8.61 30.29
C TRP D 79 19.20 7.94 28.99
N LEU D 80 19.10 8.70 27.91
CA LEU D 80 18.53 8.18 26.65
C LEU D 80 19.29 6.98 26.09
N GLY D 81 20.60 6.92 26.37
CA GLY D 81 21.43 5.87 25.80
C GLY D 81 22.44 6.45 24.83
N ASN D 82 23.70 6.04 24.98
CA ASN D 82 24.78 6.55 24.14
C ASN D 82 24.58 6.28 22.66
N ASP D 83 24.10 5.08 22.32
CA ASP D 83 23.80 4.78 20.92
C ASP D 83 22.79 5.76 20.33
N ASN D 84 21.68 5.96 21.04
CA ASN D 84 20.67 6.92 20.65
C ASN D 84 21.22 8.34 20.57
N ILE D 85 22.03 8.72 21.55
CA ILE D 85 22.57 10.07 21.58
C ILE D 85 23.46 10.29 20.37
N HIS D 86 24.27 9.29 20.03
CA HIS D 86 25.11 9.36 18.84
C HIS D 86 24.26 9.43 17.57
N ALA D 87 23.28 8.57 17.49
CA ALA D 87 22.35 8.57 16.36
C ALA D 87 21.70 9.94 16.18
N LEU D 88 21.40 10.61 17.28
CA LEU D 88 20.68 11.87 17.22
C LEU D 88 21.60 13.00 16.78
N THR D 89 22.88 12.84 17.08
CA THR D 89 23.84 13.94 16.99
C THR D 89 24.82 13.73 15.83
N ALA D 90 25.07 12.48 15.49
CA ALA D 90 26.11 12.14 14.52
C ALA D 90 26.12 13.12 13.36
N GLN D 91 25.14 12.98 12.47
CA GLN D 91 25.13 13.77 11.25
C GLN D 91 24.86 15.21 11.59
N GLY D 92 25.93 15.98 11.81
CA GLY D 92 25.81 17.44 11.74
C GLY D 92 26.09 18.23 12.99
N THR D 93 25.26 19.25 13.20
CA THR D 93 25.39 20.13 14.36
C THR D 93 24.06 20.38 15.07
N SER D 94 23.95 19.75 16.23
CA SER D 94 22.90 20.05 17.16
C SER D 94 23.56 20.86 18.27
N GLU D 95 22.97 22.00 18.61
CA GLU D 95 23.41 22.76 19.76
C GLU D 95 22.95 22.03 21.05
N LEU D 96 23.66 22.26 22.14
CA LEU D 96 23.39 21.66 23.44
C LEU D 96 22.92 22.70 24.39
N ARG D 97 21.94 22.36 25.22
CA ARG D 97 21.62 23.25 26.33
C ARG D 97 21.44 22.47 27.59
N THR D 98 22.06 22.94 28.67
CA THR D 98 22.03 22.27 29.95
C THR D 98 21.23 23.13 30.90
N ASP D 99 20.21 22.57 31.54
CA ASP D 99 19.43 23.31 32.53
C ASP D 99 19.72 22.82 33.96
N LEU D 100 19.82 23.76 34.89
CA LEU D 100 20.20 23.42 36.25
C LEU D 100 19.37 24.19 37.25
N VAL D 101 18.59 23.47 38.05
CA VAL D 101 17.82 24.09 39.11
C VAL D 101 18.35 23.60 40.45
N ASP D 102 18.50 24.48 41.42
CA ASP D 102 18.93 24.04 42.74
C ASP D 102 17.76 23.95 43.74
N PHE D 103 18.08 23.64 44.99
CA PHE D 103 17.05 23.37 46.00
C PHE D 103 16.31 24.59 46.56
N GLU D 104 16.84 25.78 46.31
CA GLU D 104 16.11 26.98 46.63
C GLU D 104 15.46 27.55 45.39
N ASP D 105 15.23 26.68 44.42
CA ASP D 105 14.53 27.00 43.18
C ASP D 105 15.12 28.14 42.36
N ASN D 106 16.42 28.09 42.11
CA ASN D 106 17.00 29.03 41.17
C ASN D 106 17.37 28.29 39.90
N TYR D 107 16.99 28.87 38.75
CA TYR D 107 17.25 28.27 37.44
C TYR D 107 18.50 28.86 36.83
N GLN D 108 19.44 28.01 36.44
CA GLN D 108 20.59 28.45 35.68
C GLN D 108 20.71 27.61 34.41
N PHE D 109 21.64 27.97 33.53
CA PHE D 109 21.88 27.20 32.32
C PHE D 109 23.20 27.53 31.64
N ALA D 110 23.58 26.66 30.72
CA ALA D 110 24.80 26.80 29.93
C ALA D 110 24.39 26.43 28.54
N LYS D 111 24.93 27.07 27.53
CA LYS D 111 24.59 26.71 26.16
C LYS D 111 25.81 26.64 25.27
N TYR D 112 25.86 25.58 24.45
CA TYR D 112 26.98 25.32 23.58
C TYR D 112 26.53 25.19 22.13
N ARG D 113 27.33 25.83 21.26
CA ARG D 113 27.05 26.02 19.84
C ARG D 113 26.86 24.72 19.04
N SER D 114 27.65 23.69 19.34
CA SER D 114 27.46 22.37 18.76
C SER D 114 27.86 21.29 19.76
N PHE D 115 27.31 20.11 19.58
CA PHE D 115 27.52 19.02 20.48
C PHE D 115 27.31 17.73 19.70
N LYS D 116 28.23 16.80 19.85
CA LYS D 116 28.08 15.50 19.26
C LYS D 116 28.89 14.47 20.02
N VAL D 117 28.41 13.23 20.06
CA VAL D 117 29.22 12.14 20.59
C VAL D 117 29.48 11.12 19.50
N ALA D 118 30.74 10.72 19.39
CA ALA D 118 31.19 9.73 18.41
C ALA D 118 30.57 8.39 18.78
N ASP D 119 30.81 7.37 17.96
CA ASP D 119 30.16 6.09 18.22
C ASP D 119 30.96 5.22 19.20
N GLU D 120 30.48 4.00 19.45
CA GLU D 120 31.08 3.13 20.45
C GLU D 120 32.56 2.83 20.18
N ALA D 121 32.90 2.62 18.91
CA ALA D 121 34.28 2.35 18.52
C ALA D 121 35.20 3.50 18.97
N GLU D 122 34.71 4.73 18.96
CA GLU D 122 35.47 5.83 19.54
C GLU D 122 35.16 6.03 21.01
N LYS D 123 34.47 5.06 21.59
CA LYS D 123 34.14 5.06 23.02
C LYS D 123 33.25 6.25 23.36
N TYR D 124 32.40 6.62 22.40
CA TYR D 124 31.46 7.73 22.55
C TYR D 124 32.21 9.02 22.87
N ASN D 125 33.29 9.27 22.14
CA ASN D 125 34.08 10.48 22.36
C ASN D 125 33.21 11.72 22.24
N LEU D 126 33.50 12.73 23.04
CA LEU D 126 32.73 13.95 23.10
C LEU D 126 33.31 15.06 22.22
N VAL D 127 32.50 15.51 21.26
CA VAL D 127 32.88 16.63 20.40
C VAL D 127 32.00 17.85 20.67
N LEU D 128 32.60 18.87 21.26
CA LEU D 128 31.81 19.97 21.76
C LEU D 128 32.22 21.30 21.12
N GLY D 129 31.26 22.04 20.57
CA GLY D 129 31.53 23.39 20.06
C GLY D 129 31.69 24.43 21.16
N ALA D 130 31.72 25.71 20.79
CA ALA D 130 32.05 26.79 21.73
C ALA D 130 30.96 27.11 22.77
N PHE D 131 31.38 27.44 23.99
CA PHE D 131 30.44 27.98 24.97
C PHE D 131 29.83 29.25 24.39
N VAL D 132 28.50 29.33 24.43
CA VAL D 132 27.81 30.51 23.90
C VAL D 132 27.46 31.46 25.03
N GLU D 133 26.47 31.11 25.84
CA GLU D 133 26.01 31.98 26.91
C GLU D 133 25.56 31.14 28.12
N GLY D 134 25.11 31.79 29.19
CA GLY D 134 24.57 31.08 30.35
C GLY D 134 25.14 31.45 31.71
N SER D 135 24.24 31.65 32.66
CA SER D 135 24.59 32.04 34.03
C SER D 135 25.26 30.92 34.82
N ALA D 136 25.12 29.69 34.37
CA ALA D 136 25.79 28.57 35.02
C ALA D 136 27.30 28.59 34.77
N GLY D 137 27.72 29.26 33.70
CA GLY D 137 29.12 29.24 33.35
C GLY D 137 29.47 27.95 32.62
N ASP D 138 30.70 27.85 32.16
CA ASP D 138 31.08 26.75 31.30
C ASP D 138 31.89 25.69 32.03
N SER D 139 31.31 24.51 32.22
CA SER D 139 32.04 23.40 32.81
C SER D 139 31.93 22.16 31.96
N LEU D 140 31.96 22.33 30.64
CA LEU D 140 31.92 21.18 29.79
C LEU D 140 33.08 21.21 28.78
N THR D 141 33.51 22.43 28.45
CA THR D 141 34.65 22.65 27.57
C THR D 141 35.83 21.82 27.99
N PHE D 142 36.17 21.95 29.26
CA PHE D 142 37.25 21.20 29.84
C PHE D 142 37.22 19.75 29.43
N HIS D 143 36.02 19.17 29.28
CA HIS D 143 35.89 17.74 28.98
C HIS D 143 35.98 17.41 27.50
N ASN D 144 36.14 18.42 26.67
CA ASN D 144 36.18 18.19 25.23
C ASN D 144 37.23 17.16 24.78
N ASN D 145 36.86 16.39 23.77
CA ASN D 145 37.72 15.39 23.15
C ASN D 145 38.00 14.14 24.00
N GLN D 146 37.17 13.91 25.02
CA GLN D 146 37.42 12.77 25.92
C GLN D 146 36.44 11.62 25.78
N SER D 147 36.95 10.39 25.91
CA SER D 147 36.09 9.21 25.88
C SER D 147 35.09 9.18 27.04
N PHE D 148 33.97 8.51 26.83
CA PHE D 148 33.04 8.24 27.92
C PHE D 148 33.62 7.19 28.87
N SER D 149 33.34 7.31 30.16
CA SER D 149 33.78 6.31 31.13
C SER D 149 32.66 5.87 32.06
N THR D 150 32.58 4.55 32.25
CA THR D 150 31.74 3.98 33.27
C THR D 150 32.64 3.29 34.27
N LYS D 151 32.02 2.83 35.36
CA LYS D 151 32.78 2.19 36.43
C LYS D 151 33.45 0.89 35.96
N ASP D 152 32.97 0.32 34.87
CA ASP D 152 33.50 -0.97 34.42
C ASP D 152 34.25 -0.80 33.11
N GLN D 153 34.56 0.46 32.80
CA GLN D 153 35.25 0.80 31.57
C GLN D 153 36.00 2.09 31.77
N ASP D 154 37.29 1.97 32.03
CA ASP D 154 38.11 3.12 32.39
C ASP D 154 38.84 3.66 31.15
N ASN D 155 38.46 4.86 30.74
CA ASN D 155 39.06 5.47 29.56
C ASN D 155 39.55 6.87 29.91
N ASP D 156 39.77 7.12 31.20
CA ASP D 156 40.19 8.44 31.62
C ASP D 156 41.72 8.65 31.60
N LEU D 157 42.14 9.88 31.88
CA LEU D 157 43.55 10.23 31.93
C LEU D 157 43.95 10.38 33.40
N ASN D 158 43.45 9.45 34.22
CA ASN D 158 43.80 9.35 35.62
C ASN D 158 44.29 7.93 35.85
N THR D 159 45.38 7.79 36.61
CA THR D 159 45.96 6.48 36.90
C THR D 159 44.89 5.52 37.44
N GLY D 160 44.07 6.01 38.36
CA GLY D 160 42.96 5.24 38.92
C GLY D 160 41.68 5.37 38.10
N ASN D 161 40.54 5.27 38.77
CA ASN D 161 39.25 5.29 38.08
C ASN D 161 38.39 6.49 38.51
N CYS D 162 38.16 7.45 37.62
CA CYS D 162 37.35 8.60 38.02
C CYS D 162 35.88 8.23 38.27
N ALA D 163 35.32 7.34 37.45
CA ALA D 163 33.91 6.98 37.58
C ALA D 163 33.58 6.39 38.95
N VAL D 164 34.51 5.60 39.49
CA VAL D 164 34.35 5.00 40.80
C VAL D 164 34.54 6.03 41.90
N MET D 165 35.61 6.82 41.81
CA MET D 165 35.88 7.89 42.75
C MET D 165 34.76 8.94 42.82
N PHE D 166 34.17 9.27 41.68
CA PHE D 166 33.20 10.34 41.64
C PHE D 166 31.77 9.89 41.37
N GLN D 167 31.57 8.57 41.36
CA GLN D 167 30.25 7.95 41.49
C GLN D 167 29.24 8.41 40.45
N GLY D 168 29.65 8.37 39.18
CA GLY D 168 28.80 8.74 38.07
C GLY D 168 29.41 8.19 36.80
N ALA D 169 28.94 8.68 35.65
CA ALA D 169 29.49 8.28 34.37
C ALA D 169 29.60 9.53 33.50
N TRP D 170 30.72 9.70 32.79
CA TRP D 170 31.05 10.99 32.16
C TRP D 170 32.29 10.94 31.27
N TRP D 171 32.56 12.07 30.61
CA TRP D 171 33.78 12.18 29.81
C TRP D 171 34.91 12.70 30.71
N TYR D 172 35.42 11.81 31.56
CA TYR D 172 36.36 12.14 32.61
C TYR D 172 37.79 12.31 32.10
N LYS D 173 38.46 13.38 32.54
CA LYS D 173 39.92 13.55 32.44
C LYS D 173 40.49 13.33 33.84
N ASN D 174 41.31 14.25 34.34
CA ASN D 174 41.82 14.15 35.73
C ASN D 174 41.40 15.27 36.69
N CYS D 175 40.17 15.25 37.21
CA CYS D 175 39.15 14.27 36.82
C CYS D 175 37.96 14.92 36.12
N HIS D 176 37.32 15.89 36.77
CA HIS D 176 36.13 16.49 36.18
C HIS D 176 35.82 17.91 36.66
N THR D 177 34.98 18.61 35.90
CA THR D 177 34.52 19.95 36.28
C THR D 177 33.00 19.98 36.24
N SER D 178 32.44 18.88 35.74
CA SER D 178 31.01 18.65 35.79
C SER D 178 30.77 17.16 35.96
N ASN D 179 29.68 16.80 36.63
CA ASN D 179 29.43 15.41 36.97
C ASN D 179 27.94 15.16 37.03
N LEU D 180 27.23 15.52 35.97
CA LEU D 180 25.78 15.52 35.98
C LEU D 180 25.15 14.13 36.15
N ASN D 181 25.93 13.07 35.95
CA ASN D 181 25.42 11.73 36.21
C ASN D 181 25.87 11.18 37.56
N GLY D 182 26.31 12.08 38.43
CA GLY D 182 26.74 11.69 39.78
C GLY D 182 25.59 11.36 40.72
N ARG D 183 25.91 11.14 41.99
CA ARG D 183 24.88 10.77 42.94
C ARG D 183 23.96 11.93 43.30
N TYR D 184 22.69 11.62 43.50
CA TYR D 184 21.71 12.63 43.83
C TYR D 184 21.82 12.97 45.32
N LEU D 185 22.73 13.88 45.66
CA LEU D 185 23.03 14.13 47.07
C LEU D 185 22.17 15.21 47.75
N ARG D 186 21.32 15.90 46.97
CA ARG D 186 20.35 16.84 47.55
C ARG D 186 20.97 18.05 48.21
N GLY D 187 21.53 18.97 47.46
CA GLY D 187 22.04 20.19 48.07
C GLY D 187 23.49 20.06 48.46
N THR D 188 23.88 20.78 49.50
CA THR D 188 25.29 20.81 49.86
C THR D 188 25.69 19.47 50.48
N HIS D 189 26.88 19.01 50.12
CA HIS D 189 27.37 17.74 50.65
C HIS D 189 28.84 17.90 50.97
N GLY D 190 29.27 17.24 52.05
CA GLY D 190 30.66 17.29 52.48
C GLY D 190 31.57 16.51 51.58
N SER D 191 31.10 15.37 51.07
CA SER D 191 31.88 14.56 50.15
C SER D 191 32.28 15.38 48.93
N PHE D 192 33.39 15.02 48.32
CA PHE D 192 33.96 15.89 47.30
C PHE D 192 33.61 15.47 45.87
N ALA D 193 32.85 16.34 45.20
CA ALA D 193 32.66 16.26 43.75
C ALA D 193 31.94 15.01 43.26
N ASN D 194 31.20 14.32 44.12
CA ASN D 194 30.52 13.09 43.69
C ASN D 194 29.01 13.24 43.57
N GLY D 195 28.53 14.48 43.53
CA GLY D 195 27.10 14.73 43.34
C GLY D 195 26.81 15.21 41.94
N ILE D 196 25.60 15.69 41.73
CA ILE D 196 25.22 16.28 40.45
C ILE D 196 25.80 17.69 40.44
N ASN D 197 27.08 17.77 40.07
CA ASN D 197 27.88 18.96 40.27
C ASN D 197 28.26 19.65 38.97
N TRP D 198 28.38 20.97 39.05
CA TRP D 198 28.80 21.80 37.92
C TRP D 198 29.71 22.87 38.53
N LYS D 199 31.02 22.75 38.30
CA LYS D 199 31.98 23.58 39.02
C LYS D 199 31.70 25.07 38.97
N SER D 200 31.48 25.60 37.77
CA SER D 200 31.30 27.04 37.64
C SER D 200 29.91 27.48 38.09
N GLY D 201 29.06 26.52 38.41
CA GLY D 201 27.71 26.82 38.87
C GLY D 201 27.68 26.90 40.38
N LYS D 202 27.42 25.78 41.04
CA LYS D 202 27.39 25.82 42.48
C LYS D 202 28.57 25.11 43.15
N GLY D 203 29.50 24.60 42.34
CA GLY D 203 30.74 24.02 42.86
C GLY D 203 30.73 22.52 43.06
N TYR D 204 31.84 22.03 43.62
CA TYR D 204 32.06 20.60 43.82
C TYR D 204 31.33 20.00 45.03
N ASN D 205 30.65 20.82 45.82
CA ASN D 205 30.01 20.33 47.03
C ASN D 205 28.52 20.65 47.09
N TYR D 206 27.92 20.87 45.92
CA TYR D 206 26.49 21.14 45.83
C TYR D 206 25.88 20.29 44.73
N SER D 207 24.86 19.51 45.08
CA SER D 207 24.21 18.62 44.14
C SER D 207 22.84 19.20 43.78
N TYR D 208 22.63 19.50 42.49
CA TYR D 208 21.41 20.13 42.02
C TYR D 208 20.18 19.27 42.21
N LYS D 209 19.02 19.91 42.20
CA LYS D 209 17.77 19.21 42.36
C LYS D 209 17.27 18.72 41.02
N VAL D 210 17.45 19.56 40.00
CA VAL D 210 17.06 19.22 38.65
C VAL D 210 18.25 19.42 37.72
N SER D 211 18.45 18.48 36.82
CA SER D 211 19.42 18.65 35.74
C SER D 211 18.82 18.12 34.44
N GLU D 212 19.04 18.83 33.34
CA GLU D 212 18.58 18.40 32.03
C GLU D 212 19.60 18.73 30.97
N MET D 213 19.90 17.76 30.12
CA MET D 213 20.77 18.01 28.98
C MET D 213 19.95 17.79 27.73
N LYS D 214 19.98 18.75 26.81
CA LYS D 214 19.07 18.71 25.67
C LYS D 214 19.69 19.25 24.37
N VAL D 215 19.26 18.71 23.24
CA VAL D 215 19.80 19.14 21.96
C VAL D 215 18.73 19.65 20.99
N ARG D 216 19.16 20.53 20.10
CA ARG D 216 18.30 21.13 19.09
C ARG D 216 19.12 21.45 17.82
N PRO D 217 18.58 21.16 16.62
CA PRO D 217 19.27 21.59 15.38
C PRO D 217 19.63 23.06 15.48
N ALA D 218 20.91 23.40 15.29
CA ALA D 218 21.41 24.78 15.45
C ALA D 218 20.79 25.79 14.46
N ASN E 1 -5.87 -7.56 14.20
CA ASN E 1 -4.73 -8.50 14.41
C ASN E 1 -3.82 -8.22 15.65
N PRO E 2 -3.98 -7.04 16.30
CA PRO E 2 -2.98 -6.57 17.27
C PRO E 2 -2.62 -7.56 18.39
N CYS E 3 -3.64 -8.21 18.96
CA CYS E 3 -3.49 -9.07 20.13
C CYS E 3 -2.52 -10.24 19.88
N LEU E 4 -2.53 -10.73 18.67
CA LEU E 4 -1.77 -11.93 18.35
C LEU E 4 -0.27 -11.70 18.32
N THR E 5 0.17 -10.54 17.86
CA THR E 5 1.61 -10.28 17.78
C THR E 5 2.12 -9.30 18.87
N GLY E 6 1.15 -8.74 19.58
CA GLY E 6 1.40 -7.76 20.61
C GLY E 6 1.96 -8.36 21.87
N PRO E 7 2.48 -7.51 22.75
CA PRO E 7 3.05 -8.01 24.00
C PRO E 7 1.98 -8.43 25.02
N ARG E 8 2.32 -9.43 25.80
CA ARG E 8 1.40 -9.94 26.80
C ARG E 8 1.77 -9.42 28.18
N THR E 9 3.07 -9.29 28.42
CA THR E 9 3.58 -8.89 29.70
C THR E 9 4.61 -7.79 29.50
N CYS E 10 4.98 -7.10 30.58
CA CYS E 10 6.07 -6.16 30.50
C CYS E 10 7.38 -6.89 30.19
N LYS E 11 7.49 -8.15 30.61
CA LYS E 11 8.63 -8.97 30.23
C LYS E 11 8.76 -9.10 28.72
N ASP E 12 7.64 -9.30 28.04
CA ASP E 12 7.64 -9.33 26.57
C ASP E 12 8.20 -8.05 25.98
N LEU E 13 7.72 -6.91 26.48
CA LEU E 13 8.17 -5.63 25.99
C LEU E 13 9.67 -5.42 26.21
N LEU E 14 10.18 -5.87 27.35
CA LEU E 14 11.61 -5.77 27.61
C LEU E 14 12.38 -6.55 26.55
N ASP E 15 11.91 -7.73 26.20
CA ASP E 15 12.54 -8.50 25.14
C ASP E 15 12.41 -7.82 23.79
N ARG E 16 11.36 -7.04 23.60
CA ARG E 16 11.19 -6.34 22.35
C ARG E 16 12.14 -5.16 22.24
N GLY E 17 12.98 -4.98 23.24
CA GLY E 17 13.86 -3.81 23.22
C GLY E 17 13.29 -2.49 23.73
N HIS E 18 12.33 -2.53 24.65
CA HIS E 18 11.89 -1.33 25.37
C HIS E 18 12.61 -1.26 26.70
N PHE E 19 13.54 -0.32 26.84
CA PHE E 19 14.43 -0.33 27.99
C PHE E 19 14.10 0.70 29.06
N LEU E 20 13.24 1.65 28.72
CA LEU E 20 12.86 2.69 29.67
C LEU E 20 11.55 2.31 30.35
N SER E 21 11.50 2.45 31.68
CA SER E 21 10.25 2.25 32.40
C SER E 21 9.18 3.22 31.93
N GLY E 22 7.93 2.81 31.96
CA GLY E 22 6.84 3.68 31.56
C GLY E 22 5.57 2.92 31.22
N TRP E 23 4.56 3.67 30.81
CA TRP E 23 3.26 3.11 30.52
C TRP E 23 3.25 2.54 29.11
N HIS E 24 2.91 1.26 28.99
CA HIS E 24 2.78 0.60 27.71
C HIS E 24 1.48 -0.18 27.72
N THR E 25 0.93 -0.44 26.53
CA THR E 25 -0.25 -1.27 26.47
C THR E 25 0.11 -2.74 26.21
N ILE E 26 -0.47 -3.64 27.00
CA ILE E 26 -0.28 -5.07 26.81
C ILE E 26 -1.62 -5.70 26.52
N TYR E 27 -1.62 -6.96 26.18
CA TYR E 27 -2.87 -7.62 25.91
C TYR E 27 -3.03 -8.70 26.92
N LEU E 28 -4.17 -8.66 27.59
CA LEU E 28 -4.51 -9.68 28.56
C LEU E 28 -4.96 -10.95 27.82
N PRO E 29 -4.97 -12.08 28.51
CA PRO E 29 -5.30 -13.38 27.91
C PRO E 29 -6.55 -13.37 27.04
N ASP E 30 -7.52 -12.53 27.38
CA ASP E 30 -8.73 -12.45 26.56
C ASP E 30 -8.65 -11.29 25.55
N CYS E 31 -7.44 -10.76 25.38
CA CYS E 31 -7.17 -9.69 24.43
C CYS E 31 -7.66 -8.32 24.89
N ARG E 32 -7.98 -8.18 26.16
CA ARG E 32 -8.31 -6.88 26.61
C ARG E 32 -6.98 -6.12 26.65
N PRO E 33 -6.89 -5.05 25.86
CA PRO E 33 -5.77 -4.13 26.00
C PRO E 33 -5.82 -3.30 27.30
N LEU E 34 -4.70 -3.30 28.03
CA LEU E 34 -4.58 -2.66 29.32
C LEU E 34 -3.28 -1.91 29.29
N THR E 35 -3.32 -0.62 29.64
CA THR E 35 -2.13 0.21 29.72
C THR E 35 -1.53 0.04 31.09
N VAL E 36 -0.31 -0.49 31.17
CA VAL E 36 0.30 -0.75 32.46
C VAL E 36 1.63 -0.04 32.61
N LEU E 37 2.06 0.13 33.85
CA LEU E 37 3.36 0.65 34.15
C LEU E 37 4.35 -0.51 34.19
N CYS E 38 5.31 -0.49 33.27
CA CYS E 38 6.40 -1.44 33.24
C CYS E 38 7.62 -0.89 33.93
N ASP E 39 8.17 -1.65 34.88
CA ASP E 39 9.44 -1.30 35.48
C ASP E 39 10.54 -2.10 34.79
N MET E 40 11.31 -1.44 33.93
CA MET E 40 12.33 -2.09 33.12
C MET E 40 13.69 -2.07 33.80
N ASP E 41 13.74 -1.53 35.00
CA ASP E 41 15.00 -1.22 35.64
C ASP E 41 15.36 -2.20 36.77
N THR E 42 14.44 -2.35 37.72
CA THR E 42 14.68 -3.16 38.91
C THR E 42 14.97 -4.62 38.60
N ASP E 43 15.95 -5.17 39.31
CA ASP E 43 16.15 -6.62 39.36
C ASP E 43 15.90 -7.32 38.02
N GLY E 44 16.65 -6.91 37.00
CA GLY E 44 16.54 -7.54 35.68
C GLY E 44 15.44 -6.98 34.79
N GLY E 45 14.55 -6.18 35.36
CA GLY E 45 13.48 -5.53 34.59
C GLY E 45 12.36 -6.46 34.18
N GLY E 46 11.35 -5.91 33.52
CA GLY E 46 10.21 -6.68 33.04
C GLY E 46 9.04 -6.82 34.01
N TRP E 47 8.96 -5.95 35.02
CA TRP E 47 7.90 -6.02 36.02
C TRP E 47 6.67 -5.19 35.64
N THR E 48 5.49 -5.71 35.92
CA THR E 48 4.27 -4.95 35.73
C THR E 48 3.86 -4.40 37.10
N VAL E 49 3.83 -3.08 37.24
CA VAL E 49 3.52 -2.49 38.52
C VAL E 49 2.03 -2.37 38.69
N PHE E 50 1.48 -2.85 39.79
CA PHE E 50 0.04 -2.78 39.99
C PHE E 50 -0.34 -1.89 41.18
N GLN E 51 0.65 -1.46 41.94
CA GLN E 51 0.43 -0.49 43.01
C GLN E 51 1.63 0.44 43.13
N ARG E 52 1.39 1.75 43.30
CA ARG E 52 2.50 2.70 43.46
C ARG E 52 2.07 3.86 44.35
N ARG E 53 2.82 4.08 45.43
CA ARG E 53 2.64 5.21 46.34
C ARG E 53 3.90 6.04 46.27
N VAL E 54 3.77 7.34 46.10
CA VAL E 54 4.96 8.15 45.90
C VAL E 54 4.93 9.49 46.64
N ASP E 55 3.75 10.11 46.78
CA ASP E 55 3.68 11.48 47.29
C ASP E 55 2.41 11.83 48.06
N GLY E 56 1.47 10.90 48.16
CA GLY E 56 0.27 11.11 48.96
C GLY E 56 -0.80 11.92 48.25
N SER E 57 -0.66 12.09 46.94
CA SER E 57 -1.61 12.89 46.18
C SER E 57 -2.95 12.19 45.92
N VAL E 58 -2.96 10.86 46.03
CA VAL E 58 -4.18 10.09 45.78
C VAL E 58 -4.70 9.44 47.06
N ASP E 59 -6.01 9.51 47.25
CA ASP E 59 -6.68 8.89 48.40
C ASP E 59 -6.86 7.38 48.13
N PHE E 60 -6.31 6.55 49.01
CA PHE E 60 -6.42 5.10 48.86
C PHE E 60 -7.47 4.52 49.79
N TYR E 61 -8.12 5.39 50.55
CA TYR E 61 -9.19 4.95 51.44
C TYR E 61 -10.51 4.88 50.67
N ARG E 62 -10.71 3.82 49.90
CA ARG E 62 -11.75 3.77 48.90
C ARG E 62 -12.61 2.54 49.00
N ASP E 63 -13.77 2.58 48.36
CA ASP E 63 -14.71 1.48 48.48
C ASP E 63 -14.41 0.32 47.54
N TRP E 64 -15.19 -0.75 47.70
CA TRP E 64 -15.03 -1.97 46.94
C TRP E 64 -15.04 -1.76 45.42
N ALA E 65 -16.03 -1.02 44.94
CA ALA E 65 -16.18 -0.81 43.51
C ALA E 65 -14.96 -0.08 42.95
N THR E 66 -14.40 0.84 43.73
CA THR E 66 -13.26 1.60 43.27
C THR E 66 -11.99 0.74 43.19
N TYR E 67 -11.77 -0.12 44.18
CA TYR E 67 -10.65 -1.05 44.14
C TYR E 67 -10.80 -2.09 43.03
N LYS E 68 -12.03 -2.40 42.68
CA LYS E 68 -12.31 -3.39 41.64
C LYS E 68 -11.88 -2.89 40.25
N GLN E 69 -12.18 -1.64 39.93
CA GLN E 69 -11.90 -1.10 38.61
C GLN E 69 -10.56 -0.36 38.52
N GLY E 70 -9.99 0.01 39.65
CA GLY E 70 -8.69 0.70 39.67
C GLY E 70 -8.85 2.20 39.79
N PHE E 71 -7.85 2.88 40.32
CA PHE E 71 -7.96 4.32 40.49
C PHE E 71 -6.58 4.96 40.61
N GLY E 72 -6.57 6.29 40.50
CA GLY E 72 -5.35 7.04 40.64
C GLY E 72 -4.89 7.59 39.32
N SER E 73 -3.59 7.74 39.17
CA SER E 73 -3.07 8.52 38.07
C SER E 73 -1.81 7.90 37.49
N ARG E 74 -1.70 7.92 36.17
CA ARG E 74 -0.47 7.49 35.54
C ARG E 74 0.72 8.39 35.86
N LEU E 75 0.42 9.60 36.32
CA LEU E 75 1.48 10.55 36.60
C LEU E 75 2.11 10.29 37.96
N GLY E 76 1.40 9.56 38.81
CA GLY E 76 1.88 9.34 40.18
C GLY E 76 1.34 8.06 40.77
N GLU E 77 0.47 8.16 41.77
CA GLU E 77 0.02 7.01 42.52
C GLU E 77 -1.19 6.32 41.89
N PHE E 78 -1.27 4.99 42.06
CA PHE E 78 -2.42 4.27 41.54
C PHE E 78 -2.56 2.86 42.11
N TRP E 79 -3.72 2.27 41.87
CA TRP E 79 -3.98 0.88 42.12
C TRP E 79 -4.57 0.38 40.81
N LEU E 80 -3.95 -0.62 40.19
CA LEU E 80 -4.34 -1.06 38.84
C LEU E 80 -5.80 -1.52 38.76
N GLY E 81 -6.32 -2.05 39.86
CA GLY E 81 -7.67 -2.62 39.86
C GLY E 81 -7.63 -4.12 40.08
N ASN E 82 -8.46 -4.60 40.99
CA ASN E 82 -8.48 -6.03 41.32
C ASN E 82 -8.83 -6.93 40.15
N ASP E 83 -9.77 -6.51 39.31
CA ASP E 83 -10.09 -7.27 38.11
C ASP E 83 -8.87 -7.45 37.21
N ASN E 84 -8.19 -6.34 36.93
CA ASN E 84 -6.96 -6.37 36.16
C ASN E 84 -5.87 -7.21 36.82
N ILE E 85 -5.73 -7.06 38.12
CA ILE E 85 -4.70 -7.79 38.83
C ILE E 85 -4.96 -9.30 38.72
N HIS E 86 -6.22 -9.69 38.86
CA HIS E 86 -6.61 -11.08 38.70
C HIS E 86 -6.35 -11.55 37.28
N ALA E 87 -6.78 -10.77 36.30
CA ALA E 87 -6.54 -11.07 34.90
C ALA E 87 -5.05 -11.28 34.63
N LEU E 88 -4.21 -10.50 35.32
CA LEU E 88 -2.75 -10.57 35.12
C LEU E 88 -2.11 -11.75 35.77
N THR E 89 -2.68 -12.21 36.86
CA THR E 89 -2.02 -13.23 37.61
C THR E 89 -2.72 -14.63 37.51
N ALA E 90 -3.71 -14.76 36.64
CA ALA E 90 -4.61 -15.93 36.72
C ALA E 90 -4.11 -17.21 36.04
N GLN E 91 -3.89 -17.17 34.74
CA GLN E 91 -3.44 -18.37 34.06
C GLN E 91 -1.94 -18.29 33.82
N GLY E 92 -1.18 -18.42 34.90
CA GLY E 92 0.26 -18.50 34.83
C GLY E 92 0.86 -18.45 36.23
N THR E 93 2.16 -18.21 36.31
CA THR E 93 2.81 -18.02 37.60
C THR E 93 3.73 -16.78 37.63
N SER E 94 3.32 -15.80 38.41
CA SER E 94 4.03 -14.54 38.47
C SER E 94 4.74 -14.52 39.79
N GLU E 95 5.96 -14.02 39.82
CA GLU E 95 6.63 -13.74 41.08
C GLU E 95 6.15 -12.37 41.51
N LEU E 96 6.23 -12.06 42.80
CA LEU E 96 5.86 -10.74 43.31
C LEU E 96 7.06 -10.06 43.93
N ARG E 97 7.27 -8.81 43.58
CA ARG E 97 8.30 -8.04 44.26
C ARG E 97 7.68 -6.81 44.89
N THR E 98 7.98 -6.57 46.17
CA THR E 98 7.58 -5.32 46.81
C THR E 98 8.81 -4.46 47.06
N ASP E 99 8.80 -3.23 46.55
CA ASP E 99 9.87 -2.26 46.78
C ASP E 99 9.42 -1.16 47.74
N LEU E 100 10.26 -0.84 48.72
CA LEU E 100 9.92 0.17 49.71
C LEU E 100 11.10 1.14 49.87
N VAL E 101 10.82 2.41 50.13
CA VAL E 101 11.86 3.38 50.36
C VAL E 101 11.41 4.37 51.44
N ASP E 102 12.26 4.59 52.45
CA ASP E 102 11.95 5.52 53.53
C ASP E 102 12.35 6.97 53.23
N PHE E 103 12.13 7.87 54.16
CA PHE E 103 12.53 9.26 53.95
C PHE E 103 14.01 9.47 54.29
N GLU E 104 14.69 8.41 54.67
CA GLU E 104 16.14 8.42 54.79
C GLU E 104 16.87 7.84 53.56
N ASP E 105 16.16 7.56 52.47
CA ASP E 105 16.76 6.91 51.26
C ASP E 105 17.25 5.46 51.40
N ASN E 106 16.82 4.74 52.43
CA ASN E 106 17.08 3.30 52.47
C ASN E 106 16.06 2.55 51.63
N TYR E 107 16.55 1.74 50.71
CA TYR E 107 15.69 0.90 49.91
C TYR E 107 15.61 -0.45 50.59
N GLN E 108 14.43 -1.05 50.60
CA GLN E 108 14.28 -2.42 51.07
C GLN E 108 13.31 -3.09 50.14
N PHE E 109 13.33 -4.42 50.13
CA PHE E 109 12.43 -5.12 49.25
C PHE E 109 12.09 -6.52 49.75
N ALA E 110 11.10 -7.13 49.12
CA ALA E 110 10.67 -8.46 49.47
C ALA E 110 10.20 -9.13 48.18
N LYS E 111 10.57 -10.40 48.00
CA LYS E 111 10.26 -11.14 46.79
C LYS E 111 9.60 -12.48 47.15
N TYR E 112 8.61 -12.89 46.35
CA TYR E 112 7.84 -14.11 46.60
C TYR E 112 7.82 -14.95 45.35
N ARG E 113 7.92 -16.27 45.50
CA ARG E 113 7.97 -17.22 44.38
C ARG E 113 6.78 -17.06 43.45
N SER E 114 5.62 -16.90 44.04
CA SER E 114 4.42 -16.78 43.23
C SER E 114 3.40 -15.92 43.94
N PHE E 115 2.51 -15.35 43.15
CA PHE E 115 1.50 -14.44 43.65
C PHE E 115 0.34 -14.47 42.70
N LYS E 116 -0.86 -14.60 43.27
CA LYS E 116 -2.06 -14.51 42.46
C LYS E 116 -3.25 -14.09 43.32
N VAL E 117 -4.19 -13.36 42.73
CA VAL E 117 -5.43 -13.08 43.41
C VAL E 117 -6.59 -13.71 42.66
N ALA E 118 -7.45 -14.40 43.41
CA ALA E 118 -8.63 -15.05 42.86
C ALA E 118 -9.59 -13.99 42.36
N ASP E 119 -10.71 -14.39 41.77
CA ASP E 119 -11.61 -13.40 41.19
C ASP E 119 -12.61 -12.85 42.22
N GLU E 120 -13.52 -11.99 41.77
CA GLU E 120 -14.43 -11.32 42.67
C GLU E 120 -15.29 -12.27 43.49
N ALA E 121 -15.76 -13.35 42.86
CA ALA E 121 -16.57 -14.35 43.53
C ALA E 121 -15.83 -14.92 44.73
N GLU E 122 -14.51 -15.00 44.65
CA GLU E 122 -13.75 -15.48 45.79
C GLU E 122 -13.12 -14.30 46.54
N LYS E 123 -13.75 -13.14 46.43
CA LYS E 123 -13.32 -11.94 47.14
C LYS E 123 -11.85 -11.57 46.90
N TYR E 124 -11.36 -11.79 45.69
CA TYR E 124 -9.96 -11.46 45.36
C TYR E 124 -8.98 -12.01 46.40
N ASN E 125 -9.23 -13.24 46.79
CA ASN E 125 -8.42 -13.98 47.74
C ASN E 125 -6.94 -14.02 47.37
N LEU E 126 -6.08 -13.78 48.36
CA LEU E 126 -4.66 -13.79 48.10
C LEU E 126 -4.10 -15.20 48.13
N VAL E 127 -3.45 -15.62 47.05
CA VAL E 127 -2.72 -16.87 47.03
C VAL E 127 -1.24 -16.53 46.84
N LEU E 128 -0.45 -16.70 47.91
CA LEU E 128 0.92 -16.25 47.92
C LEU E 128 1.88 -17.43 48.02
N GLY E 129 2.95 -17.39 47.24
CA GLY E 129 3.99 -18.42 47.28
C GLY E 129 4.97 -18.11 48.36
N ALA E 130 5.96 -18.99 48.50
CA ALA E 130 6.96 -18.84 49.52
C ALA E 130 7.78 -17.54 49.36
N PHE E 131 8.11 -16.96 50.51
CA PHE E 131 9.05 -15.87 50.63
C PHE E 131 10.39 -16.34 50.12
N VAL E 132 11.04 -15.54 49.27
CA VAL E 132 12.32 -15.93 48.63
C VAL E 132 13.51 -15.21 49.27
N GLU E 133 13.38 -13.89 49.42
CA GLU E 133 14.27 -13.08 50.24
C GLU E 133 13.92 -11.62 50.15
N GLY E 134 14.75 -10.79 50.76
CA GLY E 134 14.63 -9.36 50.64
C GLY E 134 14.93 -8.73 51.97
N SER E 135 15.53 -7.54 51.93
CA SER E 135 15.92 -6.83 53.16
C SER E 135 14.73 -6.44 54.04
N ALA E 136 13.54 -6.40 53.44
CA ALA E 136 12.36 -5.86 54.11
C ALA E 136 11.68 -6.85 55.06
N GLY E 137 11.99 -8.13 54.94
CA GLY E 137 11.40 -9.14 55.79
C GLY E 137 10.12 -9.64 55.16
N ASP E 138 9.63 -10.78 55.59
CA ASP E 138 8.35 -11.23 55.09
C ASP E 138 7.20 -10.61 55.90
N SER E 139 6.48 -9.64 55.36
CA SER E 139 5.29 -9.20 56.06
C SER E 139 4.06 -9.40 55.20
N LEU E 140 4.11 -10.40 54.32
CA LEU E 140 2.98 -10.71 53.48
C LEU E 140 2.48 -12.15 53.67
N THR E 141 3.38 -13.08 54.01
CA THR E 141 2.96 -14.47 54.21
C THR E 141 1.78 -14.59 55.20
N PHE E 142 1.84 -13.83 56.29
CA PHE E 142 0.77 -13.77 57.28
C PHE E 142 -0.62 -13.57 56.64
N HIS E 143 -0.68 -12.80 55.55
CA HIS E 143 -1.95 -12.42 54.92
C HIS E 143 -2.41 -13.45 53.91
N ASN E 144 -1.63 -14.52 53.75
CA ASN E 144 -1.94 -15.50 52.74
C ASN E 144 -3.33 -16.09 52.94
N ASN E 145 -4.07 -16.26 51.85
CA ASN E 145 -5.31 -17.01 51.90
C ASN E 145 -6.41 -16.23 52.65
N GLN E 146 -6.54 -14.96 52.30
CA GLN E 146 -7.44 -14.07 52.98
C GLN E 146 -8.14 -13.24 51.93
N SER E 147 -9.42 -12.92 52.16
CA SER E 147 -10.17 -12.10 51.22
C SER E 147 -9.71 -10.65 51.24
N PHE E 148 -9.97 -9.92 50.17
CA PHE E 148 -9.69 -8.50 50.15
C PHE E 148 -10.79 -7.83 50.92
N SER E 149 -10.48 -6.72 51.58
CA SER E 149 -11.47 -5.98 52.36
C SER E 149 -11.35 -4.50 52.13
N THR E 150 -12.48 -3.81 52.04
CA THR E 150 -12.45 -2.37 51.91
C THR E 150 -13.31 -1.81 53.03
N LYS E 151 -13.33 -0.49 53.17
CA LYS E 151 -14.09 0.14 54.25
C LYS E 151 -15.57 -0.24 54.25
N ASP E 152 -16.11 -0.50 53.05
CA ASP E 152 -17.52 -0.85 52.87
C ASP E 152 -17.74 -2.36 52.62
N GLN E 153 -16.70 -3.16 52.54
CA GLN E 153 -16.88 -4.61 52.39
C GLN E 153 -15.94 -5.32 53.33
N ASP E 154 -16.44 -5.65 54.52
CA ASP E 154 -15.63 -6.24 55.55
C ASP E 154 -15.58 -7.74 55.37
N ASN E 155 -14.44 -8.26 54.99
CA ASN E 155 -14.24 -9.69 54.88
C ASN E 155 -13.11 -10.18 55.78
N ASP E 156 -12.77 -9.42 56.82
CA ASP E 156 -11.64 -9.77 57.66
C ASP E 156 -11.95 -10.83 58.73
N LEU E 157 -11.00 -11.13 59.59
CA LEU E 157 -11.23 -12.10 60.66
C LEU E 157 -11.23 -11.38 62.01
N ASN E 158 -11.70 -10.15 62.01
CA ASN E 158 -11.71 -9.31 63.18
C ASN E 158 -13.15 -8.97 63.45
N THR E 159 -13.51 -8.85 64.72
CA THR E 159 -14.88 -8.50 65.07
C THR E 159 -15.23 -7.07 64.64
N GLY E 160 -14.22 -6.23 64.46
CA GLY E 160 -14.42 -4.89 63.93
C GLY E 160 -14.20 -4.83 62.43
N ASN E 161 -14.01 -3.62 61.91
CA ASN E 161 -13.73 -3.39 60.50
C ASN E 161 -12.29 -2.91 60.36
N CYS E 162 -11.37 -3.80 59.97
CA CYS E 162 -9.97 -3.43 59.87
C CYS E 162 -9.70 -2.34 58.82
N ALA E 163 -10.43 -2.35 57.73
CA ALA E 163 -10.20 -1.31 56.72
C ALA E 163 -10.49 0.06 57.31
N VAL E 164 -11.50 0.17 58.17
CA VAL E 164 -11.76 1.44 58.84
C VAL E 164 -10.74 1.76 59.93
N MET E 165 -10.44 0.79 60.79
CA MET E 165 -9.41 0.98 61.81
C MET E 165 -8.03 1.43 61.28
N PHE E 166 -7.62 0.89 60.12
CA PHE E 166 -6.30 1.18 59.60
C PHE E 166 -6.35 1.87 58.25
N GLN E 167 -7.54 2.35 57.92
CA GLN E 167 -7.69 3.32 56.85
C GLN E 167 -6.91 2.95 55.62
N GLY E 168 -7.19 1.77 55.10
CA GLY E 168 -6.69 1.36 53.80
C GLY E 168 -7.62 0.30 53.25
N ALA E 169 -7.07 -0.60 52.45
CA ALA E 169 -7.79 -1.71 51.88
C ALA E 169 -6.73 -2.79 51.62
N TRP E 170 -7.00 -4.02 52.04
CA TRP E 170 -5.97 -5.03 52.13
C TRP E 170 -6.54 -6.42 52.41
N TRP E 171 -5.72 -7.43 52.23
CA TRP E 171 -6.17 -8.75 52.59
C TRP E 171 -6.12 -8.88 54.12
N TYR E 172 -6.93 -8.10 54.81
CA TYR E 172 -6.81 -8.03 56.28
C TYR E 172 -7.12 -9.34 56.95
N LYS E 173 -6.46 -9.63 58.05
CA LYS E 173 -6.81 -10.78 58.85
C LYS E 173 -7.35 -10.32 60.19
N ASN E 174 -6.48 -10.13 61.18
CA ASN E 174 -6.96 -9.81 62.51
C ASN E 174 -5.91 -9.12 63.38
N CYS E 175 -5.34 -8.02 62.89
CA CYS E 175 -5.70 -7.42 61.61
C CYS E 175 -4.58 -7.48 60.51
N HIS E 176 -3.35 -7.06 60.84
CA HIS E 176 -2.35 -6.93 59.79
C HIS E 176 -0.86 -6.86 60.18
N THR E 177 -0.02 -7.25 59.24
CA THR E 177 1.41 -7.02 59.36
C THR E 177 1.96 -6.18 58.20
N SER E 178 1.13 -5.87 57.21
CA SER E 178 1.48 -4.93 56.17
C SER E 178 0.22 -4.17 55.77
N ASN E 179 0.37 -2.93 55.36
CA ASN E 179 -0.76 -2.07 55.09
C ASN E 179 -0.41 -1.07 53.99
N LEU E 180 0.07 -1.58 52.87
CA LEU E 180 0.62 -0.72 51.83
C LEU E 180 -0.39 0.22 51.17
N ASN E 181 -1.68 -0.03 51.37
CA ASN E 181 -2.70 0.89 50.87
C ASN E 181 -3.22 1.83 51.97
N GLY E 182 -2.47 1.93 53.07
CA GLY E 182 -2.85 2.81 54.17
C GLY E 182 -2.61 4.28 53.89
N ARG E 183 -2.80 5.11 54.90
CA ARG E 183 -2.65 6.54 54.72
C ARG E 183 -1.19 6.96 54.54
N TYR E 184 -0.98 7.95 53.69
CA TYR E 184 0.36 8.45 53.43
C TYR E 184 0.80 9.37 54.56
N LEU E 185 1.32 8.80 55.64
CA LEU E 185 1.58 9.60 56.84
C LEU E 185 2.98 10.24 56.91
N ARG E 186 3.84 9.94 55.95
CA ARG E 186 5.13 10.62 55.84
C ARG E 186 6.10 10.36 56.99
N GLY E 187 6.65 9.17 57.09
CA GLY E 187 7.64 8.92 58.13
C GLY E 187 7.00 8.42 59.40
N THR E 188 7.63 8.72 60.54
CA THR E 188 7.16 8.18 61.79
C THR E 188 5.84 8.84 62.19
N HIS E 189 4.91 8.03 62.70
CA HIS E 189 3.63 8.56 63.13
C HIS E 189 3.26 7.90 64.43
N GLY E 190 2.59 8.66 65.29
CA GLY E 190 2.17 8.16 66.60
C GLY E 190 0.99 7.21 66.48
N SER E 191 0.07 7.50 65.56
CA SER E 191 -1.07 6.61 65.33
C SER E 191 -0.60 5.20 65.00
N PHE E 192 -1.42 4.21 65.32
CA PHE E 192 -0.95 2.83 65.25
C PHE E 192 -1.35 2.11 63.95
N ALA E 193 -0.34 1.77 63.17
CA ALA E 193 -0.49 0.83 62.06
C ALA E 193 -1.42 1.29 60.94
N ASN E 194 -1.67 2.59 60.81
CA ASN E 194 -2.58 3.07 59.78
C ASN E 194 -1.89 3.80 58.64
N GLY E 195 -0.57 3.65 58.55
CA GLY E 195 0.18 4.26 57.45
C GLY E 195 0.58 3.22 56.43
N ILE E 196 1.47 3.61 55.52
CA ILE E 196 2.02 2.69 54.53
C ILE E 196 3.09 1.88 55.27
N ASN E 197 2.64 0.83 55.95
CA ASN E 197 3.45 0.12 56.92
C ASN E 197 3.79 -1.30 56.50
N TRP E 198 4.97 -1.74 56.92
CA TRP E 198 5.44 -3.09 56.69
C TRP E 198 6.13 -3.52 57.97
N LYS E 199 5.52 -4.42 58.72
CA LYS E 199 5.98 -4.70 60.08
C LYS E 199 7.46 -5.07 60.18
N SER E 200 7.90 -6.01 59.35
CA SER E 200 9.28 -6.48 59.45
C SER E 200 10.26 -5.48 58.84
N GLY E 201 9.74 -4.44 58.23
CA GLY E 201 10.57 -3.40 57.63
C GLY E 201 10.82 -2.28 58.62
N LYS E 202 9.98 -1.27 58.61
CA LYS E 202 10.14 -0.22 59.60
C LYS E 202 9.05 -0.16 60.67
N GLY E 203 8.32 -1.25 60.83
CA GLY E 203 7.37 -1.38 61.95
C GLY E 203 6.04 -0.67 61.75
N TYR E 204 5.21 -0.74 62.79
CA TYR E 204 3.84 -0.21 62.72
C TYR E 204 3.72 1.30 62.83
N ASN E 205 4.82 2.00 63.04
CA ASN E 205 4.78 3.44 63.25
C ASN E 205 5.60 4.25 62.26
N TYR E 206 5.88 3.67 61.10
CA TYR E 206 6.68 4.33 60.11
C TYR E 206 6.08 4.08 58.77
N SER E 207 5.73 5.19 58.12
CA SER E 207 5.07 5.12 56.85
C SER E 207 6.06 5.52 55.72
N TYR E 208 6.36 4.56 54.84
CA TYR E 208 7.38 4.74 53.79
C TYR E 208 7.07 5.86 52.82
N LYS E 209 8.10 6.34 52.12
CA LYS E 209 7.88 7.39 51.16
C LYS E 209 7.44 6.83 49.83
N VAL E 210 8.02 5.68 49.47
CA VAL E 210 7.69 5.04 48.21
C VAL E 210 7.35 3.57 48.45
N SER E 211 6.25 3.09 47.88
CA SER E 211 6.04 1.65 47.80
C SER E 211 5.63 1.27 46.41
N GLU E 212 6.13 0.14 45.93
CA GLU E 212 5.72 -0.39 44.64
C GLU E 212 5.47 -1.89 44.76
N MET E 213 4.34 -2.37 44.23
CA MET E 213 4.13 -3.80 44.13
C MET E 213 4.11 -4.17 42.66
N LYS E 214 4.85 -5.20 42.29
CA LYS E 214 4.96 -5.53 40.89
C LYS E 214 5.04 -7.02 40.66
N VAL E 215 4.64 -7.47 39.47
CA VAL E 215 4.73 -8.88 39.10
C VAL E 215 5.43 -9.17 37.79
N ARG E 216 5.92 -10.40 37.67
CA ARG E 216 6.60 -10.84 36.46
C ARG E 216 6.53 -12.38 36.32
N PRO E 217 6.43 -12.92 35.08
CA PRO E 217 6.50 -14.41 34.93
C PRO E 217 7.69 -15.08 35.64
N ALA E 218 7.45 -16.19 36.32
CA ALA E 218 8.52 -16.85 37.07
C ALA E 218 8.86 -18.26 36.58
N THR F 5 -17.29 8.67 14.98
CA THR F 5 -16.37 7.50 15.22
C THR F 5 -16.08 7.28 16.72
N GLY F 6 -14.97 7.84 17.22
CA GLY F 6 -14.48 7.59 18.60
C GLY F 6 -14.83 8.56 19.72
N PRO F 7 -13.93 8.68 20.72
CA PRO F 7 -14.14 9.41 21.98
C PRO F 7 -14.01 10.94 21.84
N ARG F 8 -14.96 11.67 22.44
CA ARG F 8 -15.01 13.12 22.30
C ARG F 8 -14.82 13.85 23.62
N THR F 9 -14.90 13.13 24.74
CA THR F 9 -14.63 13.76 26.02
C THR F 9 -13.92 12.76 26.92
N CYS F 10 -13.35 13.25 28.01
CA CYS F 10 -12.79 12.34 29.01
C CYS F 10 -13.90 11.52 29.63
N LYS F 11 -15.11 12.06 29.68
CA LYS F 11 -16.27 11.28 30.14
C LYS F 11 -16.47 10.04 29.28
N ASP F 12 -16.34 10.19 27.97
CA ASP F 12 -16.43 9.03 27.07
C ASP F 12 -15.40 7.97 27.41
N LEU F 13 -14.16 8.40 27.61
CA LEU F 13 -13.09 7.48 27.94
C LEU F 13 -13.35 6.74 29.26
N LEU F 14 -13.89 7.45 30.24
CA LEU F 14 -14.24 6.80 31.50
C LEU F 14 -15.28 5.69 31.26
N ASP F 15 -16.33 6.00 30.51
CA ASP F 15 -17.41 5.06 30.15
C ASP F 15 -17.01 3.87 29.27
N ARG F 16 -15.80 3.95 28.70
CA ARG F 16 -15.23 2.85 27.93
C ARG F 16 -14.15 2.15 28.74
N GLY F 17 -14.08 2.40 30.04
CA GLY F 17 -13.24 1.63 30.94
C GLY F 17 -11.78 2.06 31.13
N HIS F 18 -11.50 3.35 30.96
CA HIS F 18 -10.19 3.91 31.34
C HIS F 18 -10.30 4.53 32.72
N PHE F 19 -9.70 3.90 33.72
CA PHE F 19 -9.95 4.30 35.10
C PHE F 19 -8.83 5.11 35.74
N LEU F 20 -7.67 5.13 35.10
CA LEU F 20 -6.52 5.87 35.63
C LEU F 20 -6.46 7.24 34.97
N SER F 21 -6.26 8.29 35.77
CA SER F 21 -6.04 9.62 35.23
C SER F 21 -4.80 9.65 34.36
N GLY F 22 -4.80 10.49 33.34
CA GLY F 22 -3.65 10.60 32.46
C GLY F 22 -3.98 11.24 31.13
N TRP F 23 -2.97 11.33 30.28
CA TRP F 23 -3.11 11.97 28.99
C TRP F 23 -3.69 10.99 27.98
N HIS F 24 -4.80 11.37 27.37
CA HIS F 24 -5.43 10.57 26.34
C HIS F 24 -5.77 11.49 25.18
N THR F 25 -5.89 10.94 23.98
CA THR F 25 -6.31 11.74 22.86
C THR F 25 -7.84 11.66 22.63
N ILE F 26 -8.47 12.82 22.48
CA ILE F 26 -9.89 12.87 22.19
C ILE F 26 -10.10 13.55 20.84
N TYR F 27 -11.38 13.63 20.42
CA TYR F 27 -11.79 14.27 19.16
C TYR F 27 -12.80 15.42 19.35
N LEU F 28 -12.33 16.66 19.14
CA LEU F 28 -13.16 17.87 19.28
C LEU F 28 -14.37 17.82 18.36
N PRO F 29 -15.36 18.71 18.59
CA PRO F 29 -16.54 18.73 17.70
C PRO F 29 -16.10 19.02 16.26
N ASP F 30 -15.07 19.85 16.13
CA ASP F 30 -14.34 20.07 14.88
C ASP F 30 -13.83 18.76 14.24
N CYS F 31 -13.74 17.70 15.04
CA CYS F 31 -13.09 16.42 14.66
C CYS F 31 -11.57 16.46 14.58
N ARG F 32 -10.98 17.58 14.99
CA ARG F 32 -9.54 17.62 15.26
C ARG F 32 -9.21 16.77 16.51
N PRO F 33 -8.13 16.00 16.45
CA PRO F 33 -7.66 15.17 17.57
C PRO F 33 -6.88 15.98 18.59
N LEU F 34 -7.27 15.87 19.87
CA LEU F 34 -6.62 16.65 20.94
C LEU F 34 -6.18 15.73 22.09
N THR F 35 -4.88 15.71 22.41
CA THR F 35 -4.41 15.01 23.63
C THR F 35 -4.64 15.85 24.91
N VAL F 36 -5.39 15.32 25.87
CA VAL F 36 -5.78 16.05 27.07
C VAL F 36 -5.52 15.23 28.33
N LEU F 37 -5.44 15.94 29.45
CA LEU F 37 -5.35 15.31 30.74
C LEU F 37 -6.76 15.02 31.26
N CYS F 38 -7.07 13.74 31.41
CA CYS F 38 -8.33 13.30 32.00
C CYS F 38 -8.16 13.02 33.47
N ASP F 39 -9.00 13.62 34.30
CA ASP F 39 -9.05 13.29 35.72
C ASP F 39 -10.18 12.29 35.93
N MET F 40 -9.81 11.02 36.14
CA MET F 40 -10.78 9.93 36.27
C MET F 40 -11.16 9.68 37.72
N ASP F 41 -10.61 10.48 38.61
CA ASP F 41 -10.70 10.19 40.04
C ASP F 41 -11.71 11.09 40.78
N THR F 42 -11.54 12.39 40.63
CA THR F 42 -12.33 13.37 41.35
C THR F 42 -13.81 13.29 41.06
N ASP F 43 -14.63 13.40 42.10
CA ASP F 43 -16.06 13.64 41.97
C ASP F 43 -16.69 12.87 40.80
N GLY F 44 -16.58 11.55 40.82
CA GLY F 44 -17.18 10.71 39.79
C GLY F 44 -16.33 10.51 38.54
N GLY F 45 -15.28 11.31 38.40
CA GLY F 45 -14.36 11.17 37.27
C GLY F 45 -14.91 11.70 35.96
N GLY F 46 -14.09 11.63 34.90
CA GLY F 46 -14.48 12.09 33.57
C GLY F 46 -14.22 13.56 33.26
N TRP F 47 -13.33 14.20 34.01
CA TRP F 47 -13.03 15.63 33.81
C TRP F 47 -11.88 15.85 32.84
N THR F 48 -12.00 16.86 31.99
CA THR F 48 -10.90 17.24 31.14
C THR F 48 -10.21 18.45 31.78
N VAL F 49 -8.95 18.29 32.14
CA VAL F 49 -8.24 19.35 32.84
C VAL F 49 -7.64 20.31 31.84
N PHE F 50 -7.91 21.60 31.99
CA PHE F 50 -7.37 22.57 31.05
C PHE F 50 -6.37 23.53 31.69
N GLN F 51 -6.24 23.47 33.02
CA GLN F 51 -5.22 24.22 33.72
C GLN F 51 -4.70 23.43 34.89
N ARG F 52 -3.38 23.40 35.05
CA ARG F 52 -2.78 22.74 36.19
C ARG F 52 -1.54 23.48 36.74
N ARG F 53 -1.54 23.78 38.05
CA ARG F 53 -0.37 24.34 38.71
C ARG F 53 0.01 23.38 39.82
N VAL F 54 1.28 23.04 39.91
CA VAL F 54 1.68 22.02 40.86
C VAL F 54 2.98 22.34 41.60
N ASP F 55 3.94 22.99 40.93
CA ASP F 55 5.29 23.14 41.51
C ASP F 55 6.04 24.40 41.09
N GLY F 56 5.45 25.22 40.24
CA GLY F 56 6.05 26.49 39.87
C GLY F 56 7.13 26.37 38.81
N SER F 57 7.20 25.23 38.15
CA SER F 57 8.24 24.99 37.14
C SER F 57 7.97 25.72 35.82
N VAL F 58 6.73 26.10 35.56
CA VAL F 58 6.36 26.78 34.32
C VAL F 58 5.95 28.22 34.57
N ASP F 59 6.43 29.12 33.71
CA ASP F 59 6.07 30.53 33.76
C ASP F 59 4.69 30.75 33.12
N PHE F 60 3.77 31.31 33.88
CA PHE F 60 2.42 31.58 33.39
C PHE F 60 2.23 33.04 33.03
N TYR F 61 3.28 33.83 33.21
CA TYR F 61 3.23 35.23 32.85
C TYR F 61 3.55 35.41 31.36
N ARG F 62 2.56 35.14 30.51
CA ARG F 62 2.82 34.96 29.08
C ARG F 62 1.92 35.80 28.21
N ASP F 63 2.30 35.96 26.95
CA ASP F 63 1.55 36.84 26.08
C ASP F 63 0.33 36.17 25.45
N TRP F 64 -0.44 36.97 24.73
CA TRP F 64 -1.68 36.54 24.10
C TRP F 64 -1.54 35.32 23.20
N ALA F 65 -0.53 35.34 22.33
CA ALA F 65 -0.32 34.25 21.38
C ALA F 65 -0.04 32.96 22.13
N THR F 66 0.69 33.05 23.24
CA THR F 66 1.04 31.86 23.99
C THR F 66 -0.17 31.26 24.70
N TYR F 67 -1.02 32.10 25.29
CA TYR F 67 -2.26 31.63 25.89
C TYR F 67 -3.23 31.05 24.87
N LYS F 68 -3.16 31.56 23.65
CA LYS F 68 -4.04 31.12 22.58
C LYS F 68 -3.76 29.66 22.17
N GLN F 69 -2.48 29.32 22.02
CA GLN F 69 -2.11 27.99 21.55
C GLN F 69 -1.83 26.98 22.67
N GLY F 70 -1.60 27.47 23.89
CA GLY F 70 -1.36 26.59 25.03
C GLY F 70 0.11 26.46 25.32
N PHE F 71 0.46 26.15 26.56
CA PHE F 71 1.87 26.03 26.91
C PHE F 71 2.06 25.19 28.16
N GLY F 72 3.30 24.81 28.42
CA GLY F 72 3.66 24.05 29.60
C GLY F 72 3.99 22.63 29.26
N SER F 73 3.71 21.73 30.18
CA SER F 73 4.27 20.40 30.08
C SER F 73 3.26 19.34 30.52
N ARG F 74 3.20 18.23 29.81
CA ARG F 74 2.37 17.12 30.25
C ARG F 74 2.87 16.50 31.53
N LEU F 75 4.13 16.77 31.88
CA LEU F 75 4.72 16.18 33.06
C LEU F 75 4.32 16.94 34.32
N GLY F 76 3.87 18.19 34.14
CA GLY F 76 3.57 19.03 35.28
C GLY F 76 2.54 20.09 34.96
N GLU F 77 2.94 21.34 34.94
CA GLU F 77 2.02 22.45 34.79
C GLU F 77 1.71 22.80 33.35
N PHE F 78 0.49 23.28 33.08
CA PHE F 78 0.15 23.68 31.73
C PHE F 78 -1.13 24.52 31.65
N TRP F 79 -1.33 25.12 30.50
CA TRP F 79 -2.57 25.77 30.13
C TRP F 79 -2.91 25.20 28.77
N LEU F 80 -4.08 24.56 28.64
CA LEU F 80 -4.42 23.82 27.41
C LEU F 80 -4.40 24.69 26.15
N GLY F 81 -4.70 25.98 26.31
CA GLY F 81 -4.83 26.88 25.17
C GLY F 81 -6.26 27.35 24.99
N ASN F 82 -6.42 28.65 24.82
CA ASN F 82 -7.74 29.25 24.68
C ASN F 82 -8.54 28.70 23.49
N ASP F 83 -7.88 28.50 22.36
CA ASP F 83 -8.55 27.90 21.20
C ASP F 83 -9.13 26.53 21.55
N ASN F 84 -8.29 25.66 22.13
CA ASN F 84 -8.73 24.36 22.59
C ASN F 84 -9.85 24.43 23.61
N ILE F 85 -9.71 25.35 24.56
CA ILE F 85 -10.70 25.48 25.62
C ILE F 85 -12.05 25.87 25.02
N HIS F 86 -12.03 26.78 24.05
CA HIS F 86 -13.23 27.19 23.34
C HIS F 86 -13.80 26.02 22.56
N ALA F 87 -12.96 25.33 21.81
CA ALA F 87 -13.37 24.15 21.06
C ALA F 87 -14.05 23.12 21.97
N LEU F 88 -13.57 22.99 23.21
CA LEU F 88 -14.10 22.00 24.12
C LEU F 88 -15.42 22.40 24.76
N THR F 89 -15.64 23.70 24.95
CA THR F 89 -16.76 24.16 25.75
C THR F 89 -17.90 24.84 24.96
N ALA F 90 -17.80 24.88 23.64
CA ALA F 90 -18.95 25.28 22.82
C ALA F 90 -19.73 24.01 22.46
N GLN F 91 -20.76 24.16 21.62
CA GLN F 91 -21.59 22.99 21.17
C GLN F 91 -21.79 21.97 22.30
N GLY F 92 -22.69 22.30 23.22
CA GLY F 92 -22.98 21.47 24.40
C GLY F 92 -22.69 22.30 25.62
N THR F 93 -22.90 21.75 26.80
CA THR F 93 -22.63 22.49 28.04
C THR F 93 -21.89 21.70 29.12
N SER F 94 -20.70 22.20 29.46
CA SER F 94 -19.84 21.53 30.42
C SER F 94 -19.89 22.25 31.76
N GLU F 95 -19.85 21.48 32.85
CA GLU F 95 -19.69 22.07 34.17
C GLU F 95 -18.21 22.34 34.46
N LEU F 96 -17.92 23.27 35.35
CA LEU F 96 -16.55 23.63 35.67
C LEU F 96 -16.22 23.24 37.11
N ARG F 97 -15.02 22.66 37.31
CA ARG F 97 -14.56 22.37 38.66
C ARG F 97 -13.18 22.94 38.93
N THR F 98 -13.08 23.72 39.99
CA THR F 98 -11.80 24.24 40.43
C THR F 98 -11.39 23.50 41.72
N ASP F 99 -10.23 22.83 41.69
CA ASP F 99 -9.64 22.20 42.89
C ASP F 99 -8.38 22.96 43.30
N LEU F 100 -8.21 23.20 44.61
CA LEU F 100 -7.05 23.93 45.15
C LEU F 100 -6.46 23.22 46.36
N VAL F 101 -5.14 23.22 46.48
CA VAL F 101 -4.52 22.61 47.62
C VAL F 101 -3.51 23.57 48.18
N ASP F 102 -3.63 23.87 49.46
CA ASP F 102 -2.64 24.72 50.10
C ASP F 102 -1.39 23.95 50.53
N PHE F 103 -0.44 24.67 51.08
CA PHE F 103 0.84 24.05 51.40
C PHE F 103 0.80 23.17 52.64
N GLU F 104 -0.25 23.32 53.44
CA GLU F 104 -0.45 22.47 54.61
C GLU F 104 -1.38 21.29 54.28
N ASP F 105 -1.51 20.99 52.98
CA ASP F 105 -2.24 19.82 52.48
C ASP F 105 -3.76 19.85 52.62
N ASN F 106 -4.33 20.95 53.08
CA ASN F 106 -5.80 21.09 53.00
C ASN F 106 -6.31 21.16 51.57
N TYR F 107 -7.57 20.77 51.36
CA TYR F 107 -8.15 20.69 50.02
C TYR F 107 -9.42 21.54 49.90
N GLN F 108 -9.52 22.30 48.81
CA GLN F 108 -10.69 23.14 48.58
C GLN F 108 -11.11 23.06 47.14
N PHE F 109 -12.36 23.36 46.87
CA PHE F 109 -12.85 23.29 45.52
C PHE F 109 -14.09 24.15 45.32
N ALA F 110 -14.50 24.27 44.07
CA ALA F 110 -15.63 25.08 43.70
C ALA F 110 -16.21 24.52 42.40
N LYS F 111 -17.54 24.52 42.28
CA LYS F 111 -18.23 23.92 41.12
C LYS F 111 -19.18 24.92 40.53
N TYR F 112 -19.25 24.95 39.21
CA TYR F 112 -20.19 25.83 38.51
C TYR F 112 -20.97 25.00 37.52
N ARG F 113 -22.26 25.31 37.36
CA ARG F 113 -23.14 24.47 36.56
C ARG F 113 -22.88 24.50 35.06
N SER F 114 -22.38 25.62 34.55
CA SER F 114 -21.93 25.65 33.18
C SER F 114 -20.76 26.60 33.04
N PHE F 115 -19.97 26.38 32.00
CA PHE F 115 -18.78 27.15 31.77
C PHE F 115 -18.48 27.09 30.29
N LYS F 116 -18.21 28.23 29.70
CA LYS F 116 -17.79 28.29 28.31
C LYS F 116 -16.97 29.55 28.05
N VAL F 117 -16.01 29.47 27.14
CA VAL F 117 -15.34 30.67 26.68
C VAL F 117 -15.59 30.88 25.20
N ALA F 118 -15.96 32.11 24.86
CA ALA F 118 -16.23 32.49 23.47
C ALA F 118 -14.94 32.43 22.68
N ASP F 119 -14.99 32.68 21.39
CA ASP F 119 -13.78 32.53 20.57
C ASP F 119 -12.92 33.80 20.57
N GLU F 120 -11.84 33.78 19.80
CA GLU F 120 -10.88 34.87 19.81
C GLU F 120 -11.49 36.22 19.46
N ALA F 121 -12.39 36.22 18.47
CA ALA F 121 -13.07 37.44 18.04
C ALA F 121 -13.79 38.09 19.21
N GLU F 122 -14.27 37.26 20.13
CA GLU F 122 -14.94 37.76 21.30
C GLU F 122 -14.04 37.77 22.53
N LYS F 123 -12.73 37.71 22.27
CA LYS F 123 -11.71 37.82 23.32
C LYS F 123 -11.86 36.70 24.34
N TYR F 124 -12.16 35.50 23.83
CA TYR F 124 -12.32 34.34 24.65
C TYR F 124 -13.18 34.70 25.84
N ASN F 125 -14.27 35.39 25.57
CA ASN F 125 -15.14 35.87 26.62
C ASN F 125 -15.63 34.76 27.56
N LEU F 126 -15.66 35.04 28.86
CA LEU F 126 -16.11 34.07 29.84
C LEU F 126 -17.62 34.01 30.04
N VAL F 127 -18.23 32.87 29.69
CA VAL F 127 -19.63 32.66 30.03
C VAL F 127 -19.85 31.53 31.07
N LEU F 128 -20.23 31.93 32.27
CA LEU F 128 -20.26 31.05 33.44
C LEU F 128 -21.66 30.92 34.07
N GLY F 129 -22.07 29.69 34.37
CA GLY F 129 -23.38 29.43 34.93
C GLY F 129 -23.40 29.71 36.41
N ALA F 130 -24.23 28.98 37.14
CA ALA F 130 -24.45 29.28 38.57
C ALA F 130 -23.47 28.54 39.48
N PHE F 131 -23.07 29.19 40.56
CA PHE F 131 -22.20 28.57 41.56
C PHE F 131 -22.97 27.48 42.30
N VAL F 132 -22.49 26.25 42.22
CA VAL F 132 -23.20 25.11 42.76
C VAL F 132 -22.82 24.86 44.22
N GLU F 133 -21.61 24.36 44.45
CA GLU F 133 -21.14 24.14 45.80
C GLU F 133 -19.63 24.24 45.81
N GLY F 134 -19.07 24.21 47.01
CA GLY F 134 -17.63 24.02 47.19
C GLY F 134 -17.00 24.73 48.37
N SER F 135 -16.08 24.05 49.04
CA SER F 135 -15.36 24.60 50.16
C SER F 135 -14.51 25.82 49.84
N ALA F 136 -14.27 26.10 48.55
CA ALA F 136 -13.38 27.21 48.19
C ALA F 136 -14.16 28.51 48.15
N GLY F 137 -15.46 28.37 48.00
CA GLY F 137 -16.33 29.53 47.88
C GLY F 137 -16.38 30.01 46.45
N ASP F 138 -17.20 31.02 46.22
CA ASP F 138 -17.31 31.59 44.88
C ASP F 138 -16.39 32.79 44.73
N SER F 139 -15.39 32.65 43.86
CA SER F 139 -14.58 33.79 43.46
C SER F 139 -14.44 33.76 41.95
N LEU F 140 -15.45 33.26 41.25
CA LEU F 140 -15.44 33.31 39.80
C LEU F 140 -16.62 34.08 39.18
N THR F 141 -17.75 34.14 39.86
CA THR F 141 -18.94 34.77 39.29
C THR F 141 -18.69 36.24 38.96
N PHE F 142 -17.97 36.91 39.86
CA PHE F 142 -17.51 38.29 39.64
C PHE F 142 -16.84 38.50 38.26
N HIS F 143 -16.24 37.45 37.69
CA HIS F 143 -15.56 37.57 36.41
C HIS F 143 -16.44 37.20 35.25
N ASN F 144 -17.73 36.96 35.48
CA ASN F 144 -18.61 36.62 34.35
C ASN F 144 -18.73 37.71 33.27
N ASN F 145 -18.75 37.26 32.02
CA ASN F 145 -19.01 38.13 30.87
C ASN F 145 -17.89 39.11 30.69
N GLN F 146 -16.66 38.64 30.84
CA GLN F 146 -15.52 39.50 30.67
C GLN F 146 -14.54 38.81 29.74
N SER F 147 -13.74 39.62 29.01
CA SER F 147 -12.75 39.15 28.05
C SER F 147 -11.45 38.71 28.72
N PHE F 148 -10.75 37.77 28.10
CA PHE F 148 -9.45 37.37 28.62
C PHE F 148 -8.46 38.49 28.31
N SER F 149 -7.67 38.90 29.31
CA SER F 149 -6.58 39.82 29.10
C SER F 149 -5.21 39.20 29.41
N THR F 150 -4.20 39.49 28.60
CA THR F 150 -2.83 39.16 29.00
C THR F 150 -1.98 40.44 29.06
N LYS F 151 -0.70 40.31 29.33
CA LYS F 151 0.13 41.52 29.41
C LYS F 151 0.05 42.44 28.17
N ASP F 152 -0.14 41.86 26.98
CA ASP F 152 -0.10 42.66 25.76
C ASP F 152 -1.46 42.78 25.10
N GLN F 153 -2.50 42.31 25.78
CA GLN F 153 -3.84 42.46 25.24
C GLN F 153 -4.76 42.83 26.38
N ASP F 154 -4.69 44.09 26.74
CA ASP F 154 -5.43 44.60 27.86
C ASP F 154 -6.89 44.79 27.45
N ASN F 155 -7.75 43.97 27.99
CA ASN F 155 -9.18 44.12 27.76
C ASN F 155 -9.95 44.32 29.05
N ASP F 156 -9.27 44.78 30.11
CA ASP F 156 -9.91 44.90 31.41
C ASP F 156 -10.75 46.18 31.57
N LEU F 157 -11.28 46.40 32.77
CA LEU F 157 -12.07 47.61 33.02
C LEU F 157 -11.31 48.51 33.99
N ASN F 158 -9.99 48.48 33.89
CA ASN F 158 -9.15 49.23 34.78
C ASN F 158 -8.34 50.17 33.90
N THR F 159 -8.03 51.35 34.42
CA THR F 159 -7.24 52.30 33.66
C THR F 159 -5.81 51.81 33.45
N GLY F 160 -5.35 50.90 34.31
CA GLY F 160 -4.04 50.27 34.12
C GLY F 160 -4.15 48.94 33.40
N ASN F 161 -3.10 48.13 33.51
CA ASN F 161 -3.04 46.80 32.92
C ASN F 161 -3.05 45.77 34.06
N CYS F 162 -4.17 45.07 34.28
CA CYS F 162 -4.28 44.22 35.47
C CYS F 162 -3.36 43.03 35.37
N ALA F 163 -3.24 42.54 34.15
CA ALA F 163 -2.35 41.44 33.88
C ALA F 163 -0.95 41.76 34.37
N VAL F 164 -0.51 43.00 34.18
CA VAL F 164 0.84 43.36 34.60
C VAL F 164 0.89 43.64 36.10
N MET F 165 -0.14 44.29 36.61
CA MET F 165 -0.26 44.58 38.00
C MET F 165 -0.27 43.33 38.89
N PHE F 166 -0.74 42.21 38.36
CA PHE F 166 -0.87 40.97 39.12
C PHE F 166 -0.18 39.80 38.46
N GLN F 167 0.67 40.11 37.50
CA GLN F 167 1.52 39.13 36.89
C GLN F 167 0.82 37.79 36.59
N GLY F 168 -0.32 37.86 35.92
CA GLY F 168 -0.95 36.67 35.36
C GLY F 168 -1.68 36.96 34.06
N ALA F 169 -2.79 36.25 33.88
CA ALA F 169 -3.60 36.27 32.68
C ALA F 169 -4.96 35.67 33.05
N TRP F 170 -6.03 36.39 32.75
CA TRP F 170 -7.31 36.13 33.34
C TRP F 170 -8.38 37.04 32.71
N TRP F 171 -9.63 36.75 33.07
CA TRP F 171 -10.77 37.58 32.70
C TRP F 171 -10.86 38.74 33.69
N TYR F 172 -9.81 39.55 33.71
CA TYR F 172 -9.75 40.69 34.62
C TYR F 172 -10.81 41.75 34.29
N LYS F 173 -11.45 42.28 35.33
CA LYS F 173 -12.32 43.44 35.21
C LYS F 173 -11.61 44.63 35.82
N ASN F 174 -11.69 44.71 37.12
CA ASN F 174 -11.17 45.86 37.83
C ASN F 174 -10.97 45.61 39.33
N CYS F 175 -10.03 44.73 39.69
CA CYS F 175 -9.35 43.88 38.72
C CYS F 175 -9.81 42.43 38.89
N HIS F 176 -9.65 41.83 40.07
CA HIS F 176 -9.95 40.40 40.17
C HIS F 176 -10.36 39.91 41.55
N THR F 177 -10.97 38.73 41.59
CA THR F 177 -11.21 38.01 42.87
C THR F 177 -10.57 36.61 42.89
N SER F 178 -10.08 36.19 41.74
CA SER F 178 -9.32 34.96 41.59
C SER F 178 -8.22 35.20 40.55
N ASN F 179 -7.09 34.53 40.70
CA ASN F 179 -5.95 34.79 39.87
C ASN F 179 -5.13 33.50 39.69
N LEU F 180 -5.81 32.44 39.24
CA LEU F 180 -5.20 31.13 39.23
C LEU F 180 -4.01 30.99 38.27
N ASN F 181 -3.83 31.95 37.36
CA ASN F 181 -2.66 31.94 36.49
C ASN F 181 -1.58 32.90 36.98
N GLY F 182 -1.68 33.31 38.23
CA GLY F 182 -0.69 34.20 38.83
C GLY F 182 0.62 33.53 39.18
N ARG F 183 1.51 34.24 39.84
CA ARG F 183 2.81 33.71 40.16
C ARG F 183 2.76 32.64 41.25
N TYR F 184 3.60 31.64 41.12
CA TYR F 184 3.65 30.54 42.08
C TYR F 184 4.42 30.99 43.32
N LEU F 185 3.75 31.67 44.25
CA LEU F 185 4.47 32.29 45.35
C LEU F 185 4.65 31.39 46.59
N ARG F 186 4.05 30.20 46.58
CA ARG F 186 4.30 29.22 47.66
C ARG F 186 3.79 29.64 49.04
N GLY F 187 2.49 29.67 49.24
CA GLY F 187 1.99 29.96 50.57
C GLY F 187 1.75 31.44 50.77
N THR F 188 1.88 31.90 52.01
CA THR F 188 1.54 33.29 52.29
C THR F 188 2.60 34.22 51.70
N HIS F 189 2.14 35.33 51.13
CA HIS F 189 3.05 36.29 50.53
C HIS F 189 2.58 37.68 50.91
N GLY F 190 3.55 38.57 51.10
CA GLY F 190 3.25 39.95 51.47
C GLY F 190 2.70 40.75 50.29
N SER F 191 3.23 40.48 49.09
CA SER F 191 2.75 41.15 47.89
C SER F 191 1.24 40.92 47.73
N PHE F 192 0.57 41.87 47.09
CA PHE F 192 -0.88 41.84 47.08
C PHE F 192 -1.49 41.20 45.83
N ALA F 193 -2.16 40.08 46.03
CA ALA F 193 -3.04 39.49 45.02
C ALA F 193 -2.35 39.05 43.73
N ASN F 194 -1.03 38.80 43.76
CA ASN F 194 -0.33 38.42 42.55
C ASN F 194 0.10 36.96 42.53
N GLY F 195 -0.45 36.16 43.44
CA GLY F 195 -0.15 34.73 43.47
C GLY F 195 -1.29 33.91 42.90
N ILE F 196 -1.22 32.61 43.10
CA ILE F 196 -2.30 31.72 42.71
C ILE F 196 -3.38 31.85 43.78
N ASN F 197 -4.22 32.89 43.62
CA ASN F 197 -5.12 33.33 44.68
C ASN F 197 -6.57 33.11 44.35
N TRP F 198 -7.36 32.86 45.40
CA TRP F 198 -8.80 32.69 45.31
C TRP F 198 -9.37 33.40 46.53
N LYS F 199 -10.00 34.54 46.32
CA LYS F 199 -10.37 35.41 47.43
C LYS F 199 -11.18 34.71 48.53
N SER F 200 -12.24 34.02 48.15
CA SER F 200 -13.11 33.40 49.13
C SER F 200 -12.49 32.15 49.73
N GLY F 201 -11.34 31.73 49.20
CA GLY F 201 -10.64 30.55 49.70
C GLY F 201 -9.63 30.95 50.74
N LYS F 202 -8.41 31.22 50.33
CA LYS F 202 -7.41 31.59 51.30
C LYS F 202 -7.04 33.07 51.18
N GLY F 203 -7.79 33.80 50.39
CA GLY F 203 -7.61 35.24 50.33
C GLY F 203 -6.59 35.76 49.33
N TYR F 204 -6.38 37.06 49.37
CA TYR F 204 -5.48 37.75 48.45
C TYR F 204 -3.99 37.62 48.75
N ASN F 205 -3.65 37.00 49.88
CA ASN F 205 -2.25 36.92 50.29
C ASN F 205 -1.77 35.49 50.53
N TYR F 206 -2.46 34.54 49.92
CA TYR F 206 -2.09 33.14 50.01
C TYR F 206 -2.08 32.49 48.63
N SER F 207 -0.95 31.91 48.26
CA SER F 207 -0.80 31.30 46.96
C SER F 207 -0.82 29.78 47.09
N TYR F 208 -1.81 29.13 46.46
CA TYR F 208 -1.99 27.68 46.60
C TYR F 208 -0.83 26.89 46.04
N LYS F 209 -0.73 25.64 46.48
CA LYS F 209 0.32 24.76 46.03
C LYS F 209 -0.12 24.06 44.76
N VAL F 210 -1.38 23.66 44.72
CA VAL F 210 -1.95 23.01 43.56
C VAL F 210 -3.21 23.73 43.14
N SER F 211 -3.37 23.94 41.84
CA SER F 211 -4.61 24.45 41.28
C SER F 211 -4.94 23.67 40.02
N GLU F 212 -6.22 23.33 39.84
CA GLU F 212 -6.67 22.65 38.63
C GLU F 212 -8.03 23.17 38.21
N MET F 213 -8.18 23.48 36.93
CA MET F 213 -9.47 23.85 36.39
C MET F 213 -9.86 22.79 35.37
N LYS F 214 -11.08 22.27 35.49
CA LYS F 214 -11.47 21.11 34.68
C LYS F 214 -12.93 21.12 34.26
N VAL F 215 -13.21 20.56 33.09
CA VAL F 215 -14.57 20.54 32.58
C VAL F 215 -15.10 19.13 32.29
N ARG F 216 -16.42 18.99 32.39
CA ARG F 216 -17.11 17.73 32.14
C ARG F 216 -18.52 18.01 31.57
N PRO F 217 -18.97 17.24 30.56
CA PRO F 217 -20.34 17.42 30.04
C PRO F 217 -21.36 17.44 31.17
N ALA F 218 -22.10 18.54 31.30
CA ALA F 218 -22.99 18.71 32.47
C ALA F 218 -24.38 18.18 32.20
C1 NAG G . -1.11 23.61 -52.43
C2 NAG G . 0.00 24.63 -52.61
C3 NAG G . -0.62 26.01 -52.59
C4 NAG G . -1.56 26.13 -53.76
C5 NAG G . -2.64 25.06 -53.51
C6 NAG G . -3.85 25.09 -54.45
C7 NAG G . 2.12 24.08 -51.55
C8 NAG G . 2.79 23.79 -50.24
N2 NAG G . 0.89 24.57 -51.48
O3 NAG G . 0.33 27.05 -52.54
O4 NAG G . -2.19 27.37 -53.62
O5 NAG G . -2.06 23.77 -53.47
O6 NAG G . -4.71 23.98 -54.20
O7 NAG G . 2.69 23.85 -52.60
C1 NAG G . -1.98 28.27 -54.71
C2 NAG G . -3.02 29.39 -54.60
C3 NAG G . -2.74 30.51 -55.58
C4 NAG G . -1.29 30.93 -55.55
C5 NAG G . -0.37 29.73 -55.63
C6 NAG G . 1.05 30.25 -55.42
C7 NAG G . -5.24 28.91 -53.79
C8 NAG G . -6.58 28.23 -53.96
N2 NAG G . -4.38 28.92 -54.82
O3 NAG G . -3.51 31.62 -55.18
O4 NAG G . -1.06 31.72 -56.68
O5 NAG G . -0.69 28.81 -54.61
O6 NAG G . 1.94 29.16 -55.39
O7 NAG G . -4.97 29.42 -52.70
C1 BMA G . -0.79 33.09 -56.29
C2 BMA G . 0.02 33.77 -57.38
C3 BMA G . 0.29 35.21 -56.95
C4 BMA G . -1.03 35.92 -56.70
C5 BMA G . -1.77 35.13 -55.62
C6 BMA G . -3.08 35.74 -55.15
O2 BMA G . -0.71 33.72 -58.59
O3 BMA G . 1.06 35.92 -57.88
O4 BMA G . -0.76 37.19 -56.17
O5 BMA G . -1.98 33.81 -56.07
O6 BMA G . -3.45 34.98 -54.01
C1 MAN G . -4.74 35.33 -53.48
C2 MAN G . -5.03 34.44 -52.28
C3 MAN G . -5.24 33.00 -52.68
C4 MAN G . -6.34 32.98 -53.75
C5 MAN G . -5.97 33.91 -54.90
C6 MAN G . -7.03 33.96 -55.99
O2 MAN G . -6.25 34.79 -51.65
O3 MAN G . -5.62 32.29 -51.52
O4 MAN G . -6.50 31.68 -54.26
O5 MAN G . -5.78 35.23 -54.44
O6 MAN G . -6.36 34.37 -57.17
C1 FUC G . -5.75 24.27 -53.22
C2 FUC G . -6.85 23.22 -53.24
C3 FUC G . -6.23 21.91 -52.79
C4 FUC G . -5.67 22.06 -51.38
C5 FUC G . -4.69 23.24 -51.29
C6 FUC G . -4.37 23.57 -49.82
O2 FUC G . -7.36 23.03 -54.54
O3 FUC G . -7.22 20.92 -52.82
O4 FUC G . -6.74 22.34 -50.53
O5 FUC G . -5.30 24.37 -51.88
C1 NAG H . -7.45 -21.19 53.49
C2 NAG H . -6.82 -22.59 53.55
C3 NAG H . -7.90 -23.67 53.76
C4 NAG H . -8.78 -23.34 54.96
C5 NAG H . -9.41 -21.99 54.67
C6 NAG H . -10.36 -21.55 55.78
C7 NAG H . -4.82 -22.95 52.12
C8 NAG H . -4.30 -22.68 50.73
N2 NAG H . -6.15 -22.83 52.28
O3 NAG H . -7.37 -24.97 53.89
O4 NAG H . -9.77 -24.34 55.10
O5 NAG H . -8.37 -21.02 54.55
O6 NAG H . -10.87 -20.27 55.47
O7 NAG H . -4.04 -23.27 53.02
C1 NAG H . -9.64 -25.14 56.27
C2 NAG H . -11.03 -25.75 56.51
C3 NAG H . -10.98 -26.76 57.63
C4 NAG H . -9.93 -27.84 57.36
C5 NAG H . -8.60 -27.13 57.20
C6 NAG H . -7.50 -28.17 56.92
C7 NAG H . -12.91 -24.30 55.92
C8 NAG H . -13.84 -23.16 56.31
N2 NAG H . -12.00 -24.72 56.81
O3 NAG H . -12.26 -27.32 57.76
O4 NAG H . -9.84 -28.80 58.40
O5 NAG H . -8.67 -26.18 56.14
O6 NAG H . -6.29 -27.51 56.62
O7 NAG H . -12.99 -24.77 54.79
C1 BMA H . -10.64 -30.00 58.17
C2 BMA H . -10.16 -31.13 59.06
C3 BMA H . -11.07 -32.38 59.04
C4 BMA H . -12.40 -32.26 58.26
C5 BMA H . -12.79 -30.86 57.75
C6 BMA H . -14.31 -30.63 57.92
O2 BMA H . -10.09 -30.71 60.41
O3 BMA H . -11.37 -32.70 60.37
O4 BMA H . -12.37 -33.19 57.18
O5 BMA H . -12.03 -29.84 58.41
O6 BMA H . -14.95 -30.01 56.79
CA CA I . 30.15 -25.95 -42.11
CA CA J . -14.81 16.55 -58.46
CA CA K . -31.88 -37.96 -26.08
CA CA L . 42.37 5.33 34.68
CA CA M . -14.88 -7.82 60.64
O1 P4C N . 13.64 16.26 53.06
C2 P4C N . 12.79 15.77 52.29
C3 P4C N . 12.66 14.25 52.14
O4 P4C N . 12.06 13.89 50.88
C5 P4C N . 12.93 13.12 50.08
C6 P4C N . 13.47 11.93 50.88
O7 P4C N . 14.48 11.27 50.11
C8 P4C N . 14.45 9.85 50.23
C9 P4C N . 14.68 9.19 48.88
O10 P4C N . 13.46 9.20 48.12
C11 P4C N . 13.67 8.90 46.73
C12 P4C N . 12.33 8.56 46.08
O13 P4C N . 11.95 9.55 45.12
C14 P4C N . 10.54 9.79 45.08
C15 P4C N . 10.23 11.01 44.22
O16 P4C N . 10.18 12.21 45.01
C17 P4C N . 9.50 13.51 46.02
C18 P4C N . 9.45 14.37 44.89
O19 P4C N . 8.43 15.35 45.19
C20 P4C N . 8.42 16.55 44.20
C21 P4C N . 8.67 17.84 44.81
O22 P4C N . 8.30 19.15 44.40
CA CA O . -6.89 48.45 31.21
#